data_7Z2L
#
_entry.id   7Z2L
#
_cell.length_a   81.000
_cell.length_b   116.280
_cell.length_c   217.590
_cell.angle_alpha   90.000
_cell.angle_beta   90.000
_cell.angle_gamma   90.000
#
_symmetry.space_group_name_H-M   'P 21 21 2'
#
loop_
_entity.id
_entity.type
_entity.pdbx_description
1 polymer 'Indoleamine 2,3-dioxygenase 1'
2 non-polymer 'PROTOPORPHYRIN IX CONTAINING FE'
3 non-polymer GLYCEROL
4 non-polymer '(2S)-2-amino-4-(2-aminophenyl)-4-oxobutanoic acid'
5 non-polymer 'OXYGEN MOLECULE'
6 water water
#
_entity_poly.entity_id   1
_entity_poly.type   'polypeptide(L)'
_entity_poly.pdbx_seq_one_letter_code
;MGSSHHHHHHSSGSAAYHIDEEVGFALPNPQENLPDFYNDWMFIAKHLPDLIESGQLRERVEKLNMLSIDHLTDHKSQRL
ARLVLGCITMAYVWGKGHGDVRKVLPRNIAVPYCQLSAALELPPILVYADCVLANWKKKDPNKPLTYENMDVLFSFRDGD
CSKGFFLVSLLVEIAAASAIKVIPTVFKAMQMQERDTLLKALLEIASCLEKALQVFHQIHDHVNPKAFFSVLRIYLSGWK
GNPQLSDGLVYEGFWEDPKEFAGGSAGQSSVFQCFDVLLGIQQTAGGGHAAQFLQDMRRYMPPAHRNFLCSLESNPSVRE
FVLSKGDAGLREAYDACVKALVSLRSYHLQIVTKYILIPASQQPKENKTSEDPSKLEAKGTGGTDLMNFLKTVRSTTEKS
LLKEG
;
_entity_poly.pdbx_strand_id   A,B,C,D
#
loop_
_chem_comp.id
_chem_comp.type
_chem_comp.name
_chem_comp.formula
GOL non-polymer GLYCEROL 'C3 H8 O3'
HEM non-polymer 'PROTOPORPHYRIN IX CONTAINING FE' 'C34 H32 Fe N4 O4'
OXY non-polymer 'OXYGEN MOLECULE' O2
#
# COMPACT_ATOMS: atom_id res chain seq x y z
N ALA A 16 -17.18 -33.19 -13.48
CA ALA A 16 -16.02 -34.06 -13.28
C ALA A 16 -14.76 -33.39 -13.82
N TYR A 17 -14.86 -32.09 -14.10
CA TYR A 17 -13.84 -31.26 -14.76
C TYR A 17 -13.67 -31.60 -16.24
N HIS A 18 -14.46 -32.51 -16.79
CA HIS A 18 -14.43 -32.81 -18.22
C HIS A 18 -13.00 -33.12 -18.68
N ILE A 19 -12.36 -34.03 -17.93
CA ILE A 19 -11.01 -34.47 -18.21
C ILE A 19 -11.05 -35.97 -18.42
N ASP A 20 -10.63 -36.42 -19.61
CA ASP A 20 -10.74 -37.81 -19.98
C ASP A 20 -9.49 -38.59 -19.59
N GLU A 21 -9.70 -39.82 -19.11
CA GLU A 21 -8.58 -40.69 -18.78
C GLU A 21 -7.71 -40.97 -20.02
N GLU A 22 -8.32 -41.12 -21.18
CA GLU A 22 -7.55 -41.44 -22.38
C GLU A 22 -7.01 -40.19 -23.09
N VAL A 23 -7.86 -39.19 -23.34
CA VAL A 23 -7.48 -38.05 -24.18
C VAL A 23 -7.35 -36.75 -23.39
N GLY A 24 -7.60 -36.76 -22.08
CA GLY A 24 -7.26 -35.62 -21.24
C GLY A 24 -8.15 -34.40 -21.41
N PHE A 25 -7.53 -33.26 -21.75
CA PHE A 25 -8.28 -32.05 -22.05
C PHE A 25 -8.99 -32.12 -23.41
N ALA A 26 -8.64 -33.10 -24.24
CA ALA A 26 -9.30 -33.25 -25.52
C ALA A 26 -10.74 -33.71 -25.32
N LEU A 27 -11.60 -33.35 -26.26
CA LEU A 27 -12.97 -33.82 -26.23
C LEU A 27 -12.99 -35.27 -26.69
N PRO A 28 -13.34 -36.23 -25.84
CA PRO A 28 -13.34 -37.63 -26.28
C PRO A 28 -14.40 -37.86 -27.35
N ASN A 29 -13.99 -38.53 -28.43
CA ASN A 29 -14.87 -38.96 -29.53
C ASN A 29 -15.85 -37.86 -29.95
N PRO A 30 -15.38 -36.77 -30.56
CA PRO A 30 -16.28 -35.66 -30.89
C PRO A 30 -17.31 -36.02 -31.94
N GLN A 31 -18.42 -35.27 -31.91
CA GLN A 31 -19.46 -35.40 -32.91
C GLN A 31 -19.00 -34.82 -34.24
N GLU A 32 -19.30 -35.53 -35.34
CA GLU A 32 -18.98 -35.04 -36.67
C GLU A 32 -20.17 -34.44 -37.40
N ASN A 33 -21.40 -34.74 -37.01
CA ASN A 33 -22.55 -34.30 -37.77
C ASN A 33 -23.48 -33.52 -36.86
N LEU A 34 -24.06 -32.46 -37.39
CA LEU A 34 -25.14 -31.76 -36.73
C LEU A 34 -26.48 -32.27 -37.27
N PRO A 35 -27.58 -31.93 -36.59
CA PRO A 35 -28.89 -32.20 -37.18
C PRO A 35 -29.05 -31.51 -38.52
N ASP A 36 -29.89 -32.10 -39.39
CA ASP A 36 -30.12 -31.55 -40.72
C ASP A 36 -30.58 -30.09 -40.68
N PHE A 37 -31.21 -29.69 -39.59
CA PHE A 37 -31.54 -28.27 -39.36
C PHE A 37 -30.34 -27.36 -39.67
N TYR A 38 -29.13 -27.80 -39.34
CA TYR A 38 -27.94 -26.94 -39.42
C TYR A 38 -27.12 -27.17 -40.68
N ASN A 39 -27.70 -27.84 -41.68
CA ASN A 39 -26.98 -28.19 -42.89
C ASN A 39 -26.33 -26.98 -43.56
N ASP A 40 -27.00 -25.82 -43.52
CA ASP A 40 -26.44 -24.62 -44.15
C ASP A 40 -25.15 -24.19 -43.49
N TRP A 41 -25.11 -24.19 -42.15
CA TRP A 41 -23.85 -24.02 -41.44
C TRP A 41 -22.83 -25.07 -41.86
N MET A 42 -23.23 -26.35 -41.77
CA MET A 42 -22.34 -27.48 -42.04
C MET A 42 -21.70 -27.37 -43.42
N PHE A 43 -22.47 -27.00 -44.45
CA PHE A 43 -21.90 -26.98 -45.79
C PHE A 43 -20.77 -25.95 -45.91
N ILE A 44 -20.97 -24.76 -45.34
CA ILE A 44 -19.97 -23.70 -45.46
C ILE A 44 -18.68 -24.11 -44.76
N ALA A 45 -18.81 -24.65 -43.54
CA ALA A 45 -17.65 -25.06 -42.77
C ALA A 45 -16.89 -26.20 -43.44
N LYS A 46 -17.62 -27.09 -44.12
CA LYS A 46 -16.98 -28.21 -44.80
C LYS A 46 -16.28 -27.79 -46.09
N HIS A 47 -16.49 -26.56 -46.56
CA HIS A 47 -16.03 -26.17 -47.88
C HIS A 47 -15.31 -24.83 -47.87
N LEU A 48 -14.64 -24.52 -46.76
CA LEU A 48 -13.90 -23.26 -46.68
C LEU A 48 -12.81 -23.14 -47.73
N PRO A 49 -11.99 -24.16 -48.01
CA PRO A 49 -11.01 -24.02 -49.11
C PRO A 49 -11.58 -23.55 -50.44
N ASP A 50 -12.66 -24.18 -50.93
CA ASP A 50 -13.25 -23.76 -52.21
C ASP A 50 -13.97 -22.43 -52.14
N LEU A 51 -14.76 -22.21 -51.08
CA LEU A 51 -15.55 -20.98 -51.00
C LEU A 51 -14.66 -19.76 -50.85
N ILE A 52 -13.60 -19.86 -50.05
CA ILE A 52 -12.63 -18.76 -49.96
C ILE A 52 -11.92 -18.57 -51.29
N GLU A 53 -11.29 -19.64 -51.79
CA GLU A 53 -10.50 -19.53 -53.02
C GLU A 53 -11.33 -18.90 -54.13
N SER A 54 -12.57 -19.37 -54.31
CA SER A 54 -13.45 -18.85 -55.35
C SER A 54 -14.11 -17.54 -54.97
N GLY A 55 -13.81 -16.99 -53.79
CA GLY A 55 -14.37 -15.71 -53.40
C GLY A 55 -15.88 -15.69 -53.25
N GLN A 56 -16.47 -16.82 -52.87
CA GLN A 56 -17.90 -16.89 -52.63
C GLN A 56 -18.26 -16.98 -51.17
N LEU A 57 -17.27 -17.05 -50.27
CA LEU A 57 -17.55 -17.33 -48.87
C LEU A 57 -18.43 -16.25 -48.24
N ARG A 58 -17.98 -15.00 -48.33
CA ARG A 58 -18.68 -13.94 -47.65
C ARG A 58 -20.12 -13.82 -48.13
N GLU A 59 -20.39 -14.09 -49.41
CA GLU A 59 -21.77 -14.06 -49.88
C GLU A 59 -22.58 -15.17 -49.23
N ARG A 60 -21.99 -16.37 -49.08
CA ARG A 60 -22.74 -17.48 -48.49
C ARG A 60 -23.09 -17.18 -47.05
N VAL A 61 -22.16 -16.59 -46.32
CA VAL A 61 -22.44 -16.23 -44.94
C VAL A 61 -23.47 -15.11 -44.92
N GLU A 62 -23.37 -14.16 -45.84
CA GLU A 62 -24.27 -13.02 -45.80
C GLU A 62 -25.68 -13.39 -46.24
N LYS A 63 -25.88 -14.57 -46.83
CA LYS A 63 -27.21 -15.01 -47.24
C LYS A 63 -27.75 -16.16 -46.38
N LEU A 64 -27.06 -16.50 -45.29
CA LEU A 64 -27.60 -17.44 -44.32
C LEU A 64 -28.85 -16.89 -43.66
N ASN A 65 -29.82 -17.77 -43.42
CA ASN A 65 -30.91 -17.47 -42.53
C ASN A 65 -30.49 -17.63 -41.06
N MET A 66 -31.20 -16.93 -40.19
CA MET A 66 -31.16 -17.14 -38.74
C MET A 66 -31.53 -18.56 -38.35
N LEU A 67 -30.58 -19.35 -37.85
CA LEU A 67 -30.89 -20.69 -37.37
C LEU A 67 -30.80 -20.72 -35.85
N SER A 68 -31.91 -21.08 -35.19
CA SER A 68 -31.95 -21.22 -33.75
C SER A 68 -30.99 -22.31 -33.27
N ILE A 69 -30.42 -22.11 -32.09
CA ILE A 69 -29.54 -23.10 -31.49
C ILE A 69 -30.29 -24.07 -30.60
N ASP A 70 -31.61 -23.97 -30.54
CA ASP A 70 -32.41 -24.79 -29.63
C ASP A 70 -32.40 -26.24 -30.03
N HIS A 71 -32.00 -26.54 -31.25
CA HIS A 71 -31.93 -27.93 -31.67
C HIS A 71 -30.59 -28.58 -31.34
N LEU A 72 -29.69 -27.88 -30.65
CA LEU A 72 -28.44 -28.51 -30.21
C LEU A 72 -28.67 -29.03 -28.80
N THR A 73 -28.85 -30.35 -28.68
CA THR A 73 -29.38 -30.96 -27.47
C THR A 73 -28.34 -31.46 -26.48
N ASP A 74 -27.04 -31.44 -26.81
CA ASP A 74 -26.07 -31.98 -25.85
C ASP A 74 -24.70 -31.31 -26.04
N HIS A 75 -23.80 -31.60 -25.09
CA HIS A 75 -22.52 -30.91 -25.07
C HIS A 75 -21.72 -31.15 -26.36
N LYS A 76 -21.63 -32.41 -26.80
CA LYS A 76 -20.87 -32.68 -28.01
C LYS A 76 -21.43 -31.94 -29.22
N SER A 77 -22.75 -31.84 -29.32
CA SER A 77 -23.36 -31.10 -30.42
C SER A 77 -23.08 -29.60 -30.31
N GLN A 78 -23.03 -29.08 -29.09
CA GLN A 78 -22.73 -27.66 -28.94
C GLN A 78 -21.27 -27.38 -29.28
N ARG A 79 -20.37 -28.26 -28.83
CA ARG A 79 -18.97 -28.09 -29.17
C ARG A 79 -18.73 -28.16 -30.67
N LEU A 80 -19.46 -29.03 -31.38
CA LEU A 80 -19.29 -29.07 -32.82
C LEU A 80 -19.83 -27.81 -33.48
N ALA A 81 -21.00 -27.35 -33.05
CA ALA A 81 -21.58 -26.11 -33.58
C ALA A 81 -20.67 -24.92 -33.31
N ARG A 82 -20.01 -24.91 -32.15
CA ARG A 82 -19.11 -23.82 -31.82
C ARG A 82 -17.88 -23.85 -32.73
N LEU A 83 -17.33 -25.03 -32.96
CA LEU A 83 -16.24 -25.17 -33.91
C LEU A 83 -16.67 -24.77 -35.33
N VAL A 84 -17.89 -25.14 -35.71
CA VAL A 84 -18.38 -24.80 -37.04
C VAL A 84 -18.54 -23.29 -37.21
N LEU A 85 -19.19 -22.64 -36.25
CA LEU A 85 -19.38 -21.19 -36.36
C LEU A 85 -18.07 -20.42 -36.16
N GLY A 86 -17.15 -20.96 -35.35
CA GLY A 86 -15.85 -20.32 -35.21
C GLY A 86 -15.06 -20.34 -36.50
N CYS A 87 -15.03 -21.49 -37.18
CA CYS A 87 -14.34 -21.57 -38.46
C CYS A 87 -14.97 -20.67 -39.51
N ILE A 88 -16.31 -20.65 -39.59
CA ILE A 88 -16.97 -19.73 -40.52
C ILE A 88 -16.61 -18.29 -40.19
N THR A 89 -16.60 -17.93 -38.91
CA THR A 89 -16.33 -16.56 -38.51
C THR A 89 -14.91 -16.12 -38.89
N MET A 90 -13.92 -16.97 -38.61
CA MET A 90 -12.53 -16.67 -39.00
C MET A 90 -12.42 -16.47 -40.50
N ALA A 91 -13.06 -17.36 -41.27
CA ALA A 91 -13.05 -17.24 -42.73
C ALA A 91 -13.75 -15.97 -43.19
N TYR A 92 -14.86 -15.61 -42.54
CA TYR A 92 -15.56 -14.39 -42.95
C TYR A 92 -14.71 -13.15 -42.68
N VAL A 93 -14.17 -13.04 -41.46
CA VAL A 93 -13.38 -11.86 -41.10
C VAL A 93 -12.15 -11.75 -41.98
N TRP A 94 -11.39 -12.84 -42.13
CA TRP A 94 -10.11 -12.73 -42.81
C TRP A 94 -10.17 -12.99 -44.31
N GLY A 95 -11.24 -13.58 -44.82
CA GLY A 95 -11.34 -13.79 -46.27
C GLY A 95 -10.19 -14.63 -46.82
N LYS A 96 -9.57 -14.11 -47.88
CA LYS A 96 -8.47 -14.82 -48.54
C LYS A 96 -7.15 -14.69 -47.78
N GLY A 97 -7.08 -13.86 -46.75
CA GLY A 97 -5.91 -13.81 -45.91
C GLY A 97 -4.86 -12.78 -46.28
N HIS A 98 -5.24 -11.70 -46.94
CA HIS A 98 -4.26 -10.78 -47.50
C HIS A 98 -4.64 -9.33 -47.28
N GLY A 99 -5.31 -9.03 -46.17
CA GLY A 99 -5.64 -7.66 -45.84
C GLY A 99 -7.05 -7.21 -46.18
N ASP A 100 -7.84 -8.00 -46.92
CA ASP A 100 -9.20 -7.62 -47.26
C ASP A 100 -10.14 -8.12 -46.16
N VAL A 101 -10.46 -7.25 -45.22
CA VAL A 101 -11.04 -7.64 -43.94
C VAL A 101 -12.49 -7.20 -43.89
N ARG A 102 -13.29 -7.94 -43.12
CA ARG A 102 -14.63 -7.54 -42.72
C ARG A 102 -14.62 -7.26 -41.24
N LYS A 103 -15.26 -6.15 -40.84
CA LYS A 103 -15.30 -5.75 -39.44
C LYS A 103 -16.65 -5.98 -38.79
N VAL A 104 -17.68 -6.37 -39.54
CA VAL A 104 -18.99 -6.65 -38.97
C VAL A 104 -19.31 -8.10 -39.28
N LEU A 105 -19.48 -8.91 -38.23
CA LEU A 105 -19.96 -10.29 -38.40
C LEU A 105 -21.48 -10.30 -38.55
N PRO A 106 -22.01 -10.72 -39.70
CA PRO A 106 -23.46 -10.59 -39.95
C PRO A 106 -24.32 -11.15 -38.82
N ARG A 107 -25.43 -10.45 -38.57
CA ARG A 107 -26.41 -10.80 -37.55
C ARG A 107 -26.66 -12.31 -37.47
N ASN A 108 -26.84 -12.96 -38.61
CA ASN A 108 -27.37 -14.32 -38.58
C ASN A 108 -26.32 -15.37 -38.26
N ILE A 109 -25.04 -15.00 -38.27
CA ILE A 109 -24.02 -15.81 -37.62
C ILE A 109 -23.80 -15.33 -36.19
N ALA A 110 -23.74 -14.01 -36.00
CA ALA A 110 -23.18 -13.48 -34.76
C ALA A 110 -24.06 -13.78 -33.56
N VAL A 111 -25.37 -13.68 -33.73
CA VAL A 111 -26.32 -13.91 -32.64
C VAL A 111 -26.31 -15.38 -32.20
N PRO A 112 -26.52 -16.36 -33.08
CA PRO A 112 -26.40 -17.74 -32.57
C PRO A 112 -24.99 -18.08 -32.07
N TYR A 113 -23.95 -17.60 -32.73
CA TYR A 113 -22.59 -17.85 -32.25
C TYR A 113 -22.37 -17.29 -30.85
N CYS A 114 -22.83 -16.07 -30.59
CA CYS A 114 -22.67 -15.48 -29.26
C CYS A 114 -23.58 -16.13 -28.22
N GLN A 115 -24.77 -16.56 -28.60
CA GLN A 115 -25.64 -17.27 -27.66
C GLN A 115 -25.03 -18.61 -27.27
N LEU A 116 -24.58 -19.38 -28.26
CA LEU A 116 -23.95 -20.65 -27.97
C LEU A 116 -22.69 -20.46 -27.12
N SER A 117 -21.89 -19.43 -27.43
CA SER A 117 -20.68 -19.18 -26.65
C SER A 117 -21.01 -18.92 -25.18
N ALA A 118 -22.03 -18.11 -24.91
CA ALA A 118 -22.43 -17.83 -23.53
C ALA A 118 -22.85 -19.10 -22.81
N ALA A 119 -23.65 -19.94 -23.47
CA ALA A 119 -24.03 -21.22 -22.90
C ALA A 119 -22.80 -22.05 -22.53
N LEU A 120 -21.77 -22.01 -23.36
CA LEU A 120 -20.56 -22.79 -23.14
C LEU A 120 -19.49 -22.00 -22.40
N GLU A 121 -19.76 -20.74 -22.09
CA GLU A 121 -18.87 -19.91 -21.28
C GLU A 121 -17.50 -19.76 -21.94
N LEU A 122 -17.48 -19.56 -23.25
CA LEU A 122 -16.27 -19.32 -24.02
C LEU A 122 -16.45 -18.06 -24.84
N PRO A 123 -15.36 -17.40 -25.20
CA PRO A 123 -15.48 -16.19 -26.02
C PRO A 123 -15.95 -16.51 -27.41
N PRO A 124 -16.70 -15.61 -28.04
CA PRO A 124 -17.14 -15.85 -29.42
C PRO A 124 -16.02 -15.69 -30.43
N ILE A 125 -14.99 -16.52 -30.34
CA ILE A 125 -13.93 -16.58 -31.34
C ILE A 125 -13.36 -17.99 -31.30
N LEU A 126 -12.67 -18.38 -32.39
CA LEU A 126 -12.06 -19.70 -32.46
C LEU A 126 -10.95 -19.83 -31.44
N VAL A 127 -10.97 -20.93 -30.66
CA VAL A 127 -10.01 -21.18 -29.60
C VAL A 127 -9.48 -22.60 -29.74
N TYR A 128 -8.38 -22.87 -29.03
CA TYR A 128 -7.77 -24.19 -28.98
C TYR A 128 -8.78 -25.31 -28.80
N ALA A 129 -9.72 -25.11 -27.86
CA ALA A 129 -10.71 -26.13 -27.54
C ALA A 129 -11.65 -26.45 -28.70
N ASP A 130 -11.78 -25.55 -29.69
CA ASP A 130 -12.56 -25.83 -30.89
C ASP A 130 -11.68 -26.52 -31.93
N CYS A 131 -10.67 -25.79 -32.44
CA CYS A 131 -9.95 -26.22 -33.62
C CYS A 131 -8.96 -27.34 -33.36
N VAL A 132 -8.69 -27.70 -32.10
CA VAL A 132 -7.83 -28.82 -31.79
C VAL A 132 -8.57 -29.85 -30.93
N LEU A 133 -9.12 -29.43 -29.78
CA LEU A 133 -9.65 -30.42 -28.83
C LEU A 133 -10.94 -31.06 -29.30
N ALA A 134 -11.69 -30.40 -30.19
CA ALA A 134 -12.96 -30.91 -30.71
C ALA A 134 -12.90 -31.27 -32.19
N ASN A 135 -11.79 -30.99 -32.86
CA ASN A 135 -11.73 -30.98 -34.32
C ASN A 135 -11.04 -32.23 -34.88
N TRP A 136 -11.58 -33.42 -34.59
CA TRP A 136 -10.82 -34.62 -34.94
C TRP A 136 -11.71 -35.85 -34.95
N LYS A 137 -11.22 -36.89 -35.63
CA LYS A 137 -11.90 -38.18 -35.65
C LYS A 137 -10.87 -39.27 -35.88
N LYS A 138 -11.25 -40.48 -35.50
CA LYS A 138 -10.55 -41.68 -35.91
C LYS A 138 -10.99 -42.09 -37.30
N LYS A 139 -10.00 -42.37 -38.17
CA LYS A 139 -10.29 -42.96 -39.48
C LYS A 139 -10.98 -44.32 -39.32
N ASP A 140 -10.41 -45.19 -38.49
CA ASP A 140 -11.01 -46.46 -38.12
C ASP A 140 -11.17 -46.49 -36.60
N PRO A 141 -12.37 -46.72 -36.08
CA PRO A 141 -12.56 -46.70 -34.62
C PRO A 141 -11.88 -47.86 -33.90
N ASN A 142 -11.31 -48.81 -34.61
CA ASN A 142 -10.66 -49.95 -33.97
C ASN A 142 -9.14 -49.88 -33.97
N LYS A 143 -8.56 -48.97 -34.73
CA LYS A 143 -7.13 -48.71 -34.66
C LYS A 143 -6.88 -47.65 -33.59
N PRO A 144 -5.64 -47.46 -33.17
CA PRO A 144 -5.36 -46.57 -32.03
C PRO A 144 -5.39 -45.08 -32.38
N LEU A 145 -5.15 -44.25 -31.36
CA LEU A 145 -5.03 -42.80 -31.51
C LEU A 145 -3.62 -42.48 -31.97
N THR A 146 -3.37 -42.73 -33.26
CA THR A 146 -2.12 -42.33 -33.91
C THR A 146 -2.45 -41.45 -35.09
N TYR A 147 -1.46 -40.70 -35.54
CA TYR A 147 -1.66 -39.78 -36.67
C TYR A 147 -2.21 -40.49 -37.91
N GLU A 148 -1.67 -41.66 -38.25
CA GLU A 148 -2.13 -42.35 -39.46
C GLU A 148 -3.60 -42.75 -39.38
N ASN A 149 -4.15 -42.95 -38.17
CA ASN A 149 -5.54 -43.32 -38.00
C ASN A 149 -6.45 -42.13 -37.71
N MET A 150 -5.99 -40.90 -37.88
CA MET A 150 -6.80 -39.77 -37.47
C MET A 150 -6.91 -38.72 -38.57
N ASP A 151 -7.90 -37.86 -38.40
CA ASP A 151 -8.17 -36.75 -39.29
C ASP A 151 -8.79 -35.60 -38.51
N VAL A 152 -8.70 -34.38 -39.08
CA VAL A 152 -9.43 -33.23 -38.57
C VAL A 152 -10.76 -33.13 -39.31
N LEU A 153 -11.69 -32.37 -38.73
CA LEU A 153 -13.01 -32.20 -39.34
C LEU A 153 -13.07 -31.03 -40.29
N PHE A 154 -12.31 -29.96 -40.01
CA PHE A 154 -12.37 -28.73 -40.78
C PHE A 154 -10.98 -28.14 -40.98
N SER A 155 -10.75 -27.60 -42.18
CA SER A 155 -9.56 -26.87 -42.58
C SER A 155 -9.99 -25.54 -43.21
N PHE A 156 -9.02 -24.66 -43.46
CA PHE A 156 -9.34 -23.35 -44.00
C PHE A 156 -9.01 -23.22 -45.49
N ARG A 157 -7.80 -23.59 -45.88
CA ARG A 157 -7.36 -23.46 -47.25
C ARG A 157 -6.50 -24.66 -47.57
N ASP A 158 -6.54 -25.07 -48.84
CA ASP A 158 -5.72 -26.18 -49.27
C ASP A 158 -4.26 -25.79 -49.12
N GLY A 159 -3.47 -26.64 -48.47
CA GLY A 159 -2.09 -26.30 -48.19
C GLY A 159 -1.83 -25.60 -46.87
N ASP A 160 -2.86 -25.38 -46.05
CA ASP A 160 -2.66 -24.63 -44.81
C ASP A 160 -2.02 -25.47 -43.69
N CYS A 161 -1.88 -26.78 -43.87
CA CYS A 161 -1.27 -27.66 -42.87
C CYS A 161 -2.08 -27.73 -41.58
N SER A 162 -3.39 -27.53 -41.68
CA SER A 162 -4.23 -27.58 -40.47
C SER A 162 -4.33 -28.99 -39.92
N LYS A 163 -4.36 -30.00 -40.79
CA LYS A 163 -4.32 -31.37 -40.30
C LYS A 163 -3.10 -31.60 -39.43
N GLY A 164 -1.92 -31.23 -39.93
CA GLY A 164 -0.69 -31.50 -39.17
C GLY A 164 -0.60 -30.68 -37.90
N PHE A 165 -0.97 -29.39 -37.96
CA PHE A 165 -0.88 -28.56 -36.77
C PHE A 165 -1.88 -28.99 -35.69
N PHE A 166 -3.15 -29.20 -36.07
CA PHE A 166 -4.15 -29.55 -35.07
C PHE A 166 -3.90 -30.96 -34.53
N LEU A 167 -3.61 -31.92 -35.41
CA LEU A 167 -3.50 -33.31 -34.94
C LEU A 167 -2.26 -33.52 -34.08
N VAL A 168 -1.14 -32.87 -34.42
CA VAL A 168 0.06 -33.07 -33.60
C VAL A 168 -0.14 -32.42 -32.24
N SER A 169 -0.83 -31.27 -32.21
CA SER A 169 -1.23 -30.64 -30.94
C SER A 169 -2.13 -31.56 -30.15
N LEU A 170 -3.10 -32.16 -30.82
CA LEU A 170 -3.98 -33.11 -30.16
C LEU A 170 -3.19 -34.27 -29.58
N LEU A 171 -2.21 -34.80 -30.35
CA LEU A 171 -1.48 -35.98 -29.89
C LEU A 171 -0.59 -35.66 -28.70
N VAL A 172 -0.02 -34.45 -28.65
CA VAL A 172 0.69 -34.02 -27.46
C VAL A 172 -0.27 -33.94 -26.29
N GLU A 173 -1.44 -33.37 -26.52
CA GLU A 173 -2.52 -33.35 -25.54
C GLU A 173 -2.87 -34.77 -25.05
N ILE A 174 -2.96 -35.73 -25.96
CA ILE A 174 -3.31 -37.09 -25.56
C ILE A 174 -2.17 -37.74 -24.79
N ALA A 175 -0.92 -37.49 -25.19
CA ALA A 175 0.21 -37.98 -24.41
C ALA A 175 0.18 -37.43 -23.00
N ALA A 176 -0.13 -36.14 -22.85
CA ALA A 176 -0.19 -35.53 -21.54
C ALA A 176 -1.26 -36.17 -20.66
N ALA A 177 -2.34 -36.68 -21.27
CA ALA A 177 -3.38 -37.36 -20.49
C ALA A 177 -2.80 -38.39 -19.54
N SER A 178 -1.77 -39.12 -19.98
CA SER A 178 -1.18 -40.17 -19.13
C SER A 178 -0.60 -39.58 -17.83
N ALA A 179 0.02 -38.39 -17.92
CA ALA A 179 0.48 -37.71 -16.71
C ALA A 179 -0.65 -37.05 -15.93
N ILE A 180 -1.70 -36.54 -16.62
CA ILE A 180 -2.78 -35.84 -15.93
C ILE A 180 -3.57 -36.79 -15.04
N LYS A 181 -3.83 -38.01 -15.52
CA LYS A 181 -4.61 -38.96 -14.71
C LYS A 181 -3.91 -39.39 -13.43
N VAL A 182 -2.60 -39.14 -13.30
CA VAL A 182 -1.86 -39.49 -12.09
C VAL A 182 -2.00 -38.42 -11.00
N ILE A 183 -2.42 -37.21 -11.36
CA ILE A 183 -2.55 -36.10 -10.42
C ILE A 183 -3.37 -36.45 -9.17
N PRO A 184 -4.51 -37.12 -9.27
CA PRO A 184 -5.20 -37.46 -8.00
C PRO A 184 -4.38 -38.37 -7.11
N THR A 185 -3.59 -39.30 -7.69
CA THR A 185 -2.72 -40.14 -6.87
C THR A 185 -1.75 -39.31 -6.04
N VAL A 186 -1.21 -38.24 -6.64
CA VAL A 186 -0.34 -37.32 -5.92
C VAL A 186 -1.02 -36.79 -4.67
N PHE A 187 -2.17 -36.14 -4.82
CA PHE A 187 -2.76 -35.45 -3.68
C PHE A 187 -3.23 -36.44 -2.62
N LYS A 188 -3.76 -37.58 -3.06
CA LYS A 188 -4.10 -38.64 -2.11
C LYS A 188 -2.86 -39.09 -1.32
N ALA A 189 -1.72 -39.22 -1.99
CA ALA A 189 -0.55 -39.75 -1.30
C ALA A 189 0.01 -38.74 -0.29
N MET A 190 0.07 -37.46 -0.68
CA MET A 190 0.35 -36.42 0.30
C MET A 190 -0.60 -36.55 1.48
N GLN A 191 -1.87 -36.73 1.20
CA GLN A 191 -2.88 -36.67 2.25
C GLN A 191 -2.87 -37.94 3.09
N MET A 192 -2.70 -39.10 2.46
CA MET A 192 -2.54 -40.39 3.11
C MET A 192 -1.22 -40.52 3.88
N GLN A 193 -0.27 -39.61 3.67
CA GLN A 193 1.13 -39.78 4.11
C GLN A 193 1.73 -41.08 3.57
N GLU A 194 1.85 -41.11 2.23
CA GLU A 194 2.34 -42.27 1.49
C GLU A 194 3.52 -41.83 0.64
N ARG A 195 4.73 -41.93 1.20
CA ARG A 195 5.93 -41.38 0.57
C ARG A 195 6.28 -42.11 -0.73
N ASP A 196 6.31 -43.44 -0.68
CA ASP A 196 6.64 -44.20 -1.89
C ASP A 196 5.59 -44.01 -2.98
N THR A 197 4.31 -44.01 -2.61
CA THR A 197 3.25 -43.79 -3.59
C THR A 197 3.40 -42.42 -4.25
N LEU A 198 3.75 -41.42 -3.45
CA LEU A 198 3.99 -40.08 -4.00
C LEU A 198 5.22 -40.07 -4.91
N LEU A 199 6.30 -40.74 -4.51
CA LEU A 199 7.51 -40.77 -5.34
C LEU A 199 7.27 -41.48 -6.66
N LYS A 200 6.62 -42.65 -6.61
CA LYS A 200 6.20 -43.36 -7.82
C LYS A 200 5.42 -42.43 -8.73
N ALA A 201 4.43 -41.72 -8.18
CA ALA A 201 3.53 -40.91 -8.99
C ALA A 201 4.29 -39.79 -9.69
N LEU A 202 5.21 -39.14 -8.99
CA LEU A 202 5.95 -38.04 -9.61
C LEU A 202 6.88 -38.54 -10.71
N LEU A 203 7.51 -39.70 -10.51
CA LEU A 203 8.33 -40.27 -11.56
C LEU A 203 7.46 -40.64 -12.77
N GLU A 204 6.29 -41.22 -12.50
CA GLU A 204 5.36 -41.55 -13.58
C GLU A 204 4.94 -40.30 -14.36
N ILE A 205 4.65 -39.20 -13.66
CA ILE A 205 4.27 -37.98 -14.37
C ILE A 205 5.41 -37.49 -15.25
N ALA A 206 6.64 -37.47 -14.70
CA ALA A 206 7.80 -37.03 -15.49
C ALA A 206 8.00 -37.91 -16.71
N SER A 207 7.89 -39.22 -16.53
CA SER A 207 8.07 -40.16 -17.64
C SER A 207 7.09 -39.85 -18.77
N CYS A 208 5.81 -39.66 -18.42
CA CYS A 208 4.80 -39.33 -19.43
C CYS A 208 5.05 -37.98 -20.08
N LEU A 209 5.50 -36.99 -19.30
CA LEU A 209 5.81 -35.69 -19.91
C LEU A 209 6.97 -35.81 -20.89
N GLU A 210 7.93 -36.68 -20.58
CA GLU A 210 9.02 -36.95 -21.51
C GLU A 210 8.49 -37.55 -22.80
N LYS A 211 7.60 -38.55 -22.66
CA LYS A 211 6.93 -39.14 -23.81
C LYS A 211 6.18 -38.09 -24.63
N ALA A 212 5.52 -37.14 -23.95
CA ALA A 212 4.86 -36.05 -24.67
C ALA A 212 5.86 -35.24 -25.49
N LEU A 213 7.07 -35.02 -24.96
CA LEU A 213 8.08 -34.26 -25.70
C LEU A 213 8.50 -35.00 -26.96
N GLN A 214 8.58 -36.33 -26.90
CA GLN A 214 8.86 -37.11 -28.09
C GLN A 214 7.78 -36.89 -29.16
N VAL A 215 6.50 -36.88 -28.74
CA VAL A 215 5.39 -36.73 -29.68
C VAL A 215 5.47 -35.38 -30.38
N PHE A 216 5.84 -34.34 -29.64
CA PHE A 216 6.01 -33.01 -30.19
C PHE A 216 6.87 -32.98 -31.46
N HIS A 217 7.81 -33.93 -31.61
CA HIS A 217 8.71 -33.89 -32.76
C HIS A 217 7.98 -34.08 -34.09
N GLN A 218 6.88 -34.83 -34.09
CA GLN A 218 6.11 -35.03 -35.32
C GLN A 218 5.68 -33.73 -35.98
N ILE A 219 5.74 -32.62 -35.25
CA ILE A 219 5.36 -31.32 -35.81
C ILE A 219 6.08 -31.08 -37.15
N HIS A 220 7.38 -31.41 -37.22
CA HIS A 220 8.20 -31.15 -38.40
C HIS A 220 7.77 -31.97 -39.59
N ASP A 221 7.32 -33.20 -39.33
CA ASP A 221 6.89 -34.09 -40.41
C ASP A 221 5.60 -33.61 -41.08
N HIS A 222 4.84 -32.71 -40.46
CA HIS A 222 3.51 -32.44 -40.95
C HIS A 222 3.15 -30.96 -41.05
N VAL A 223 4.06 -30.05 -40.69
CA VAL A 223 3.80 -28.63 -40.77
C VAL A 223 5.00 -27.94 -41.41
N ASN A 224 4.75 -27.21 -42.41
CA ASN A 224 5.69 -26.47 -43.24
C ASN A 224 5.69 -25.01 -42.80
N PRO A 225 6.85 -24.42 -42.48
CA PRO A 225 6.84 -23.07 -41.90
C PRO A 225 6.20 -22.02 -42.79
N LYS A 226 6.34 -22.13 -44.12
CA LYS A 226 5.68 -21.15 -44.99
C LYS A 226 4.16 -21.24 -44.86
N ALA A 227 3.63 -22.46 -44.82
CA ALA A 227 2.18 -22.63 -44.74
C ALA A 227 1.65 -22.16 -43.40
N PHE A 228 2.37 -22.47 -42.31
CA PHE A 228 1.88 -22.03 -41.01
C PHE A 228 1.92 -20.52 -40.88
N PHE A 229 3.09 -19.93 -41.13
CA PHE A 229 3.25 -18.50 -40.87
C PHE A 229 2.39 -17.67 -41.80
N SER A 230 2.23 -18.10 -43.04
CA SER A 230 1.59 -17.28 -44.06
C SER A 230 0.14 -17.63 -44.31
N VAL A 231 -0.31 -18.82 -43.95
CA VAL A 231 -1.70 -19.16 -44.17
C VAL A 231 -2.38 -19.42 -42.84
N LEU A 232 -2.09 -20.56 -42.20
CA LEU A 232 -2.88 -20.96 -41.05
C LEU A 232 -2.88 -19.88 -39.97
N ARG A 233 -1.72 -19.27 -39.71
CA ARG A 233 -1.63 -18.22 -38.69
C ARG A 233 -2.66 -17.11 -38.93
N ILE A 234 -2.92 -16.78 -40.19
CA ILE A 234 -3.88 -15.73 -40.51
C ILE A 234 -5.25 -16.06 -39.97
N TYR A 235 -5.75 -17.28 -40.26
CA TYR A 235 -7.08 -17.71 -39.83
C TYR A 235 -7.16 -17.99 -38.33
N LEU A 236 -6.04 -18.10 -37.63
CA LEU A 236 -6.07 -18.20 -36.18
C LEU A 236 -5.92 -16.83 -35.52
N SER A 237 -5.71 -15.78 -36.31
CA SER A 237 -5.52 -14.46 -35.76
C SER A 237 -6.83 -13.88 -35.24
N GLY A 238 -6.73 -13.19 -34.10
CA GLY A 238 -7.86 -12.55 -33.48
C GLY A 238 -7.92 -11.06 -33.76
N TRP A 239 -8.74 -10.37 -32.96
CA TRP A 239 -8.93 -8.93 -33.03
C TRP A 239 -8.74 -8.28 -31.65
N LYS A 240 -7.72 -8.70 -30.91
CA LYS A 240 -7.30 -8.04 -29.68
C LYS A 240 -5.96 -7.39 -29.97
N GLY A 241 -5.92 -6.05 -29.94
CA GLY A 241 -4.69 -5.38 -30.28
C GLY A 241 -4.25 -5.58 -31.72
N ASN A 242 -5.20 -5.81 -32.64
CA ASN A 242 -4.88 -6.03 -34.05
C ASN A 242 -5.12 -4.74 -34.82
N PRO A 243 -4.10 -4.18 -35.46
CA PRO A 243 -4.30 -2.93 -36.21
C PRO A 243 -5.32 -3.05 -37.31
N GLN A 244 -5.50 -4.26 -37.86
CA GLN A 244 -6.47 -4.45 -38.93
C GLN A 244 -7.90 -4.34 -38.42
N LEU A 245 -8.11 -4.52 -37.12
CA LEU A 245 -9.41 -4.45 -36.50
C LEU A 245 -9.21 -3.72 -35.17
N SER A 246 -8.95 -2.41 -35.25
CA SER A 246 -8.39 -1.71 -34.09
C SER A 246 -9.36 -1.66 -32.91
N ASP A 247 -10.66 -1.64 -33.18
CA ASP A 247 -11.64 -1.58 -32.10
C ASP A 247 -12.30 -2.92 -31.83
N GLY A 248 -11.80 -3.99 -32.43
CA GLY A 248 -12.41 -5.31 -32.28
C GLY A 248 -13.44 -5.58 -33.36
N LEU A 249 -14.27 -6.58 -33.10
CA LEU A 249 -15.24 -7.05 -34.08
C LEU A 249 -16.65 -6.73 -33.62
N VAL A 250 -17.47 -6.25 -34.55
CA VAL A 250 -18.87 -6.02 -34.27
C VAL A 250 -19.62 -7.33 -34.48
N TYR A 251 -20.23 -7.85 -33.40
CA TYR A 251 -21.12 -8.99 -33.44
C TYR A 251 -22.54 -8.48 -33.64
N GLU A 252 -22.90 -8.29 -34.91
CA GLU A 252 -24.15 -7.61 -35.26
C GLU A 252 -25.36 -8.24 -34.60
N GLY A 253 -26.18 -7.39 -33.98
CA GLY A 253 -27.39 -7.84 -33.34
C GLY A 253 -27.22 -8.42 -31.95
N PHE A 254 -26.02 -8.37 -31.37
CA PHE A 254 -25.84 -8.99 -30.07
C PHE A 254 -25.23 -7.99 -29.10
N TRP A 255 -24.10 -7.40 -29.44
CA TRP A 255 -23.60 -6.23 -28.76
C TRP A 255 -23.53 -5.08 -29.76
N GLU A 256 -23.73 -3.85 -29.27
CA GLU A 256 -23.80 -2.71 -30.18
C GLU A 256 -22.40 -2.23 -30.58
N ASP A 257 -21.50 -2.15 -29.63
CA ASP A 257 -20.14 -1.75 -29.94
C ASP A 257 -19.23 -2.96 -30.15
N PRO A 258 -18.13 -2.80 -30.86
CA PRO A 258 -17.26 -3.95 -31.12
C PRO A 258 -16.60 -4.42 -29.85
N LYS A 259 -16.15 -5.68 -29.86
CA LYS A 259 -15.43 -6.27 -28.76
C LYS A 259 -14.15 -6.94 -29.26
N GLU A 260 -13.12 -6.89 -28.44
CA GLU A 260 -11.84 -7.49 -28.75
C GLU A 260 -11.72 -8.84 -28.07
N PHE A 261 -11.19 -9.83 -28.79
CA PHE A 261 -10.84 -11.13 -28.26
C PHE A 261 -9.58 -11.59 -28.98
N ALA A 262 -8.69 -12.23 -28.26
CA ALA A 262 -7.45 -12.69 -28.85
C ALA A 262 -7.70 -13.93 -29.68
N GLY A 263 -6.97 -14.03 -30.76
CA GLY A 263 -6.89 -15.30 -31.46
C GLY A 263 -5.58 -15.95 -31.08
N GLY A 264 -5.63 -16.83 -30.09
CA GLY A 264 -4.39 -17.36 -29.53
C GLY A 264 -4.26 -18.86 -29.42
N SER A 265 -4.77 -19.59 -30.42
CA SER A 265 -5.02 -21.02 -30.27
C SER A 265 -3.89 -21.85 -29.67
N ALA A 266 -2.65 -21.68 -30.12
CA ALA A 266 -1.60 -22.54 -29.59
C ALA A 266 -1.39 -22.32 -28.08
N GLY A 267 -1.36 -21.05 -27.66
CA GLY A 267 -1.11 -20.72 -26.27
C GLY A 267 -2.24 -21.01 -25.31
N GLN A 268 -3.37 -21.53 -25.81
CA GLN A 268 -4.54 -21.78 -24.96
C GLN A 268 -4.63 -23.21 -24.45
N SER A 269 -3.63 -24.05 -24.72
CA SER A 269 -3.59 -25.35 -24.05
C SER A 269 -3.51 -25.15 -22.53
N SER A 270 -4.15 -26.05 -21.80
CA SER A 270 -4.09 -26.06 -20.34
C SER A 270 -2.95 -26.92 -19.81
N VAL A 271 -2.22 -27.61 -20.70
CA VAL A 271 -1.28 -28.65 -20.27
C VAL A 271 -0.12 -28.05 -19.46
N PHE A 272 0.56 -27.03 -19.99
CA PHE A 272 1.69 -26.47 -19.26
C PHE A 272 1.23 -25.87 -17.93
N GLN A 273 0.15 -25.08 -17.95
CA GLN A 273 -0.36 -24.51 -16.71
C GLN A 273 -0.82 -25.59 -15.73
N CYS A 274 -1.38 -26.69 -16.26
CA CYS A 274 -1.74 -27.81 -15.40
C CYS A 274 -0.57 -28.25 -14.53
N PHE A 275 0.61 -28.44 -15.14
CA PHE A 275 1.76 -28.91 -14.40
C PHE A 275 2.54 -27.78 -13.72
N ASP A 276 2.50 -26.58 -14.27
CA ASP A 276 2.93 -25.39 -13.52
C ASP A 276 2.25 -25.31 -12.16
N VAL A 277 0.93 -25.39 -12.15
CA VAL A 277 0.21 -25.24 -10.89
C VAL A 277 0.45 -26.45 -10.00
N LEU A 278 0.42 -27.64 -10.57
CA LEU A 278 0.64 -28.85 -9.77
C LEU A 278 1.94 -28.77 -8.99
N LEU A 279 3.00 -28.27 -9.62
CA LEU A 279 4.31 -28.22 -9.02
C LEU A 279 4.60 -26.88 -8.36
N GLY A 280 3.57 -26.14 -7.98
CA GLY A 280 3.74 -24.86 -7.32
C GLY A 280 4.66 -23.86 -8.02
N ILE A 281 4.81 -23.96 -9.34
CA ILE A 281 5.58 -22.97 -10.09
C ILE A 281 4.76 -21.69 -10.23
N GLN A 282 5.35 -20.56 -9.84
CA GLN A 282 4.62 -19.32 -9.64
C GLN A 282 4.63 -18.49 -10.92
N GLN A 283 3.63 -18.72 -11.76
CA GLN A 283 3.37 -17.87 -12.91
C GLN A 283 1.96 -17.30 -12.95
N THR A 284 0.99 -17.91 -12.24
CA THR A 284 -0.34 -17.32 -12.11
C THR A 284 -0.23 -15.87 -11.64
N ALA A 285 0.28 -15.67 -10.42
CA ALA A 285 0.75 -14.37 -9.96
C ALA A 285 2.27 -14.33 -10.07
N GLY A 286 2.79 -13.19 -10.50
CA GLY A 286 4.23 -13.05 -10.68
C GLY A 286 4.58 -11.93 -11.65
N GLY A 287 5.22 -12.29 -12.77
CA GLY A 287 5.67 -11.34 -13.77
C GLY A 287 4.66 -10.27 -14.13
N GLY A 288 5.13 -9.09 -14.47
CA GLY A 288 4.23 -8.03 -14.90
C GLY A 288 3.40 -8.43 -16.09
N HIS A 289 4.06 -8.72 -17.22
CA HIS A 289 3.35 -9.01 -18.46
C HIS A 289 3.28 -10.50 -18.79
N ALA A 290 4.10 -11.34 -18.14
CA ALA A 290 4.05 -12.78 -18.39
C ALA A 290 2.88 -13.41 -17.65
N ALA A 291 2.70 -13.05 -16.38
CA ALA A 291 1.59 -13.62 -15.61
C ALA A 291 0.25 -13.09 -16.10
N GLN A 292 0.20 -11.83 -16.53
CA GLN A 292 -1.05 -11.30 -17.08
C GLN A 292 -1.44 -12.04 -18.34
N PHE A 293 -0.47 -12.37 -19.20
CA PHE A 293 -0.78 -13.12 -20.41
C PHE A 293 -1.27 -14.52 -20.08
N LEU A 294 -0.61 -15.19 -19.12
CA LEU A 294 -0.98 -16.56 -18.79
C LEU A 294 -2.36 -16.60 -18.15
N GLN A 295 -2.70 -15.59 -17.36
CA GLN A 295 -4.01 -15.58 -16.73
C GLN A 295 -5.09 -15.24 -17.76
N ASP A 296 -4.79 -14.36 -18.71
CA ASP A 296 -5.80 -14.01 -19.70
C ASP A 296 -6.15 -15.21 -20.56
N MET A 297 -5.15 -16.01 -20.95
N MET A 297 -5.14 -16.00 -20.96
CA MET A 297 -5.41 -17.15 -21.81
CA MET A 297 -5.38 -17.18 -21.78
C MET A 297 -6.32 -18.18 -21.14
C MET A 297 -6.42 -18.09 -21.15
N ARG A 298 -6.51 -18.09 -19.81
CA ARG A 298 -7.47 -18.94 -19.14
C ARG A 298 -8.90 -18.61 -19.54
N ARG A 299 -9.18 -17.35 -19.89
CA ARG A 299 -10.53 -16.99 -20.32
C ARG A 299 -10.94 -17.79 -21.55
N TYR A 300 -9.98 -18.36 -22.28
CA TYR A 300 -10.20 -19.00 -23.55
C TYR A 300 -10.22 -20.51 -23.46
N MET A 301 -10.12 -21.07 -22.26
CA MET A 301 -10.18 -22.48 -21.96
C MET A 301 -11.60 -22.86 -21.54
N PRO A 302 -12.06 -24.06 -21.84
CA PRO A 302 -13.39 -24.50 -21.37
C PRO A 302 -13.55 -24.25 -19.88
N PRO A 303 -14.74 -23.87 -19.42
CA PRO A 303 -14.91 -23.54 -17.98
C PRO A 303 -14.50 -24.66 -17.05
N ALA A 304 -14.86 -25.90 -17.38
CA ALA A 304 -14.50 -27.03 -16.52
C ALA A 304 -13.00 -27.15 -16.39
N HIS A 305 -12.24 -26.69 -17.38
CA HIS A 305 -10.78 -26.73 -17.28
C HIS A 305 -10.25 -25.53 -16.51
N ARG A 306 -10.85 -24.36 -16.70
CA ARG A 306 -10.64 -23.26 -15.77
C ARG A 306 -10.84 -23.72 -14.33
N ASN A 307 -11.96 -24.40 -14.06
CA ASN A 307 -12.24 -24.87 -12.71
C ASN A 307 -11.17 -25.81 -12.21
N PHE A 308 -10.69 -26.70 -13.09
CA PHE A 308 -9.70 -27.69 -12.69
C PHE A 308 -8.40 -27.02 -12.28
N LEU A 309 -7.94 -26.04 -13.07
CA LEU A 309 -6.70 -25.35 -12.74
C LEU A 309 -6.80 -24.63 -11.41
N CYS A 310 -7.98 -24.11 -11.07
CA CYS A 310 -8.23 -23.40 -9.81
C CYS A 310 -8.24 -24.34 -8.62
N SER A 311 -8.98 -25.45 -8.73
CA SER A 311 -8.95 -26.44 -7.66
C SER A 311 -7.54 -26.93 -7.37
N LEU A 312 -6.71 -27.13 -8.40
CA LEU A 312 -5.32 -27.52 -8.14
C LEU A 312 -4.56 -26.46 -7.36
N GLU A 313 -4.86 -25.17 -7.59
CA GLU A 313 -4.18 -24.12 -6.85
C GLU A 313 -4.62 -24.08 -5.39
N SER A 314 -5.84 -24.54 -5.11
CA SER A 314 -6.37 -24.52 -3.76
C SER A 314 -5.89 -25.69 -2.93
N ASN A 315 -5.39 -26.73 -3.57
CA ASN A 315 -4.90 -27.90 -2.87
C ASN A 315 -3.59 -27.58 -2.17
N PRO A 316 -3.24 -28.37 -1.15
CA PRO A 316 -1.91 -28.23 -0.52
C PRO A 316 -0.79 -28.29 -1.55
N SER A 317 0.27 -27.53 -1.29
CA SER A 317 1.37 -27.38 -2.23
C SER A 317 2.24 -28.63 -2.23
N VAL A 318 2.32 -29.25 -3.40
CA VAL A 318 3.23 -30.37 -3.61
C VAL A 318 4.68 -29.93 -3.38
N ARG A 319 5.03 -28.74 -3.86
CA ARG A 319 6.41 -28.27 -3.73
C ARG A 319 6.81 -28.07 -2.28
N GLU A 320 5.89 -27.50 -1.48
CA GLU A 320 6.14 -27.35 -0.05
C GLU A 320 6.24 -28.70 0.64
N PHE A 321 5.33 -29.62 0.33
CA PHE A 321 5.36 -30.94 0.92
C PHE A 321 6.71 -31.60 0.68
N VAL A 322 7.14 -31.65 -0.58
CA VAL A 322 8.45 -32.21 -0.89
C VAL A 322 9.55 -31.47 -0.13
N LEU A 323 9.47 -30.14 -0.09
CA LEU A 323 10.50 -29.36 0.56
C LEU A 323 10.58 -29.66 2.06
N SER A 324 9.43 -29.91 2.68
CA SER A 324 9.33 -30.08 4.13
C SER A 324 9.85 -31.41 4.63
N LYS A 325 10.39 -32.28 3.77
CA LYS A 325 10.56 -33.67 4.12
C LYS A 325 12.00 -34.13 4.26
N GLY A 326 12.97 -33.29 3.90
CA GLY A 326 14.37 -33.73 3.95
C GLY A 326 14.62 -35.03 3.22
N ASP A 327 13.99 -35.20 2.05
CA ASP A 327 13.93 -36.49 1.37
C ASP A 327 14.43 -36.30 -0.06
N ALA A 328 15.70 -36.66 -0.27
CA ALA A 328 16.34 -36.43 -1.56
C ALA A 328 15.67 -37.23 -2.68
N GLY A 329 15.16 -38.43 -2.38
CA GLY A 329 14.39 -39.17 -3.38
C GLY A 329 13.18 -38.38 -3.87
N LEU A 330 12.38 -37.86 -2.93
CA LEU A 330 11.28 -36.98 -3.30
C LEU A 330 11.76 -35.77 -4.08
N ARG A 331 12.84 -35.14 -3.65
CA ARG A 331 13.28 -33.95 -4.37
C ARG A 331 13.73 -34.30 -5.79
N GLU A 332 14.21 -35.51 -6.01
CA GLU A 332 14.67 -35.90 -7.33
C GLU A 332 13.50 -36.22 -8.26
N ALA A 333 12.44 -36.84 -7.72
CA ALA A 333 11.26 -37.08 -8.51
C ALA A 333 10.56 -35.78 -8.87
N TYR A 334 10.46 -34.86 -7.91
CA TYR A 334 9.90 -33.54 -8.19
C TYR A 334 10.72 -32.85 -9.28
N ASP A 335 12.04 -32.92 -9.19
CA ASP A 335 12.91 -32.24 -10.16
C ASP A 335 12.80 -32.88 -11.54
N ALA A 336 12.49 -34.17 -11.60
CA ALA A 336 12.29 -34.79 -12.90
C ALA A 336 11.05 -34.23 -13.60
N CYS A 337 10.01 -33.91 -12.82
CA CYS A 337 8.84 -33.26 -13.41
C CYS A 337 9.19 -31.87 -13.91
N VAL A 338 9.87 -31.07 -13.08
CA VAL A 338 10.25 -29.72 -13.47
C VAL A 338 11.18 -29.75 -14.68
N LYS A 339 12.06 -30.73 -14.76
CA LYS A 339 12.93 -30.85 -15.92
C LYS A 339 12.11 -31.13 -17.19
N ALA A 340 11.16 -32.06 -17.09
CA ALA A 340 10.37 -32.40 -18.28
C ALA A 340 9.57 -31.19 -18.77
N LEU A 341 9.03 -30.39 -17.83
CA LEU A 341 8.35 -29.16 -18.20
C LEU A 341 9.31 -28.13 -18.80
N VAL A 342 10.56 -28.07 -18.35
CA VAL A 342 11.52 -27.16 -18.97
C VAL A 342 11.86 -27.64 -20.37
N SER A 343 12.13 -28.94 -20.49
CA SER A 343 12.42 -29.51 -21.80
C SER A 343 11.33 -29.16 -22.79
N LEU A 344 10.06 -29.26 -22.36
CA LEU A 344 8.95 -29.01 -23.27
C LEU A 344 8.91 -27.56 -23.72
N ARG A 345 9.10 -26.62 -22.79
CA ARG A 345 9.06 -25.21 -23.18
C ARG A 345 10.29 -24.82 -23.99
N SER A 346 11.45 -25.44 -23.70
CA SER A 346 12.64 -25.22 -24.52
C SER A 346 12.44 -25.69 -25.95
N TYR A 347 11.85 -26.87 -26.13
CA TYR A 347 11.55 -27.34 -27.47
C TYR A 347 10.52 -26.46 -28.15
N HIS A 348 9.49 -26.05 -27.41
CA HIS A 348 8.48 -25.13 -27.95
C HIS A 348 9.11 -23.82 -28.39
N LEU A 349 10.11 -23.35 -27.65
CA LEU A 349 10.89 -22.20 -28.08
C LEU A 349 11.48 -22.41 -29.46
N GLN A 350 12.10 -23.59 -29.67
CA GLN A 350 12.71 -23.91 -30.96
C GLN A 350 11.68 -23.86 -32.07
N ILE A 351 10.49 -24.38 -31.79
CA ILE A 351 9.48 -24.49 -32.83
C ILE A 351 8.95 -23.11 -33.19
N VAL A 352 8.75 -22.25 -32.19
CA VAL A 352 8.30 -20.90 -32.49
C VAL A 352 9.35 -20.17 -33.30
N THR A 353 10.63 -20.43 -33.01
CA THR A 353 11.69 -19.89 -33.86
C THR A 353 11.52 -20.39 -35.29
N LYS A 354 11.29 -21.69 -35.47
CA LYS A 354 11.21 -22.25 -36.81
C LYS A 354 9.96 -21.78 -37.56
N TYR A 355 8.83 -21.61 -36.87
CA TYR A 355 7.54 -21.45 -37.52
C TYR A 355 6.98 -20.03 -37.46
N ILE A 356 7.51 -19.16 -36.60
CA ILE A 356 7.15 -17.75 -36.59
C ILE A 356 8.35 -16.88 -36.92
N LEU A 357 9.45 -17.04 -36.18
CA LEU A 357 10.48 -16.00 -36.14
C LEU A 357 11.25 -15.92 -37.44
N ILE A 358 11.71 -17.06 -37.96
CA ILE A 358 12.41 -17.06 -39.23
C ILE A 358 11.52 -16.62 -40.39
N PRO A 359 10.32 -17.17 -40.59
CA PRO A 359 9.48 -16.67 -41.70
C PRO A 359 9.11 -15.21 -41.56
N ALA A 360 8.95 -14.70 -40.33
CA ALA A 360 8.68 -13.28 -40.14
C ALA A 360 9.84 -12.43 -40.64
N SER A 361 11.07 -12.86 -40.34
CA SER A 361 12.26 -12.15 -40.82
C SER A 361 12.39 -12.22 -42.34
N GLN A 362 12.01 -13.36 -42.96
CA GLN A 362 12.05 -13.52 -44.41
C GLN A 362 10.95 -12.73 -45.14
N GLN A 363 10.59 -11.55 -44.64
CA GLN A 363 9.64 -10.69 -45.34
C GLN A 363 10.36 -9.45 -45.86
N GLY A 383 8.73 -10.17 -32.71
CA GLY A 383 8.84 -11.44 -32.02
C GLY A 383 9.78 -11.40 -30.85
N THR A 384 10.69 -10.42 -30.87
CA THR A 384 11.58 -10.20 -29.74
C THR A 384 10.79 -9.97 -28.45
N ASP A 385 9.56 -9.45 -28.56
CA ASP A 385 8.65 -9.46 -27.42
C ASP A 385 8.05 -10.85 -27.20
N LEU A 386 7.70 -11.55 -28.29
CA LEU A 386 7.23 -12.92 -28.19
C LEU A 386 8.28 -13.82 -27.56
N MET A 387 9.53 -13.73 -28.04
CA MET A 387 10.59 -14.54 -27.48
C MET A 387 10.75 -14.29 -25.99
N ASN A 388 10.78 -13.01 -25.59
CA ASN A 388 10.98 -12.68 -24.19
C ASN A 388 9.90 -13.26 -23.31
N PHE A 389 8.65 -13.28 -23.80
CA PHE A 389 7.59 -13.90 -23.01
C PHE A 389 7.86 -15.39 -22.80
N LEU A 390 8.19 -16.11 -23.88
CA LEU A 390 8.40 -17.54 -23.75
C LEU A 390 9.67 -17.85 -22.96
N LYS A 391 10.76 -17.13 -23.26
CA LYS A 391 12.00 -17.31 -22.51
C LYS A 391 11.79 -17.08 -21.03
N THR A 392 10.90 -16.15 -20.69
CA THR A 392 10.65 -15.84 -19.28
C THR A 392 9.95 -16.99 -18.58
N VAL A 393 8.90 -17.51 -19.20
CA VAL A 393 8.14 -18.60 -18.60
C VAL A 393 9.03 -19.83 -18.43
N ARG A 394 9.94 -20.08 -19.37
CA ARG A 394 10.85 -21.21 -19.23
C ARG A 394 11.82 -21.03 -18.06
N SER A 395 12.46 -19.86 -17.97
CA SER A 395 13.42 -19.66 -16.89
C SER A 395 12.72 -19.60 -15.54
N THR A 396 11.51 -19.07 -15.47
CA THR A 396 10.77 -19.17 -14.23
C THR A 396 10.48 -20.64 -13.89
N THR A 397 10.16 -21.45 -14.90
CA THR A 397 10.05 -22.89 -14.68
C THR A 397 11.41 -23.48 -14.26
N GLU A 398 12.49 -23.04 -14.91
CA GLU A 398 13.81 -23.58 -14.58
C GLU A 398 14.24 -23.21 -13.16
N LYS A 399 13.99 -21.97 -12.75
CA LYS A 399 14.29 -21.52 -11.40
C LYS A 399 13.56 -22.31 -10.33
N SER A 400 12.69 -23.24 -10.71
CA SER A 400 11.91 -23.98 -9.73
C SER A 400 12.55 -25.30 -9.31
N LEU A 401 13.60 -25.76 -10.00
CA LEU A 401 14.30 -26.96 -9.60
C LEU A 401 14.81 -26.86 -8.16
N LEU A 402 14.70 -27.95 -7.42
CA LEU A 402 15.06 -27.93 -6.00
C LEU A 402 16.56 -28.13 -5.75
N LYS A 403 17.19 -29.04 -6.48
CA LYS A 403 18.56 -29.46 -6.22
C LYS A 403 18.72 -29.86 -4.75
N GLU A 404 19.36 -29.01 -3.94
CA GLU A 404 19.62 -29.25 -2.51
C GLU A 404 20.39 -30.55 -2.26
N GLY B 13 22.16 20.09 -5.59
CA GLY B 13 23.12 21.12 -5.22
C GLY B 13 24.57 20.64 -5.22
N SER B 14 25.40 21.39 -4.48
CA SER B 14 26.80 21.04 -4.23
C SER B 14 27.32 21.87 -3.06
N ALA B 15 28.14 21.24 -2.22
CA ALA B 15 29.02 21.90 -1.24
C ALA B 15 28.29 22.48 -0.03
N ALA B 16 27.11 23.07 -0.21
CA ALA B 16 26.33 23.46 0.97
C ALA B 16 25.83 22.23 1.71
N TYR B 17 25.65 21.12 0.99
CA TYR B 17 25.21 19.85 1.57
C TYR B 17 26.35 18.83 1.67
N HIS B 18 27.60 19.29 1.64
CA HIS B 18 28.76 18.39 1.66
C HIS B 18 28.61 17.34 0.56
N ILE B 19 28.42 17.84 -0.65
CA ILE B 19 28.38 17.03 -1.84
C ILE B 19 29.53 17.49 -2.71
N ASP B 20 30.53 16.62 -2.90
CA ASP B 20 31.65 16.97 -3.74
C ASP B 20 31.29 16.77 -5.21
N GLU B 21 31.80 17.67 -6.04
CA GLU B 21 31.57 17.56 -7.46
C GLU B 21 32.16 16.28 -8.02
N GLU B 22 33.39 15.96 -7.60
CA GLU B 22 34.10 14.79 -8.11
C GLU B 22 33.73 13.50 -7.38
N VAL B 23 33.55 13.50 -6.05
CA VAL B 23 33.30 12.25 -5.34
C VAL B 23 31.91 12.19 -4.70
N GLY B 24 31.06 13.19 -4.91
CA GLY B 24 29.66 13.07 -4.55
C GLY B 24 29.37 13.06 -3.06
N PHE B 25 28.72 11.99 -2.59
CA PHE B 25 28.49 11.82 -1.16
C PHE B 25 29.75 11.42 -0.40
N ALA B 26 30.83 11.09 -1.10
CA ALA B 26 32.04 10.62 -0.43
C ALA B 26 32.77 11.81 0.19
N LEU B 27 33.49 11.52 1.25
CA LEU B 27 34.30 12.55 1.86
C LEU B 27 35.49 12.81 0.94
N PRO B 28 35.68 14.02 0.45
CA PRO B 28 36.83 14.30 -0.41
C PRO B 28 38.10 14.32 0.42
N ASN B 29 39.13 13.67 -0.10
CA ASN B 29 40.43 13.50 0.55
C ASN B 29 40.37 13.30 2.06
N PRO B 30 39.93 12.13 2.54
CA PRO B 30 39.81 11.94 4.00
C PRO B 30 41.15 12.03 4.69
N GLN B 31 41.11 12.50 5.94
CA GLN B 31 42.29 12.53 6.80
C GLN B 31 42.70 11.10 7.17
N GLU B 32 44.02 10.86 7.19
CA GLU B 32 44.57 9.59 7.63
C GLU B 32 45.15 9.61 9.03
N ASN B 33 45.60 10.74 9.53
CA ASN B 33 46.25 10.77 10.82
C ASN B 33 45.47 11.65 11.78
N LEU B 34 45.37 11.18 13.01
CA LEU B 34 44.90 12.04 14.10
C LEU B 34 46.08 12.72 14.75
N PRO B 35 45.84 13.69 15.64
CA PRO B 35 46.92 14.19 16.47
C PRO B 35 47.50 13.08 17.33
N ASP B 36 48.80 13.24 17.65
CA ASP B 36 49.49 12.33 18.58
C ASP B 36 48.71 12.06 19.87
N PHE B 37 47.83 12.98 20.27
CA PHE B 37 47.02 12.77 21.45
C PHE B 37 46.22 11.47 21.38
N TYR B 38 45.80 11.08 20.17
CA TYR B 38 44.93 9.94 19.99
C TYR B 38 45.66 8.68 19.54
N ASN B 39 46.99 8.66 19.66
CA ASN B 39 47.78 7.51 19.23
C ASN B 39 47.23 6.19 19.77
N ASP B 40 46.74 6.17 21.00
CA ASP B 40 46.24 4.92 21.56
C ASP B 40 45.03 4.41 20.79
N TRP B 41 44.14 5.31 20.37
CA TRP B 41 43.05 4.92 19.50
C TRP B 41 43.59 4.41 18.16
N MET B 42 44.42 5.22 17.50
CA MET B 42 44.94 4.88 16.18
C MET B 42 45.59 3.51 16.17
N PHE B 43 46.37 3.19 17.20
CA PHE B 43 47.08 1.93 17.16
C PHE B 43 46.11 0.75 17.14
N ILE B 44 45.08 0.80 17.98
CA ILE B 44 44.13 -0.30 18.06
C ILE B 44 43.41 -0.49 16.72
N ALA B 45 42.92 0.62 16.14
CA ALA B 45 42.15 0.55 14.90
C ALA B 45 43.03 0.13 13.73
N LYS B 46 44.31 0.50 13.75
CA LYS B 46 45.23 0.11 12.71
C LYS B 46 45.64 -1.35 12.83
N HIS B 47 45.42 -2.00 13.97
CA HIS B 47 45.93 -3.36 14.14
C HIS B 47 44.81 -4.33 14.53
N LEU B 48 43.60 -4.07 14.08
CA LEU B 48 42.47 -4.97 14.37
C LEU B 48 42.72 -6.41 13.97
N PRO B 49 43.22 -6.72 12.76
CA PRO B 49 43.46 -8.15 12.41
C PRO B 49 44.34 -8.89 13.39
N ASP B 50 45.49 -8.32 13.75
CA ASP B 50 46.39 -8.96 14.70
C ASP B 50 45.78 -9.00 16.10
N LEU B 51 45.21 -7.88 16.57
CA LEU B 51 44.75 -7.82 17.94
C LEU B 51 43.56 -8.76 18.17
N ILE B 52 42.69 -8.87 17.17
CA ILE B 52 41.54 -9.78 17.27
C ILE B 52 42.02 -11.23 17.20
N GLU B 53 42.88 -11.54 16.23
CA GLU B 53 43.31 -12.92 16.03
C GLU B 53 44.05 -13.47 17.24
N SER B 54 44.91 -12.63 17.84
CA SER B 54 45.68 -13.02 19.01
C SER B 54 44.86 -12.95 20.29
N GLY B 55 43.62 -12.46 20.22
CA GLY B 55 42.78 -12.32 21.39
C GLY B 55 43.19 -11.24 22.38
N GLN B 56 43.93 -10.22 21.96
CA GLN B 56 44.25 -9.12 22.85
C GLN B 56 43.38 -7.88 22.65
N LEU B 57 42.48 -7.88 21.67
CA LEU B 57 41.78 -6.64 21.32
C LEU B 57 41.01 -6.08 22.52
N ARG B 58 40.18 -6.92 23.14
CA ARG B 58 39.31 -6.41 24.19
C ARG B 58 40.10 -5.91 25.39
N GLU B 59 41.20 -6.59 25.74
CA GLU B 59 42.04 -6.07 26.81
C GLU B 59 42.58 -4.69 26.47
N ARG B 60 43.02 -4.50 25.22
CA ARG B 60 43.59 -3.20 24.86
C ARG B 60 42.55 -2.11 25.02
N VAL B 61 41.32 -2.36 24.56
CA VAL B 61 40.25 -1.40 24.73
C VAL B 61 39.97 -1.17 26.21
N GLU B 62 39.92 -2.25 26.98
CA GLU B 62 39.56 -2.13 28.38
C GLU B 62 40.58 -1.35 29.17
N LYS B 63 41.82 -1.30 28.70
CA LYS B 63 42.87 -0.55 29.39
C LYS B 63 43.18 0.79 28.73
N LEU B 64 42.32 1.25 27.84
CA LEU B 64 42.44 2.62 27.35
C LEU B 64 42.11 3.62 28.46
N ASN B 65 42.85 4.72 28.48
CA ASN B 65 42.42 5.86 29.28
C ASN B 65 41.40 6.71 28.51
N MET B 66 40.65 7.50 29.26
CA MET B 66 39.69 8.42 28.68
C MET B 66 40.43 9.53 27.94
N LEU B 67 40.14 9.71 26.65
CA LEU B 67 40.78 10.76 25.87
C LEU B 67 39.72 11.74 25.40
N SER B 68 39.87 13.02 25.79
CA SER B 68 38.95 14.07 25.41
C SER B 68 38.91 14.23 23.89
N ILE B 69 37.75 14.63 23.36
CA ILE B 69 37.62 14.89 21.95
C ILE B 69 37.93 16.32 21.59
N ASP B 70 38.40 17.13 22.56
CA ASP B 70 38.63 18.55 22.32
C ASP B 70 39.79 18.79 21.40
N HIS B 71 40.67 17.83 21.23
CA HIS B 71 41.80 18.01 20.35
C HIS B 71 41.47 17.78 18.88
N LEU B 72 40.22 17.50 18.54
CA LEU B 72 39.78 17.28 17.16
C LEU B 72 39.18 18.58 16.64
N THR B 73 39.94 19.29 15.80
CA THR B 73 39.63 20.68 15.46
C THR B 73 39.05 20.89 14.06
N ASP B 74 38.61 19.84 13.36
CA ASP B 74 37.96 20.06 12.06
C ASP B 74 37.15 18.84 11.65
N HIS B 75 36.27 19.05 10.66
CA HIS B 75 35.36 18.00 10.24
C HIS B 75 36.10 16.73 9.79
N LYS B 76 37.17 16.87 9.00
CA LYS B 76 37.87 15.68 8.53
C LYS B 76 38.50 14.92 9.68
N SER B 77 39.03 15.64 10.67
CA SER B 77 39.55 15.00 11.88
C SER B 77 38.46 14.25 12.64
N GLN B 78 37.26 14.84 12.73
CA GLN B 78 36.17 14.17 13.43
C GLN B 78 35.69 12.94 12.66
N ARG B 79 35.61 13.04 11.33
CA ARG B 79 35.22 11.88 10.55
C ARG B 79 36.20 10.72 10.74
N LEU B 80 37.50 11.01 10.75
CA LEU B 80 38.50 9.98 10.98
C LEU B 80 38.35 9.36 12.37
N ALA B 81 38.10 10.21 13.37
CA ALA B 81 37.93 9.70 14.73
C ALA B 81 36.66 8.87 14.85
N ARG B 82 35.60 9.26 14.15
CA ARG B 82 34.37 8.49 14.20
C ARG B 82 34.56 7.11 13.59
N LEU B 83 35.26 7.04 12.45
CA LEU B 83 35.58 5.76 11.85
C LEU B 83 36.52 4.95 12.75
N VAL B 84 37.53 5.60 13.34
CA VAL B 84 38.44 4.88 14.23
C VAL B 84 37.68 4.27 15.40
N LEU B 85 36.85 5.07 16.07
CA LEU B 85 36.09 4.57 17.22
C LEU B 85 34.99 3.62 16.80
N GLY B 86 34.42 3.80 15.60
CA GLY B 86 33.43 2.84 15.12
C GLY B 86 34.04 1.47 14.86
N CYS B 87 35.24 1.44 14.28
CA CYS B 87 35.89 0.16 13.98
C CYS B 87 36.27 -0.56 15.27
N ILE B 88 36.87 0.17 16.22
CA ILE B 88 37.18 -0.40 17.53
C ILE B 88 35.92 -0.94 18.20
N THR B 89 34.79 -0.24 18.05
CA THR B 89 33.56 -0.64 18.73
C THR B 89 33.04 -1.96 18.17
N MET B 90 32.96 -2.09 16.83
CA MET B 90 32.53 -3.35 16.23
C MET B 90 33.45 -4.50 16.63
N ALA B 91 34.76 -4.27 16.61
CA ALA B 91 35.68 -5.35 16.98
C ALA B 91 35.51 -5.74 18.44
N TYR B 92 35.27 -4.74 19.31
CA TYR B 92 35.09 -5.02 20.73
C TYR B 92 33.80 -5.81 20.99
N VAL B 93 32.70 -5.42 20.35
CA VAL B 93 31.43 -6.12 20.54
C VAL B 93 31.51 -7.54 19.98
N TRP B 94 32.04 -7.70 18.77
CA TRP B 94 31.92 -8.99 18.10
C TRP B 94 33.14 -9.91 18.31
N GLY B 95 34.28 -9.38 18.72
CA GLY B 95 35.44 -10.23 18.93
C GLY B 95 35.92 -10.96 17.69
N LYS B 96 36.31 -12.22 17.88
CA LYS B 96 36.71 -13.07 16.76
C LYS B 96 35.57 -13.36 15.79
N GLY B 97 34.34 -13.00 16.13
CA GLY B 97 33.24 -13.10 15.21
C GLY B 97 32.49 -14.41 15.23
N HIS B 98 32.45 -15.09 16.38
CA HIS B 98 31.89 -16.43 16.41
C HIS B 98 30.98 -16.66 17.60
N GLY B 99 30.32 -15.60 18.09
CA GLY B 99 29.29 -15.73 19.11
C GLY B 99 29.67 -15.22 20.48
N ASP B 100 30.95 -14.96 20.73
CA ASP B 100 31.40 -14.52 22.06
C ASP B 100 31.39 -12.98 22.06
N VAL B 101 30.29 -12.40 22.52
CA VAL B 101 30.07 -10.97 22.35
C VAL B 101 30.26 -10.25 23.69
N ARG B 102 30.23 -8.93 23.62
CA ARG B 102 30.31 -8.04 24.76
C ARG B 102 29.11 -7.12 24.68
N LYS B 103 28.32 -7.05 25.77
CA LYS B 103 27.12 -6.25 25.76
C LYS B 103 27.29 -4.87 26.38
N VAL B 104 28.47 -4.56 26.93
CA VAL B 104 28.74 -3.25 27.49
C VAL B 104 29.97 -2.69 26.80
N LEU B 105 29.82 -1.50 26.21
CA LEU B 105 30.96 -0.79 25.61
C LEU B 105 31.65 0.06 26.67
N PRO B 106 32.92 -0.22 26.99
CA PRO B 106 33.59 0.45 28.12
C PRO B 106 33.50 1.97 28.08
N ARG B 107 33.41 2.55 29.29
CA ARG B 107 33.26 3.99 29.46
C ARG B 107 34.26 4.79 28.62
N ASN B 108 35.54 4.37 28.62
CA ASN B 108 36.59 5.20 28.02
C ASN B 108 36.57 5.18 26.50
N ILE B 109 35.79 4.31 25.87
CA ILE B 109 35.46 4.43 24.47
C ILE B 109 34.06 5.00 24.27
N ALA B 110 33.11 4.53 25.08
CA ALA B 110 31.70 4.84 24.83
C ALA B 110 31.43 6.34 24.92
N VAL B 111 32.00 7.02 25.92
CA VAL B 111 31.69 8.43 26.16
C VAL B 111 32.30 9.32 25.09
N PRO B 112 33.60 9.23 24.77
CA PRO B 112 34.08 10.09 23.68
C PRO B 112 33.43 9.75 22.35
N TYR B 113 33.16 8.46 22.12
CA TYR B 113 32.48 8.04 20.90
C TYR B 113 31.06 8.61 20.83
N CYS B 114 30.34 8.63 21.95
CA CYS B 114 28.97 9.14 21.93
C CYS B 114 28.93 10.67 21.84
N GLN B 115 29.85 11.37 22.50
CA GLN B 115 29.92 12.82 22.34
C GLN B 115 30.23 13.20 20.90
N LEU B 116 31.26 12.55 20.33
CA LEU B 116 31.64 12.79 18.94
C LEU B 116 30.49 12.51 18.00
N SER B 117 29.79 11.39 18.19
CA SER B 117 28.61 11.09 17.38
C SER B 117 27.56 12.19 17.51
N ALA B 118 27.34 12.70 18.73
CA ALA B 118 26.32 13.73 18.90
C ALA B 118 26.70 14.99 18.13
N ALA B 119 27.97 15.41 18.20
CA ALA B 119 28.39 16.59 17.46
C ALA B 119 28.25 16.40 15.96
N LEU B 120 28.49 15.19 15.46
CA LEU B 120 28.35 14.88 14.04
C LEU B 120 26.93 14.45 13.66
N GLU B 121 26.03 14.31 14.64
CA GLU B 121 24.61 14.01 14.37
C GLU B 121 24.45 12.66 13.68
N LEU B 122 25.22 11.67 14.14
CA LEU B 122 25.19 10.31 13.64
C LEU B 122 25.05 9.34 14.80
N PRO B 123 24.51 8.15 14.55
CA PRO B 123 24.36 7.18 15.64
C PRO B 123 25.71 6.66 16.08
N PRO B 124 25.85 6.29 17.35
CA PRO B 124 27.11 5.70 17.85
C PRO B 124 27.30 4.24 17.42
N ILE B 125 27.32 4.00 16.11
CA ILE B 125 27.67 2.71 15.54
C ILE B 125 28.38 2.97 14.21
N LEU B 126 29.06 1.96 13.69
CA LEU B 126 29.76 2.12 12.41
C LEU B 126 28.76 2.18 11.25
N VAL B 127 28.92 3.18 10.39
CA VAL B 127 28.01 3.37 9.26
C VAL B 127 28.80 3.56 7.97
N TYR B 128 28.08 3.39 6.87
CA TYR B 128 28.53 3.61 5.51
C TYR B 128 29.37 4.87 5.37
N ALA B 129 28.96 5.94 6.05
CA ALA B 129 29.71 7.19 5.94
C ALA B 129 31.05 7.10 6.65
N ASP B 130 31.24 6.14 7.55
CA ASP B 130 32.57 5.91 8.11
C ASP B 130 33.36 4.90 7.28
N CYS B 131 32.83 3.69 7.09
CA CYS B 131 33.66 2.59 6.59
C CYS B 131 33.76 2.60 5.07
N VAL B 132 33.02 3.46 4.39
CA VAL B 132 33.11 3.59 2.94
C VAL B 132 33.44 5.04 2.58
N LEU B 133 32.58 5.99 3.00
CA LEU B 133 32.72 7.37 2.50
C LEU B 133 33.96 8.08 3.04
N ALA B 134 34.46 7.71 4.21
CA ALA B 134 35.66 8.33 4.77
C ALA B 134 36.84 7.38 4.92
N ASN B 135 36.69 6.12 4.55
CA ASN B 135 37.69 5.10 4.83
C ASN B 135 38.60 4.84 3.62
N TRP B 136 39.22 5.88 3.04
CA TRP B 136 39.96 5.65 1.81
C TRP B 136 41.08 6.67 1.61
N LYS B 137 42.01 6.31 0.74
CA LYS B 137 43.10 7.19 0.32
C LYS B 137 43.50 6.84 -1.10
N LYS B 138 44.20 7.78 -1.74
CA LYS B 138 44.91 7.50 -2.97
C LYS B 138 46.30 6.99 -2.66
N LYS B 139 46.75 5.98 -3.41
CA LYS B 139 48.13 5.53 -3.29
C LYS B 139 49.09 6.61 -3.76
N ASP B 140 48.81 7.19 -4.93
CA ASP B 140 49.59 8.29 -5.48
C ASP B 140 48.59 9.40 -5.84
N PRO B 141 48.74 10.61 -5.28
CA PRO B 141 47.68 11.62 -5.43
C PRO B 141 47.65 12.29 -6.79
N ASN B 142 48.63 12.04 -7.65
CA ASN B 142 48.62 12.54 -9.02
C ASN B 142 48.08 11.53 -10.02
N LYS B 143 47.70 10.35 -9.56
CA LYS B 143 47.02 9.36 -10.37
C LYS B 143 45.54 9.36 -10.02
N PRO B 144 44.67 8.88 -10.91
CA PRO B 144 43.22 9.09 -10.76
C PRO B 144 42.58 8.19 -9.69
N LEU B 145 41.26 8.35 -9.56
CA LEU B 145 40.45 7.56 -8.62
C LEU B 145 40.00 6.26 -9.29
N THR B 146 40.96 5.36 -9.43
CA THR B 146 40.69 3.99 -9.86
C THR B 146 41.09 3.05 -8.74
N TYR B 147 40.53 1.85 -8.77
CA TYR B 147 40.84 0.86 -7.74
C TYR B 147 42.35 0.69 -7.53
N GLU B 148 43.11 0.49 -8.62
CA GLU B 148 44.54 0.24 -8.50
C GLU B 148 45.29 1.36 -7.79
N ASN B 149 44.72 2.56 -7.75
CA ASN B 149 45.36 3.70 -7.13
C ASN B 149 44.84 4.01 -5.72
N MET B 150 43.86 3.26 -5.22
CA MET B 150 43.30 3.54 -3.91
C MET B 150 43.50 2.39 -2.93
N ASP B 151 43.25 2.73 -1.67
CA ASP B 151 43.32 1.81 -0.55
C ASP B 151 42.34 2.29 0.51
N VAL B 152 41.97 1.38 1.42
CA VAL B 152 41.18 1.74 2.59
C VAL B 152 42.14 2.01 3.75
N LEU B 153 41.63 2.66 4.80
CA LEU B 153 42.47 2.95 5.95
C LEU B 153 42.42 1.85 7.01
N PHE B 154 41.30 1.14 7.13
CA PHE B 154 41.13 0.14 8.18
C PHE B 154 40.38 -1.07 7.66
N SER B 155 40.76 -2.25 8.15
CA SER B 155 40.09 -3.53 7.95
C SER B 155 39.88 -4.21 9.31
N PHE B 156 39.10 -5.28 9.33
CA PHE B 156 38.84 -6.00 10.57
C PHE B 156 39.69 -7.25 10.74
N ARG B 157 39.72 -8.12 9.74
CA ARG B 157 40.47 -9.37 9.79
C ARG B 157 41.16 -9.58 8.44
N ASP B 158 42.29 -10.28 8.48
CA ASP B 158 42.93 -10.67 7.23
C ASP B 158 42.01 -11.60 6.46
N GLY B 159 41.91 -11.37 5.15
CA GLY B 159 40.97 -12.11 4.33
C GLY B 159 39.53 -11.63 4.33
N ASP B 160 39.20 -10.55 5.06
CA ASP B 160 37.80 -10.16 5.22
C ASP B 160 37.20 -9.49 3.99
N CYS B 161 38.02 -9.14 2.99
CA CYS B 161 37.58 -8.53 1.74
C CYS B 161 37.02 -7.13 1.94
N SER B 162 37.44 -6.46 3.00
CA SER B 162 36.98 -5.10 3.28
C SER B 162 37.54 -4.10 2.27
N LYS B 163 38.80 -4.26 1.86
CA LYS B 163 39.30 -3.42 0.78
C LYS B 163 38.41 -3.50 -0.45
N GLY B 164 38.10 -4.71 -0.91
CA GLY B 164 37.27 -4.85 -2.11
C GLY B 164 35.86 -4.33 -1.90
N PHE B 165 35.26 -4.64 -0.76
CA PHE B 165 33.87 -4.20 -0.53
C PHE B 165 33.79 -2.69 -0.38
N PHE B 166 34.64 -2.10 0.48
CA PHE B 166 34.55 -0.65 0.71
C PHE B 166 34.92 0.14 -0.53
N LEU B 167 35.99 -0.26 -1.22
CA LEU B 167 36.46 0.54 -2.35
C LEU B 167 35.55 0.42 -3.56
N VAL B 168 34.90 -0.73 -3.76
CA VAL B 168 34.00 -0.83 -4.91
C VAL B 168 32.76 0.00 -4.65
N SER B 169 32.19 -0.13 -3.44
CA SER B 169 31.10 0.75 -3.01
C SER B 169 31.47 2.20 -3.21
N LEU B 170 32.68 2.57 -2.79
CA LEU B 170 33.11 3.95 -2.93
C LEU B 170 33.14 4.35 -4.39
N LEU B 171 33.57 3.44 -5.28
CA LEU B 171 33.71 3.79 -6.69
C LEU B 171 32.37 3.89 -7.39
N VAL B 172 31.39 3.08 -6.99
CA VAL B 172 30.03 3.30 -7.46
C VAL B 172 29.57 4.68 -7.04
N GLU B 173 29.83 5.01 -5.78
CA GLU B 173 29.50 6.32 -5.23
C GLU B 173 30.17 7.46 -6.02
N ILE B 174 31.44 7.30 -6.40
CA ILE B 174 32.11 8.33 -7.20
C ILE B 174 31.53 8.39 -8.62
N ALA B 175 31.20 7.23 -9.20
CA ALA B 175 30.51 7.25 -10.48
C ALA B 175 29.19 8.01 -10.37
N ALA B 176 28.46 7.82 -9.26
CA ALA B 176 27.17 8.50 -9.13
C ALA B 176 27.34 10.00 -9.04
N ALA B 177 28.49 10.47 -8.52
CA ALA B 177 28.74 11.90 -8.45
C ALA B 177 28.62 12.58 -9.81
N SER B 178 28.84 11.85 -10.89
CA SER B 178 28.68 12.43 -12.22
C SER B 178 27.22 12.75 -12.54
N ALA B 179 26.28 11.94 -12.03
CA ALA B 179 24.86 12.24 -12.21
C ALA B 179 24.36 13.23 -11.18
N ILE B 180 24.87 13.15 -9.94
CA ILE B 180 24.41 14.03 -8.86
C ILE B 180 24.68 15.48 -9.21
N LYS B 181 25.87 15.76 -9.77
CA LYS B 181 26.25 17.14 -10.06
C LYS B 181 25.40 17.78 -11.16
N VAL B 182 24.60 16.99 -11.90
CA VAL B 182 23.67 17.51 -12.89
C VAL B 182 22.33 17.89 -12.27
N ILE B 183 22.09 17.51 -11.01
CA ILE B 183 20.77 17.73 -10.41
C ILE B 183 20.37 19.19 -10.40
N PRO B 184 21.19 20.14 -9.93
CA PRO B 184 20.80 21.56 -10.05
C PRO B 184 20.36 21.95 -11.46
N THR B 185 21.07 21.47 -12.48
CA THR B 185 20.73 21.80 -13.85
C THR B 185 19.31 21.38 -14.19
N VAL B 186 18.88 20.21 -13.71
CA VAL B 186 17.50 19.78 -13.88
C VAL B 186 16.55 20.82 -13.29
N PHE B 187 16.79 21.24 -12.05
CA PHE B 187 15.80 22.08 -11.38
C PHE B 187 15.78 23.49 -11.95
N LYS B 188 16.95 24.03 -12.31
CA LYS B 188 16.97 25.33 -12.97
C LYS B 188 16.30 25.27 -14.34
N ALA B 189 16.45 24.15 -15.06
CA ALA B 189 15.81 24.04 -16.37
C ALA B 189 14.28 24.11 -16.27
N MET B 190 13.70 23.60 -15.18
CA MET B 190 12.30 23.93 -14.93
C MET B 190 12.11 25.35 -14.40
N GLN B 191 13.11 25.91 -13.72
CA GLN B 191 13.02 27.29 -13.24
C GLN B 191 12.97 28.30 -14.38
N MET B 192 13.61 27.99 -15.50
CA MET B 192 13.68 28.91 -16.61
C MET B 192 12.92 28.40 -17.81
N GLN B 193 12.09 27.38 -17.64
CA GLN B 193 11.32 26.81 -18.73
C GLN B 193 12.21 26.54 -19.95
N GLU B 194 13.28 25.76 -19.73
CA GLU B 194 14.26 25.42 -20.74
C GLU B 194 14.16 23.92 -21.05
N ARG B 195 13.45 23.59 -22.13
CA ARG B 195 13.12 22.19 -22.40
C ARG B 195 14.35 21.40 -22.85
N ASP B 196 15.04 21.90 -23.88
CA ASP B 196 16.22 21.19 -24.39
C ASP B 196 17.25 20.97 -23.30
N THR B 197 17.39 21.94 -22.39
CA THR B 197 18.37 21.80 -21.32
C THR B 197 17.94 20.74 -20.32
N LEU B 198 16.64 20.67 -20.03
CA LEU B 198 16.17 19.64 -19.12
C LEU B 198 16.35 18.26 -19.73
N LEU B 199 16.05 18.12 -21.02
CA LEU B 199 16.21 16.84 -21.69
C LEU B 199 17.68 16.46 -21.79
N LYS B 200 18.53 17.42 -22.18
CA LYS B 200 19.98 17.21 -22.18
C LYS B 200 20.45 16.63 -20.84
N ALA B 201 19.92 17.16 -19.73
CA ALA B 201 20.40 16.81 -18.40
C ALA B 201 19.84 15.48 -17.93
N LEU B 202 18.56 15.22 -18.16
CA LEU B 202 18.01 13.91 -17.86
C LEU B 202 18.79 12.80 -18.56
N LEU B 203 19.12 13.01 -19.84
CA LEU B 203 19.87 12.01 -20.60
C LEU B 203 21.29 11.84 -20.04
N GLU B 204 21.90 12.94 -19.60
CA GLU B 204 23.21 12.86 -18.96
C GLU B 204 23.13 12.04 -17.67
N ILE B 205 22.09 12.27 -16.86
CA ILE B 205 21.94 11.54 -15.61
C ILE B 205 21.77 10.05 -15.88
N ALA B 206 21.03 9.71 -16.94
CA ALA B 206 20.86 8.30 -17.33
C ALA B 206 22.20 7.70 -17.75
N SER B 207 22.94 8.41 -18.59
CA SER B 207 24.24 7.92 -19.03
C SER B 207 25.18 7.70 -17.84
N CYS B 208 25.19 8.62 -16.88
CA CYS B 208 26.06 8.45 -15.71
C CYS B 208 25.62 7.30 -14.81
N LEU B 209 24.32 7.11 -14.61
CA LEU B 209 23.88 5.97 -13.83
C LEU B 209 24.13 4.65 -14.55
N GLU B 210 24.14 4.69 -15.88
CA GLU B 210 24.54 3.50 -16.63
C GLU B 210 26.01 3.17 -16.37
N LYS B 211 26.86 4.20 -16.27
CA LYS B 211 28.28 3.98 -16.00
C LYS B 211 28.51 3.48 -14.57
N ALA B 212 27.74 3.99 -13.61
CA ALA B 212 27.83 3.46 -12.24
C ALA B 212 27.54 1.96 -12.22
N LEU B 213 26.59 1.50 -13.04
CA LEU B 213 26.25 0.08 -13.09
C LEU B 213 27.43 -0.75 -13.58
N GLN B 214 28.13 -0.27 -14.61
CA GLN B 214 29.34 -0.94 -15.04
C GLN B 214 30.33 -1.06 -13.89
N VAL B 215 30.57 0.05 -13.17
CA VAL B 215 31.50 0.04 -12.04
C VAL B 215 31.13 -1.04 -11.05
N PHE B 216 29.83 -1.19 -10.76
CA PHE B 216 29.33 -2.18 -9.82
C PHE B 216 29.88 -3.59 -10.08
N HIS B 217 30.15 -3.92 -11.36
CA HIS B 217 30.64 -5.26 -11.71
C HIS B 217 31.95 -5.61 -11.03
N GLN B 218 32.81 -4.61 -10.80
CA GLN B 218 34.07 -4.82 -10.11
C GLN B 218 33.92 -5.57 -8.80
N ILE B 219 32.72 -5.56 -8.22
CA ILE B 219 32.45 -6.27 -6.96
C ILE B 219 32.94 -7.72 -7.05
N HIS B 220 32.71 -8.39 -8.20
CA HIS B 220 33.03 -9.82 -8.31
C HIS B 220 34.53 -10.05 -8.34
N ASP B 221 35.28 -9.08 -8.83
CA ASP B 221 36.73 -9.21 -8.92
C ASP B 221 37.43 -9.08 -7.58
N HIS B 222 36.79 -8.48 -6.57
CA HIS B 222 37.52 -8.12 -5.37
C HIS B 222 36.86 -8.55 -4.08
N VAL B 223 35.73 -9.24 -4.13
CA VAL B 223 35.04 -9.70 -2.93
C VAL B 223 34.58 -11.13 -3.17
N ASN B 224 34.86 -11.97 -2.25
CA ASN B 224 34.62 -13.40 -2.22
C ASN B 224 33.45 -13.69 -1.27
N PRO B 225 32.43 -14.42 -1.72
CA PRO B 225 31.20 -14.56 -0.91
C PRO B 225 31.44 -15.21 0.43
N LYS B 226 32.36 -16.16 0.52
CA LYS B 226 32.65 -16.76 1.81
C LYS B 226 33.19 -15.71 2.78
N ALA B 227 34.12 -14.88 2.30
CA ALA B 227 34.74 -13.87 3.13
C ALA B 227 33.73 -12.81 3.54
N PHE B 228 32.86 -12.39 2.60
CA PHE B 228 31.90 -11.37 2.96
C PHE B 228 30.88 -11.89 3.95
N PHE B 229 30.16 -12.94 3.56
CA PHE B 229 29.04 -13.39 4.37
C PHE B 229 29.51 -13.94 5.70
N SER B 230 30.67 -14.56 5.74
CA SER B 230 31.03 -15.22 6.99
C SER B 230 32.04 -14.46 7.82
N VAL B 231 32.66 -13.41 7.27
CA VAL B 231 33.59 -12.62 8.07
C VAL B 231 33.16 -11.16 8.10
N LEU B 232 33.28 -10.44 6.98
CA LEU B 232 33.01 -9.01 6.96
C LEU B 232 31.62 -8.69 7.54
N ARG B 233 30.60 -9.44 7.13
CA ARG B 233 29.24 -9.23 7.60
C ARG B 233 29.13 -9.20 9.12
N ILE B 234 29.94 -10.01 9.80
CA ILE B 234 29.91 -10.05 11.26
C ILE B 234 30.23 -8.68 11.85
N TYR B 235 31.27 -8.03 11.32
CA TYR B 235 31.72 -6.78 11.90
C TYR B 235 30.88 -5.59 11.48
N LEU B 236 30.08 -5.71 10.44
CA LEU B 236 29.16 -4.63 10.07
C LEU B 236 27.78 -4.78 10.72
N SER B 237 27.53 -5.91 11.38
CA SER B 237 26.23 -6.15 12.00
C SER B 237 26.07 -5.29 13.23
N GLY B 238 24.82 -4.86 13.48
CA GLY B 238 24.50 -4.00 14.59
C GLY B 238 23.77 -4.72 15.70
N TRP B 239 23.09 -3.94 16.54
CA TRP B 239 22.32 -4.42 17.68
C TRP B 239 20.92 -3.81 17.69
N LYS B 240 20.26 -3.83 16.53
CA LYS B 240 18.85 -3.50 16.39
C LYS B 240 18.14 -4.78 16.02
N GLY B 241 17.35 -5.32 16.95
CA GLY B 241 16.73 -6.60 16.68
C GLY B 241 17.73 -7.72 16.45
N ASN B 242 18.84 -7.70 17.18
CA ASN B 242 19.79 -8.81 17.12
C ASN B 242 19.56 -9.67 18.34
N PRO B 243 19.22 -10.94 18.19
CA PRO B 243 19.02 -11.79 19.38
C PRO B 243 20.29 -11.96 20.18
N GLN B 244 21.46 -11.80 19.57
CA GLN B 244 22.73 -11.86 20.28
C GLN B 244 22.92 -10.67 21.22
N LEU B 245 22.17 -9.59 21.00
CA LEU B 245 22.22 -8.37 21.79
C LEU B 245 20.78 -7.88 21.89
N SER B 246 19.94 -8.65 22.59
CA SER B 246 18.49 -8.51 22.45
C SER B 246 17.99 -7.12 22.87
N ASP B 247 18.70 -6.46 23.78
CA ASP B 247 18.28 -5.16 24.29
C ASP B 247 19.15 -4.01 23.82
N GLY B 248 20.11 -4.28 22.96
CA GLY B 248 21.00 -3.26 22.50
C GLY B 248 22.29 -3.27 23.27
N LEU B 249 23.03 -2.17 23.14
CA LEU B 249 24.35 -2.06 23.71
C LEU B 249 24.34 -1.00 24.81
N VAL B 250 24.99 -1.31 25.91
CA VAL B 250 25.18 -0.33 26.98
C VAL B 250 26.41 0.49 26.62
N TYR B 251 26.19 1.75 26.25
CA TYR B 251 27.28 2.72 26.13
C TYR B 251 27.62 3.21 27.53
N GLU B 252 28.52 2.48 28.20
CA GLU B 252 28.84 2.72 29.59
C GLU B 252 29.24 4.17 29.83
N GLY B 253 28.59 4.79 30.81
CA GLY B 253 28.94 6.13 31.19
C GLY B 253 28.19 7.22 30.47
N PHE B 254 27.41 6.87 29.43
CA PHE B 254 26.72 7.89 28.64
C PHE B 254 25.21 7.77 28.74
N TRP B 255 24.65 6.59 28.54
CA TRP B 255 23.26 6.28 28.80
C TRP B 255 23.21 5.07 29.72
N GLU B 256 22.39 5.14 30.77
CA GLU B 256 22.37 4.05 31.75
C GLU B 256 21.86 2.75 31.13
N ASP B 257 20.79 2.82 30.28
CA ASP B 257 20.12 1.67 29.69
C ASP B 257 20.65 1.40 28.29
N PRO B 258 20.61 0.15 27.82
CA PRO B 258 21.13 -0.15 26.48
C PRO B 258 20.30 0.54 25.41
N LYS B 259 20.92 0.76 24.25
CA LYS B 259 20.23 1.30 23.09
C LYS B 259 20.51 0.45 21.85
N GLU B 260 19.52 0.40 20.97
CA GLU B 260 19.60 -0.37 19.75
C GLU B 260 19.93 0.57 18.59
N PHE B 261 20.83 0.13 17.72
CA PHE B 261 21.15 0.82 16.47
C PHE B 261 21.47 -0.24 15.43
N ALA B 262 21.13 0.06 14.19
CA ALA B 262 21.21 -0.93 13.13
C ALA B 262 22.59 -0.90 12.51
N GLY B 263 23.14 -2.09 12.26
CA GLY B 263 24.30 -2.20 11.43
C GLY B 263 23.89 -2.43 9.99
N GLY B 264 23.51 -1.36 9.30
CA GLY B 264 23.04 -1.56 7.94
C GLY B 264 23.99 -0.98 6.90
N SER B 265 25.30 -1.11 7.14
N SER B 265 25.29 -1.13 7.13
CA SER B 265 26.28 -0.33 6.39
CA SER B 265 26.28 -0.43 6.31
C SER B 265 26.00 -0.36 4.88
C SER B 265 26.12 -0.79 4.84
N ALA B 266 25.79 -1.57 4.32
N ALA B 266 25.96 0.27 4.02
CA ALA B 266 25.55 -1.70 2.89
CA ALA B 266 25.86 0.29 2.55
C ALA B 266 24.17 -1.15 2.42
C ALA B 266 24.42 0.29 2.08
N GLY B 267 23.37 -0.46 3.23
N GLY B 267 23.52 -0.32 2.85
CA GLY B 267 22.11 0.09 2.74
CA GLY B 267 22.13 0.08 2.74
C GLY B 267 21.92 1.56 3.07
C GLY B 267 21.90 1.53 3.12
N GLN B 268 22.92 2.17 3.70
CA GLN B 268 22.82 3.56 4.12
C GLN B 268 23.37 4.53 3.09
N SER B 269 23.67 4.08 1.87
CA SER B 269 24.02 4.98 0.79
C SER B 269 22.84 5.89 0.48
N SER B 270 23.14 7.15 0.16
CA SER B 270 22.12 8.13 -0.22
C SER B 270 21.81 8.09 -1.70
N VAL B 271 22.53 7.26 -2.48
CA VAL B 271 22.54 7.39 -3.92
C VAL B 271 21.20 6.96 -4.53
N PHE B 272 20.73 5.75 -4.19
CA PHE B 272 19.45 5.31 -4.75
C PHE B 272 18.34 6.27 -4.36
N GLN B 273 18.29 6.62 -3.08
CA GLN B 273 17.25 7.51 -2.60
C GLN B 273 17.41 8.90 -3.20
N CYS B 274 18.64 9.33 -3.49
CA CYS B 274 18.83 10.61 -4.15
C CYS B 274 18.08 10.67 -5.48
N PHE B 275 18.05 9.57 -6.23
CA PHE B 275 17.36 9.56 -7.51
C PHE B 275 15.93 9.04 -7.40
N ASP B 276 15.64 8.19 -6.42
CA ASP B 276 14.28 7.96 -5.97
C ASP B 276 13.53 9.28 -5.85
N VAL B 277 14.09 10.23 -5.08
CA VAL B 277 13.45 11.52 -4.88
C VAL B 277 13.42 12.34 -6.16
N LEU B 278 14.58 12.56 -6.78
CA LEU B 278 14.61 13.38 -7.99
C LEU B 278 13.54 12.95 -9.00
N LEU B 279 13.35 11.66 -9.17
CA LEU B 279 12.43 11.13 -10.16
C LEU B 279 11.00 11.02 -9.66
N GLY B 280 10.73 11.50 -8.44
CA GLY B 280 9.39 11.39 -7.89
C GLY B 280 8.90 9.99 -7.60
N ILE B 281 9.79 8.99 -7.58
CA ILE B 281 9.41 7.66 -7.10
C ILE B 281 9.11 7.73 -5.62
N GLN B 282 7.93 7.27 -5.24
CA GLN B 282 7.49 7.33 -3.85
C GLN B 282 7.71 5.96 -3.21
N GLN B 283 8.91 5.78 -2.67
CA GLN B 283 9.27 4.62 -1.87
C GLN B 283 8.95 4.85 -0.40
N THR B 284 9.44 5.97 0.15
CA THR B 284 9.19 6.32 1.54
C THR B 284 7.73 6.71 1.81
N ALA B 285 6.88 6.70 0.78
CA ALA B 285 5.44 6.91 0.97
C ALA B 285 4.79 5.58 1.33
N GLY B 286 4.11 5.56 2.47
CA GLY B 286 3.41 4.36 2.92
C GLY B 286 3.69 3.95 4.35
N GLY B 287 2.85 3.09 4.89
CA GLY B 287 3.11 2.48 6.18
C GLY B 287 3.79 1.14 6.11
N GLY B 288 3.85 0.55 4.91
CA GLY B 288 4.41 -0.77 4.73
C GLY B 288 5.87 -0.82 5.14
N HIS B 289 6.37 -2.06 5.24
CA HIS B 289 7.74 -2.29 5.66
C HIS B 289 8.75 -1.44 4.88
N ALA B 290 8.61 -1.42 3.55
CA ALA B 290 9.67 -0.86 2.69
C ALA B 290 9.86 0.62 2.93
N ALA B 291 8.77 1.38 2.98
CA ALA B 291 8.87 2.81 3.27
C ALA B 291 9.52 3.04 4.64
N GLN B 292 9.23 2.17 5.60
CA GLN B 292 9.70 2.37 6.97
C GLN B 292 11.20 2.14 7.07
N PHE B 293 11.68 1.01 6.54
CA PHE B 293 13.12 0.76 6.51
C PHE B 293 13.85 1.91 5.82
N LEU B 294 13.25 2.46 4.77
CA LEU B 294 13.94 3.48 3.99
C LEU B 294 14.03 4.80 4.75
N GLN B 295 12.96 5.18 5.46
CA GLN B 295 13.04 6.36 6.31
C GLN B 295 14.04 6.15 7.45
N ASP B 296 14.02 4.96 8.05
CA ASP B 296 14.94 4.70 9.17
C ASP B 296 16.38 4.82 8.71
N MET B 297 16.71 4.29 7.53
CA MET B 297 18.09 4.31 7.08
C MET B 297 18.62 5.73 6.91
N ARG B 298 17.74 6.72 6.80
CA ARG B 298 18.21 8.10 6.68
C ARG B 298 18.82 8.60 7.99
N ARG B 299 18.42 8.00 9.10
CA ARG B 299 19.02 8.30 10.39
C ARG B 299 20.52 8.09 10.38
N TYR B 300 21.00 7.20 9.51
CA TYR B 300 22.36 6.72 9.51
C TYR B 300 23.23 7.43 8.50
N MET B 301 22.68 8.33 7.73
CA MET B 301 23.33 9.18 6.75
C MET B 301 23.84 10.46 7.41
N PRO B 302 24.90 11.06 6.87
CA PRO B 302 25.37 12.33 7.43
C PRO B 302 24.29 13.36 7.37
N PRO B 303 24.23 14.29 8.34
CA PRO B 303 23.12 15.26 8.41
C PRO B 303 22.94 16.08 7.14
N ALA B 304 24.03 16.63 6.60
CA ALA B 304 23.95 17.39 5.35
C ALA B 304 23.38 16.55 4.22
N HIS B 305 23.57 15.23 4.25
CA HIS B 305 22.98 14.40 3.21
C HIS B 305 21.52 14.12 3.52
N ARG B 306 21.17 14.02 4.80
CA ARG B 306 19.76 14.01 5.18
C ARG B 306 19.08 15.28 4.68
N ASN B 307 19.73 16.42 4.91
CA ASN B 307 19.15 17.70 4.51
C ASN B 307 18.99 17.77 3.00
N PHE B 308 19.94 17.20 2.25
CA PHE B 308 19.88 17.26 0.80
C PHE B 308 18.69 16.50 0.25
N LEU B 309 18.43 15.31 0.79
CA LEU B 309 17.26 14.57 0.31
C LEU B 309 15.96 15.28 0.68
N CYS B 310 15.96 16.04 1.77
CA CYS B 310 14.80 16.86 2.15
C CYS B 310 14.55 17.94 1.12
N SER B 311 15.58 18.76 0.86
CA SER B 311 15.48 19.81 -0.15
C SER B 311 14.97 19.28 -1.48
N LEU B 312 15.45 18.11 -1.90
CA LEU B 312 14.92 17.49 -3.11
C LEU B 312 13.43 17.21 -3.02
N GLU B 313 12.95 16.66 -1.88
CA GLU B 313 11.51 16.46 -1.70
C GLU B 313 10.75 17.78 -1.65
N SER B 314 11.40 18.85 -1.18
CA SER B 314 10.79 20.16 -1.07
C SER B 314 10.95 20.98 -2.35
N ASN B 315 11.11 20.32 -3.49
CA ASN B 315 11.28 20.92 -4.80
C ASN B 315 10.18 20.45 -5.73
N PRO B 316 9.86 21.22 -6.77
CA PRO B 316 8.80 20.80 -7.69
C PRO B 316 9.12 19.48 -8.37
N SER B 317 8.10 18.67 -8.58
CA SER B 317 8.29 17.31 -9.07
C SER B 317 8.76 17.31 -10.53
N VAL B 318 9.86 16.61 -10.79
CA VAL B 318 10.30 16.37 -12.17
C VAL B 318 9.30 15.51 -12.90
N ARG B 319 8.81 14.44 -12.25
CA ARG B 319 7.84 13.57 -12.90
C ARG B 319 6.61 14.35 -13.34
N GLU B 320 6.14 15.27 -12.48
CA GLU B 320 4.96 16.07 -12.79
C GLU B 320 5.20 16.94 -14.02
N PHE B 321 6.21 17.82 -13.95
CA PHE B 321 6.64 18.62 -15.08
C PHE B 321 6.67 17.83 -16.37
N VAL B 322 7.52 16.80 -16.43
CA VAL B 322 7.60 15.95 -17.61
C VAL B 322 6.21 15.43 -17.98
N LEU B 323 5.43 15.04 -16.98
CA LEU B 323 4.13 14.47 -17.28
C LEU B 323 3.17 15.49 -17.88
N SER B 324 3.40 16.78 -17.59
CA SER B 324 2.47 17.84 -17.94
C SER B 324 2.78 18.51 -19.26
N LYS B 325 3.65 17.93 -20.08
CA LYS B 325 4.16 18.68 -21.22
C LYS B 325 3.77 18.11 -22.56
N GLY B 326 3.14 16.93 -22.59
CA GLY B 326 2.84 16.24 -23.83
C GLY B 326 4.04 16.15 -24.74
N ASP B 327 5.18 15.74 -24.17
CA ASP B 327 6.50 15.83 -24.81
C ASP B 327 7.16 14.46 -24.73
N ALA B 328 7.04 13.66 -25.79
CA ALA B 328 7.59 12.31 -25.78
C ALA B 328 9.09 12.27 -25.57
N GLY B 329 9.83 13.27 -26.08
CA GLY B 329 11.26 13.33 -25.82
C GLY B 329 11.58 13.46 -24.33
N LEU B 330 10.85 14.34 -23.63
CA LEU B 330 11.02 14.47 -22.19
C LEU B 330 10.66 13.19 -21.45
N ARG B 331 9.69 12.43 -21.96
CA ARG B 331 9.31 11.20 -21.28
C ARG B 331 10.33 10.11 -21.48
N GLU B 332 10.90 10.03 -22.69
CA GLU B 332 11.96 9.05 -22.96
C GLU B 332 13.16 9.29 -22.04
N ALA B 333 13.65 10.53 -22.00
CA ALA B 333 14.78 10.86 -21.15
C ALA B 333 14.48 10.58 -19.68
N TYR B 334 13.28 10.91 -19.22
CA TYR B 334 12.90 10.59 -17.85
C TYR B 334 12.94 9.09 -17.63
N ASP B 335 12.43 8.32 -18.61
CA ASP B 335 12.42 6.87 -18.51
C ASP B 335 13.81 6.29 -18.55
N ALA B 336 14.72 6.94 -19.27
CA ALA B 336 16.11 6.48 -19.31
C ALA B 336 16.74 6.52 -17.91
N CYS B 337 16.29 7.46 -17.07
CA CYS B 337 16.74 7.51 -15.69
C CYS B 337 16.08 6.43 -14.85
N VAL B 338 14.74 6.36 -14.87
CA VAL B 338 14.05 5.29 -14.14
C VAL B 338 14.61 3.93 -14.53
N LYS B 339 14.82 3.70 -15.83
CA LYS B 339 15.34 2.42 -16.30
C LYS B 339 16.74 2.15 -15.77
N ALA B 340 17.57 3.20 -15.64
CA ALA B 340 18.91 2.98 -15.11
C ALA B 340 18.88 2.68 -13.62
N LEU B 341 17.90 3.26 -12.90
CA LEU B 341 17.76 2.99 -11.47
C LEU B 341 17.18 1.60 -11.23
N VAL B 342 16.33 1.12 -12.13
CA VAL B 342 15.84 -0.26 -12.02
C VAL B 342 16.96 -1.25 -12.28
N SER B 343 17.82 -0.94 -13.26
CA SER B 343 18.93 -1.83 -13.58
C SER B 343 19.86 -1.98 -12.38
N LEU B 344 20.20 -0.86 -11.74
CA LEU B 344 21.07 -0.89 -10.57
C LEU B 344 20.47 -1.78 -9.48
N ARG B 345 19.21 -1.53 -9.10
CA ARG B 345 18.57 -2.32 -8.05
C ARG B 345 18.45 -3.80 -8.46
N SER B 346 18.20 -4.06 -9.75
CA SER B 346 18.17 -5.43 -10.23
C SER B 346 19.55 -6.07 -10.13
N TYR B 347 20.60 -5.34 -10.48
CA TYR B 347 21.95 -5.88 -10.31
C TYR B 347 22.27 -6.06 -8.84
N HIS B 348 21.85 -5.12 -8.00
CA HIS B 348 22.06 -5.22 -6.57
C HIS B 348 21.32 -6.41 -5.97
N LEU B 349 20.18 -6.78 -6.56
CA LEU B 349 19.50 -8.00 -6.17
C LEU B 349 20.39 -9.22 -6.36
N GLN B 350 20.95 -9.36 -7.58
CA GLN B 350 21.86 -10.47 -7.90
C GLN B 350 23.07 -10.49 -6.97
N ILE B 351 23.66 -9.32 -6.70
CA ILE B 351 24.76 -9.25 -5.74
C ILE B 351 24.35 -9.85 -4.41
N VAL B 352 23.19 -9.44 -3.91
CA VAL B 352 22.75 -9.89 -2.59
C VAL B 352 22.49 -11.39 -2.62
N THR B 353 21.95 -11.89 -3.73
CA THR B 353 21.80 -13.33 -3.87
C THR B 353 23.15 -14.03 -3.72
N LYS B 354 24.16 -13.55 -4.44
CA LYS B 354 25.47 -14.19 -4.45
C LYS B 354 26.20 -14.06 -3.10
N TYR B 355 26.06 -12.91 -2.41
CA TYR B 355 26.87 -12.63 -1.24
C TYR B 355 26.15 -12.80 0.10
N ILE B 356 24.82 -12.79 0.13
CA ILE B 356 24.06 -13.12 1.33
C ILE B 356 23.38 -14.48 1.21
N LEU B 357 22.62 -14.70 0.14
CA LEU B 357 21.61 -15.77 0.16
C LEU B 357 22.16 -17.14 -0.14
N ILE B 358 23.06 -17.27 -1.12
CA ILE B 358 23.72 -18.55 -1.33
C ILE B 358 24.53 -18.99 -0.12
N PRO B 359 25.46 -18.19 0.43
CA PRO B 359 26.20 -18.66 1.62
C PRO B 359 25.31 -18.89 2.84
N ALA B 360 24.18 -18.17 2.96
CA ALA B 360 23.28 -18.42 4.09
C ALA B 360 22.62 -19.78 3.95
N SER B 361 22.14 -20.11 2.75
CA SER B 361 21.47 -21.39 2.52
C SER B 361 22.41 -22.58 2.71
N GLN B 362 23.71 -22.41 2.42
CA GLN B 362 24.65 -23.51 2.62
C GLN B 362 24.66 -23.95 4.06
N GLN B 363 24.97 -23.02 4.95
CA GLN B 363 24.87 -23.18 6.40
C GLN B 363 25.17 -21.83 7.01
N PRO B 364 24.16 -21.14 7.60
CA PRO B 364 24.38 -19.78 8.10
C PRO B 364 25.41 -19.74 9.23
N LEU B 376 15.12 -16.11 -0.21
CA LEU B 376 15.32 -17.56 -0.14
C LEU B 376 14.66 -18.17 1.09
N GLU B 377 15.21 -19.29 1.56
CA GLU B 377 14.57 -20.16 2.55
C GLU B 377 14.28 -19.48 3.88
N ALA B 378 15.33 -19.08 4.61
CA ALA B 378 15.19 -18.65 6.00
C ALA B 378 14.14 -17.55 6.13
N LYS B 379 13.56 -17.45 7.33
CA LYS B 379 12.36 -16.63 7.55
C LYS B 379 12.54 -15.19 7.07
N GLY B 380 13.68 -14.57 7.36
CA GLY B 380 13.84 -13.16 7.07
C GLY B 380 15.10 -12.78 6.32
N THR B 381 16.10 -12.29 7.06
CA THR B 381 17.36 -11.85 6.47
C THR B 381 18.19 -13.01 5.92
N GLY B 382 17.87 -14.26 6.28
CA GLY B 382 18.42 -15.38 5.57
C GLY B 382 17.80 -15.60 4.19
N GLY B 383 16.78 -14.82 3.85
CA GLY B 383 16.18 -14.89 2.53
C GLY B 383 14.92 -14.06 2.35
N THR B 384 13.78 -14.70 2.63
CA THR B 384 12.44 -14.23 2.22
C THR B 384 12.22 -12.73 2.42
N ASP B 385 12.31 -12.26 3.66
CA ASP B 385 11.98 -10.86 3.92
C ASP B 385 13.04 -9.92 3.38
N LEU B 386 14.30 -10.35 3.33
CA LEU B 386 15.32 -9.49 2.74
C LEU B 386 15.15 -9.38 1.24
N MET B 387 14.72 -10.48 0.59
CA MET B 387 14.37 -10.42 -0.83
C MET B 387 13.10 -9.62 -1.06
N ASN B 388 12.04 -9.93 -0.31
CA ASN B 388 10.78 -9.23 -0.50
C ASN B 388 10.95 -7.72 -0.38
N PHE B 389 11.78 -7.26 0.55
CA PHE B 389 12.00 -5.83 0.66
C PHE B 389 12.71 -5.29 -0.57
N LEU B 390 13.87 -5.87 -0.90
CA LEU B 390 14.65 -5.40 -2.05
C LEU B 390 13.88 -5.58 -3.35
N LYS B 391 13.13 -6.68 -3.47
CA LYS B 391 12.29 -6.86 -4.64
C LYS B 391 11.18 -5.83 -4.71
N THR B 392 10.60 -5.47 -3.55
CA THR B 392 9.51 -4.50 -3.56
C THR B 392 10.00 -3.12 -3.96
N VAL B 393 11.16 -2.71 -3.44
CA VAL B 393 11.72 -1.40 -3.77
C VAL B 393 11.92 -1.30 -5.29
N ARG B 394 12.42 -2.37 -5.92
CA ARG B 394 12.63 -2.34 -7.36
C ARG B 394 11.32 -2.30 -8.14
N SER B 395 10.31 -3.07 -7.71
CA SER B 395 9.01 -3.06 -8.36
C SER B 395 8.43 -1.66 -8.38
N THR B 396 8.41 -1.02 -7.22
CA THR B 396 7.95 0.37 -7.11
C THR B 396 8.73 1.26 -8.05
N THR B 397 10.04 1.04 -8.20
CA THR B 397 10.82 1.82 -9.16
C THR B 397 10.41 1.50 -10.58
N GLU B 398 10.30 0.21 -10.93
CA GLU B 398 9.96 -0.16 -12.30
C GLU B 398 8.60 0.40 -12.70
N LYS B 399 7.65 0.40 -11.76
CA LYS B 399 6.30 0.93 -11.99
C LYS B 399 6.22 2.45 -12.01
N SER B 400 7.34 3.17 -12.08
CA SER B 400 7.34 4.60 -12.34
C SER B 400 7.63 4.92 -13.79
N LEU B 401 7.95 3.92 -14.61
CA LEU B 401 8.19 4.12 -16.04
C LEU B 401 6.95 4.73 -16.68
N LEU B 402 7.12 5.92 -17.28
CA LEU B 402 6.02 6.57 -17.96
C LEU B 402 5.53 5.79 -19.17
N LYS B 403 6.27 4.75 -19.59
CA LYS B 403 5.91 3.88 -20.71
C LYS B 403 5.29 4.68 -21.86
N GLU B 404 5.97 5.77 -22.21
CA GLU B 404 5.43 6.75 -23.15
C GLU B 404 6.53 7.67 -23.71
N ALA C 15 -24.47 10.53 -22.51
CA ALA C 15 -23.09 10.21 -22.81
C ALA C 15 -22.96 8.85 -23.51
N ALA C 16 -21.74 8.47 -23.87
CA ALA C 16 -21.49 7.08 -24.26
C ALA C 16 -21.59 6.14 -23.07
N TYR C 17 -21.67 6.69 -21.86
CA TYR C 17 -21.80 5.91 -20.64
C TYR C 17 -23.25 5.75 -20.23
N HIS C 18 -24.18 6.10 -21.11
CA HIS C 18 -25.61 6.00 -20.86
C HIS C 18 -25.95 6.67 -19.54
N ILE C 19 -25.52 7.93 -19.43
CA ILE C 19 -25.80 8.75 -18.27
C ILE C 19 -26.65 9.92 -18.74
N ASP C 20 -27.87 10.01 -18.22
CA ASP C 20 -28.80 11.08 -18.55
C ASP C 20 -28.61 12.29 -17.62
N GLU C 21 -28.77 13.51 -18.17
CA GLU C 21 -28.60 14.70 -17.32
C GLU C 21 -29.68 14.80 -16.26
N GLU C 22 -30.87 14.28 -16.55
CA GLU C 22 -32.02 14.43 -15.67
C GLU C 22 -32.15 13.26 -14.71
N VAL C 23 -32.01 12.03 -15.20
CA VAL C 23 -32.18 10.85 -14.35
C VAL C 23 -30.88 10.13 -14.08
N GLY C 24 -29.75 10.61 -14.60
CA GLY C 24 -28.48 10.04 -14.18
C GLY C 24 -28.28 8.61 -14.62
N PHE C 25 -28.07 7.71 -13.65
CA PHE C 25 -27.90 6.30 -13.96
C PHE C 25 -29.22 5.61 -14.28
N ALA C 26 -30.34 6.25 -13.95
CA ALA C 26 -31.63 5.67 -14.25
C ALA C 26 -31.83 5.67 -15.75
N LEU C 27 -32.73 4.79 -16.21
CA LEU C 27 -33.03 4.69 -17.63
C LEU C 27 -34.09 5.72 -17.99
N PRO C 28 -33.79 6.71 -18.83
CA PRO C 28 -34.79 7.74 -19.13
C PRO C 28 -35.97 7.15 -19.88
N ASN C 29 -37.18 7.54 -19.46
CA ASN C 29 -38.43 7.08 -20.07
C ASN C 29 -38.43 5.59 -20.37
N PRO C 30 -38.48 4.74 -19.35
CA PRO C 30 -38.48 3.31 -19.60
C PRO C 30 -39.67 2.89 -20.46
N GLN C 31 -39.46 1.84 -21.24
CA GLN C 31 -40.52 1.31 -22.06
C GLN C 31 -41.48 0.52 -21.19
N GLU C 32 -42.77 0.62 -21.52
CA GLU C 32 -43.79 -0.06 -20.74
C GLU C 32 -44.38 -1.27 -21.43
N ASN C 33 -44.21 -1.40 -22.75
CA ASN C 33 -44.91 -2.44 -23.48
C ASN C 33 -43.91 -3.27 -24.24
N LEU C 34 -43.99 -4.59 -24.12
CA LEU C 34 -43.25 -5.45 -25.02
C LEU C 34 -44.08 -5.73 -26.25
N PRO C 35 -43.48 -6.16 -27.35
CA PRO C 35 -44.29 -6.59 -28.50
C PRO C 35 -45.28 -7.68 -28.08
N ASP C 36 -46.36 -7.78 -28.85
CA ASP C 36 -47.41 -8.75 -28.52
C ASP C 36 -46.90 -10.18 -28.50
N PHE C 37 -45.81 -10.43 -29.23
CA PHE C 37 -45.21 -11.76 -29.28
C PHE C 37 -44.85 -12.27 -27.88
N TYR C 38 -44.61 -11.36 -26.92
CA TYR C 38 -44.20 -11.70 -25.56
C TYR C 38 -45.31 -11.52 -24.53
N ASN C 39 -46.57 -11.49 -24.95
CA ASN C 39 -47.66 -11.23 -24.02
C ASN C 39 -47.72 -12.26 -22.90
N ASP C 40 -47.41 -13.52 -23.20
CA ASP C 40 -47.43 -14.55 -22.17
C ASP C 40 -46.52 -14.19 -21.01
N TRP C 41 -45.35 -13.62 -21.30
CA TRP C 41 -44.47 -13.17 -20.22
C TRP C 41 -45.08 -11.98 -19.52
N MET C 42 -45.45 -10.96 -20.30
CA MET C 42 -45.94 -9.72 -19.73
C MET C 42 -47.14 -9.97 -18.82
N PHE C 43 -48.02 -10.89 -19.23
CA PHE C 43 -49.20 -11.16 -18.44
C PHE C 43 -48.85 -11.75 -17.08
N ILE C 44 -47.91 -12.70 -17.05
CA ILE C 44 -47.47 -13.28 -15.78
C ILE C 44 -46.83 -12.23 -14.89
N ALA C 45 -46.00 -11.37 -15.48
CA ALA C 45 -45.30 -10.38 -14.67
C ALA C 45 -46.27 -9.34 -14.13
N LYS C 46 -47.29 -9.01 -14.91
CA LYS C 46 -48.26 -8.02 -14.44
C LYS C 46 -49.15 -8.54 -13.32
N HIS C 47 -49.28 -9.87 -13.16
CA HIS C 47 -50.23 -10.42 -12.19
C HIS C 47 -49.57 -11.25 -11.09
N LEU C 48 -48.30 -10.95 -10.79
CA LEU C 48 -47.59 -11.70 -9.77
C LEU C 48 -48.29 -11.69 -8.42
N PRO C 49 -48.78 -10.55 -7.90
CA PRO C 49 -49.45 -10.57 -6.59
C PRO C 49 -50.55 -11.62 -6.49
N ASP C 50 -51.40 -11.75 -7.52
CA ASP C 50 -52.45 -12.76 -7.43
C ASP C 50 -51.95 -14.14 -7.78
N LEU C 51 -51.14 -14.28 -8.83
CA LEU C 51 -50.68 -15.61 -9.21
C LEU C 51 -49.87 -16.24 -8.09
N ILE C 52 -49.06 -15.46 -7.38
CA ILE C 52 -48.38 -16.01 -6.22
C ILE C 52 -49.38 -16.32 -5.11
N GLU C 53 -50.22 -15.35 -4.74
CA GLU C 53 -51.16 -15.53 -3.65
C GLU C 53 -51.96 -16.81 -3.81
N SER C 54 -52.46 -17.07 -5.02
CA SER C 54 -53.30 -18.21 -5.30
C SER C 54 -52.52 -19.47 -5.65
N GLY C 55 -51.18 -19.45 -5.54
CA GLY C 55 -50.40 -20.65 -5.81
C GLY C 55 -50.49 -21.15 -7.23
N GLN C 56 -50.65 -20.26 -8.21
CA GLN C 56 -50.71 -20.69 -9.59
C GLN C 56 -49.52 -20.23 -10.42
N LEU C 57 -48.62 -19.44 -9.85
CA LEU C 57 -47.58 -18.80 -10.64
C LEU C 57 -46.62 -19.82 -11.24
N ARG C 58 -46.14 -20.77 -10.43
CA ARG C 58 -45.19 -21.75 -10.92
C ARG C 58 -45.80 -22.59 -12.03
N GLU C 59 -47.07 -22.95 -11.87
CA GLU C 59 -47.77 -23.68 -12.92
C GLU C 59 -47.82 -22.89 -14.22
N ARG C 60 -48.08 -21.58 -14.15
CA ARG C 60 -48.09 -20.76 -15.36
C ARG C 60 -46.72 -20.70 -16.01
N VAL C 61 -45.66 -20.57 -15.22
CA VAL C 61 -44.32 -20.53 -15.80
C VAL C 61 -43.99 -21.87 -16.45
N GLU C 62 -44.34 -22.97 -15.80
CA GLU C 62 -44.05 -24.30 -16.33
C GLU C 62 -44.81 -24.57 -17.62
N LYS C 63 -45.96 -23.90 -17.83
CA LYS C 63 -46.72 -24.12 -19.06
C LYS C 63 -46.27 -23.22 -20.21
N LEU C 64 -45.39 -22.25 -19.95
CA LEU C 64 -44.92 -21.36 -20.99
C LEU C 64 -44.22 -22.10 -22.14
N ASN C 65 -44.45 -21.63 -23.35
CA ASN C 65 -43.61 -22.04 -24.46
C ASN C 65 -42.31 -21.25 -24.45
N MET C 66 -41.35 -21.68 -25.25
CA MET C 66 -40.10 -20.95 -25.35
C MET C 66 -40.23 -19.87 -26.40
N LEU C 67 -40.05 -18.62 -25.99
CA LEU C 67 -40.18 -17.48 -26.87
C LEU C 67 -38.79 -16.98 -27.22
N SER C 68 -38.47 -16.98 -28.51
CA SER C 68 -37.20 -16.45 -28.97
C SER C 68 -37.07 -14.98 -28.60
N ILE C 69 -35.85 -14.55 -28.32
CA ILE C 69 -35.64 -13.18 -27.91
C ILE C 69 -35.39 -12.31 -29.13
N ASP C 70 -35.61 -12.87 -30.33
CA ASP C 70 -35.18 -12.20 -31.55
C ASP C 70 -35.97 -10.94 -31.85
N HIS C 71 -37.17 -10.82 -31.28
CA HIS C 71 -38.10 -9.74 -31.56
C HIS C 71 -37.97 -8.58 -30.59
N LEU C 72 -36.90 -8.52 -29.80
CA LEU C 72 -36.60 -7.37 -28.97
C LEU C 72 -35.51 -6.59 -29.69
N THR C 73 -35.89 -5.49 -30.33
CA THR C 73 -35.00 -4.84 -31.30
C THR C 73 -34.39 -3.54 -30.83
N ASP C 74 -34.54 -3.18 -29.57
CA ASP C 74 -33.87 -1.99 -29.07
C ASP C 74 -33.57 -2.16 -27.59
N HIS C 75 -32.77 -1.24 -27.07
CA HIS C 75 -32.26 -1.38 -25.72
C HIS C 75 -33.38 -1.26 -24.68
N LYS C 76 -34.33 -0.35 -24.86
CA LYS C 76 -35.43 -0.22 -23.90
C LYS C 76 -36.27 -1.49 -23.87
N SER C 77 -36.48 -2.11 -25.04
CA SER C 77 -37.20 -3.38 -25.12
C SER C 77 -36.46 -4.47 -24.37
N GLN C 78 -35.13 -4.56 -24.57
CA GLN C 78 -34.35 -5.56 -23.86
C GLN C 78 -34.36 -5.30 -22.35
N ARG C 79 -34.25 -4.03 -21.94
CA ARG C 79 -34.32 -3.73 -20.52
C ARG C 79 -35.68 -4.11 -19.93
N LEU C 80 -36.76 -3.72 -20.62
CA LEU C 80 -38.08 -4.08 -20.12
C LEU C 80 -38.23 -5.59 -20.01
N ALA C 81 -37.77 -6.32 -21.03
CA ALA C 81 -37.85 -7.79 -21.00
C ALA C 81 -36.99 -8.38 -19.88
N ARG C 82 -35.80 -7.79 -19.61
CA ARG C 82 -35.01 -8.24 -18.46
C ARG C 82 -35.80 -8.08 -17.17
N LEU C 83 -36.46 -6.94 -17.00
CA LEU C 83 -37.25 -6.69 -15.81
C LEU C 83 -38.38 -7.69 -15.69
N VAL C 84 -39.11 -7.91 -16.78
CA VAL C 84 -40.22 -8.87 -16.79
C VAL C 84 -39.72 -10.26 -16.40
N LEU C 85 -38.73 -10.76 -17.14
CA LEU C 85 -38.19 -12.09 -16.90
C LEU C 85 -37.55 -12.19 -15.53
N GLY C 86 -36.93 -11.09 -15.07
CA GLY C 86 -36.34 -11.11 -13.74
C GLY C 86 -37.39 -11.22 -12.66
N CYS C 87 -38.49 -10.49 -12.80
CA CYS C 87 -39.53 -10.61 -11.79
C CYS C 87 -40.15 -12.00 -11.81
N ILE C 88 -40.41 -12.54 -13.01
CA ILE C 88 -40.93 -13.91 -13.09
C ILE C 88 -39.97 -14.89 -12.43
N THR C 89 -38.66 -14.70 -12.64
CA THR C 89 -37.69 -15.62 -12.07
C THR C 89 -37.69 -15.57 -10.54
N MET C 90 -37.66 -14.36 -9.96
CA MET C 90 -37.74 -14.22 -8.51
C MET C 90 -39.02 -14.86 -7.98
N ALA C 91 -40.17 -14.52 -8.59
CA ALA C 91 -41.44 -15.11 -8.17
C ALA C 91 -41.39 -16.62 -8.26
N TYR C 92 -40.77 -17.15 -9.31
CA TYR C 92 -40.76 -18.60 -9.50
C TYR C 92 -39.90 -19.29 -8.46
N VAL C 93 -38.71 -18.75 -8.21
CA VAL C 93 -37.76 -19.41 -7.31
C VAL C 93 -38.28 -19.39 -5.87
N TRP C 94 -38.73 -18.21 -5.41
CA TRP C 94 -39.13 -18.03 -4.02
C TRP C 94 -40.60 -18.33 -3.75
N GLY C 95 -41.46 -18.37 -4.78
CA GLY C 95 -42.85 -18.79 -4.56
C GLY C 95 -43.55 -17.86 -3.57
N LYS C 96 -44.17 -18.44 -2.55
CA LYS C 96 -44.89 -17.61 -1.58
C LYS C 96 -43.94 -16.97 -0.58
N GLY C 97 -42.66 -17.27 -0.67
CA GLY C 97 -41.68 -16.62 0.17
C GLY C 97 -41.66 -17.08 1.59
N HIS C 98 -42.00 -18.35 1.85
CA HIS C 98 -41.94 -18.90 3.20
C HIS C 98 -41.08 -20.15 3.28
N GLY C 99 -40.28 -20.43 2.26
CA GLY C 99 -39.29 -21.50 2.32
C GLY C 99 -39.44 -22.59 1.27
N ASP C 100 -40.57 -22.68 0.56
CA ASP C 100 -40.75 -23.72 -0.45
C ASP C 100 -40.19 -23.17 -1.77
N VAL C 101 -38.97 -23.57 -2.10
CA VAL C 101 -38.22 -22.95 -3.18
C VAL C 101 -38.16 -23.90 -4.38
N ARG C 102 -37.69 -23.36 -5.49
CA ARG C 102 -37.40 -24.15 -6.67
C ARG C 102 -35.94 -23.93 -7.02
N LYS C 103 -35.25 -25.04 -7.32
CA LYS C 103 -33.82 -25.02 -7.57
C LYS C 103 -33.51 -25.11 -9.05
N VAL C 104 -34.53 -25.26 -9.90
CA VAL C 104 -34.37 -25.37 -11.34
C VAL C 104 -35.28 -24.35 -12.00
N LEU C 105 -34.69 -23.41 -12.71
CA LEU C 105 -35.45 -22.47 -13.52
C LEU C 105 -35.82 -23.15 -14.83
N PRO C 106 -37.11 -23.36 -15.10
CA PRO C 106 -37.50 -24.13 -16.30
C PRO C 106 -36.90 -23.57 -17.58
N ARG C 107 -36.57 -24.51 -18.49
CA ARG C 107 -35.91 -24.21 -19.76
C ARG C 107 -36.52 -23.04 -20.51
N ASN C 108 -37.82 -23.06 -20.65
CA ASN C 108 -38.45 -22.12 -21.57
C ASN C 108 -38.38 -20.69 -21.07
N ILE C 109 -37.85 -20.45 -19.88
CA ILE C 109 -37.64 -19.10 -19.41
C ILE C 109 -36.15 -18.91 -19.10
N ALA C 110 -35.50 -19.96 -18.62
CA ALA C 110 -34.05 -19.91 -18.40
C ALA C 110 -33.25 -19.58 -19.67
N VAL C 111 -33.63 -20.17 -20.81
CA VAL C 111 -32.81 -19.98 -22.00
C VAL C 111 -32.95 -18.54 -22.51
N PRO C 112 -34.16 -18.01 -22.77
CA PRO C 112 -34.21 -16.63 -23.28
C PRO C 112 -33.71 -15.59 -22.27
N TYR C 113 -33.96 -15.81 -20.97
CA TYR C 113 -33.41 -14.93 -19.96
C TYR C 113 -31.89 -14.89 -20.02
N CYS C 114 -31.26 -16.05 -20.19
CA CYS C 114 -29.80 -16.11 -20.20
C CYS C 114 -29.23 -15.55 -21.50
N GLN C 115 -29.92 -15.78 -22.62
CA GLN C 115 -29.43 -15.23 -23.88
C GLN C 115 -29.49 -13.72 -23.86
N LEU C 116 -30.58 -13.18 -23.31
CA LEU C 116 -30.79 -11.75 -23.25
C LEU C 116 -29.88 -11.11 -22.21
N SER C 117 -29.72 -11.75 -21.04
CA SER C 117 -28.76 -11.29 -20.06
C SER C 117 -27.34 -11.21 -20.64
N ALA C 118 -26.98 -12.16 -21.51
CA ALA C 118 -25.65 -12.16 -22.12
C ALA C 118 -25.49 -11.02 -23.11
N ALA C 119 -26.54 -10.74 -23.89
CA ALA C 119 -26.51 -9.61 -24.81
C ALA C 119 -26.40 -8.26 -24.06
N LEU C 120 -26.93 -8.20 -22.85
CA LEU C 120 -26.89 -6.98 -22.04
C LEU C 120 -25.76 -6.98 -21.03
N GLU C 121 -24.98 -8.07 -20.96
CA GLU C 121 -23.78 -8.14 -20.11
C GLU C 121 -24.16 -7.91 -18.67
N LEU C 122 -25.29 -8.50 -18.27
CA LEU C 122 -25.79 -8.55 -16.91
C LEU C 122 -26.03 -9.99 -16.52
N PRO C 123 -25.88 -10.33 -15.24
CA PRO C 123 -26.14 -11.69 -14.79
C PRO C 123 -27.61 -12.03 -14.89
N PRO C 124 -27.96 -13.31 -15.07
CA PRO C 124 -29.38 -13.70 -15.19
C PRO C 124 -30.09 -13.72 -13.84
N ILE C 125 -30.10 -12.55 -13.19
CA ILE C 125 -30.87 -12.35 -11.96
C ILE C 125 -31.35 -10.91 -11.96
N LEU C 126 -32.47 -10.67 -11.28
CA LEU C 126 -32.99 -9.32 -11.09
C LEU C 126 -31.99 -8.45 -10.35
N VAL C 127 -31.62 -7.32 -10.94
CA VAL C 127 -30.68 -6.42 -10.32
C VAL C 127 -31.30 -5.02 -10.21
N TYR C 128 -30.60 -4.18 -9.45
CA TYR C 128 -30.98 -2.79 -9.24
C TYR C 128 -31.29 -2.06 -10.52
N ALA C 129 -30.52 -2.33 -11.57
CA ALA C 129 -30.80 -1.69 -12.85
C ALA C 129 -32.11 -2.18 -13.46
N ASP C 130 -32.65 -3.32 -13.00
CA ASP C 130 -33.97 -3.73 -13.46
C ASP C 130 -35.08 -3.13 -12.57
N CYS C 131 -35.12 -3.51 -11.29
CA CYS C 131 -36.30 -3.25 -10.49
C CYS C 131 -36.36 -1.81 -9.98
N VAL C 132 -35.31 -1.02 -10.18
CA VAL C 132 -35.35 0.40 -9.84
C VAL C 132 -35.10 1.26 -11.08
N LEU C 133 -33.97 1.09 -11.76
CA LEU C 133 -33.60 2.08 -12.78
C LEU C 133 -34.46 2.00 -14.05
N ALA C 134 -35.12 0.86 -14.29
CA ALA C 134 -35.94 0.68 -15.49
C ALA C 134 -37.40 0.41 -15.15
N ASN C 135 -37.78 0.50 -13.87
CA ASN C 135 -39.06 0.02 -13.39
C ASN C 135 -39.97 1.16 -12.99
N TRP C 136 -40.06 2.18 -13.84
CA TRP C 136 -40.82 3.36 -13.46
C TRP C 136 -41.51 4.00 -14.66
N LYS C 137 -42.48 4.87 -14.36
CA LYS C 137 -43.16 5.71 -15.33
C LYS C 137 -43.63 6.97 -14.64
N LYS C 138 -43.79 8.03 -15.42
CA LYS C 138 -44.52 9.20 -14.97
C LYS C 138 -46.02 8.94 -15.14
N LYS C 139 -46.82 9.31 -14.12
CA LYS C 139 -48.28 9.20 -14.29
C LYS C 139 -48.81 10.19 -15.32
N ASP C 140 -48.29 11.42 -15.34
CA ASP C 140 -48.48 12.31 -16.48
C ASP C 140 -47.12 12.84 -16.93
N PRO C 141 -46.81 12.79 -18.23
CA PRO C 141 -45.50 13.22 -18.72
C PRO C 141 -45.21 14.71 -18.53
N ASN C 142 -46.23 15.54 -18.34
CA ASN C 142 -46.01 16.98 -18.28
C ASN C 142 -45.85 17.53 -16.87
N LYS C 143 -46.05 16.71 -15.82
CA LYS C 143 -45.60 17.09 -14.48
C LYS C 143 -44.20 16.56 -14.18
N PRO C 144 -43.55 17.04 -13.12
CA PRO C 144 -42.13 16.74 -12.91
C PRO C 144 -41.92 15.38 -12.23
N LEU C 145 -40.64 15.06 -12.02
CA LEU C 145 -40.24 13.76 -11.45
C LEU C 145 -40.41 13.80 -9.95
N THR C 146 -41.56 13.31 -9.50
CA THR C 146 -42.09 13.54 -8.17
C THR C 146 -42.81 12.28 -7.76
N TYR C 147 -42.60 11.83 -6.51
CA TYR C 147 -43.24 10.60 -6.07
C TYR C 147 -44.72 10.55 -6.46
N GLU C 148 -45.46 11.64 -6.20
CA GLU C 148 -46.90 11.63 -6.44
C GLU C 148 -47.24 11.51 -7.91
N ASN C 149 -46.29 11.76 -8.80
CA ASN C 149 -46.47 11.67 -10.24
C ASN C 149 -45.84 10.42 -10.85
N MET C 150 -45.42 9.46 -10.04
CA MET C 150 -44.68 8.33 -10.58
C MET C 150 -45.24 7.01 -10.05
N ASP C 151 -45.02 5.97 -10.83
CA ASP C 151 -45.44 4.63 -10.44
C ASP C 151 -44.39 3.66 -10.94
N VAL C 152 -44.32 2.49 -10.29
CA VAL C 152 -43.48 1.41 -10.76
C VAL C 152 -44.26 0.61 -11.79
N LEU C 153 -43.57 -0.29 -12.50
CA LEU C 153 -44.20 -1.13 -13.50
C LEU C 153 -44.54 -2.51 -12.98
N PHE C 154 -43.81 -3.00 -11.98
CA PHE C 154 -44.00 -4.35 -11.48
C PHE C 154 -43.82 -4.41 -9.98
N SER C 155 -44.63 -5.25 -9.35
CA SER C 155 -44.59 -5.54 -7.93
C SER C 155 -44.59 -7.05 -7.74
N PHE C 156 -44.27 -7.50 -6.53
CA PHE C 156 -44.35 -8.93 -6.22
C PHE C 156 -45.64 -9.30 -5.49
N ARG C 157 -45.91 -8.66 -4.35
CA ARG C 157 -47.04 -9.01 -3.52
C ARG C 157 -47.78 -7.74 -3.11
N ASP C 158 -49.09 -7.88 -2.89
CA ASP C 158 -49.84 -6.77 -2.31
C ASP C 158 -49.25 -6.42 -0.97
N GLY C 159 -49.02 -5.12 -0.77
CA GLY C 159 -48.42 -4.66 0.47
C GLY C 159 -46.94 -4.91 0.61
N ASP C 160 -46.22 -5.26 -0.45
CA ASP C 160 -44.80 -5.49 -0.30
C ASP C 160 -44.00 -4.19 -0.28
N CYS C 161 -44.65 -3.05 -0.49
CA CYS C 161 -44.01 -1.73 -0.47
C CYS C 161 -43.00 -1.57 -1.59
N SER C 162 -43.10 -2.39 -2.64
CA SER C 162 -42.18 -2.27 -3.77
C SER C 162 -42.21 -0.86 -4.37
N LYS C 163 -43.40 -0.27 -4.50
CA LYS C 163 -43.48 1.06 -5.09
C LYS C 163 -42.68 2.07 -4.28
N GLY C 164 -42.84 2.06 -2.96
CA GLY C 164 -42.12 2.99 -2.13
C GLY C 164 -40.62 2.75 -2.14
N PHE C 165 -40.20 1.48 -2.13
CA PHE C 165 -38.78 1.18 -2.12
C PHE C 165 -38.12 1.52 -3.45
N PHE C 166 -38.73 1.10 -4.56
CA PHE C 166 -38.13 1.34 -5.86
C PHE C 166 -38.14 2.83 -6.23
N LEU C 167 -39.26 3.52 -5.94
CA LEU C 167 -39.36 4.92 -6.37
C LEU C 167 -38.49 5.83 -5.51
N VAL C 168 -38.35 5.56 -4.22
CA VAL C 168 -37.50 6.47 -3.46
C VAL C 168 -36.05 6.25 -3.83
N SER C 169 -35.62 4.98 -4.00
CA SER C 169 -34.30 4.70 -4.57
C SER C 169 -34.12 5.44 -5.88
N LEU C 170 -35.08 5.28 -6.79
CA LEU C 170 -35.01 6.02 -8.05
C LEU C 170 -34.88 7.53 -7.79
N LEU C 171 -35.68 8.08 -6.87
CA LEU C 171 -35.65 9.53 -6.68
C LEU C 171 -34.29 9.98 -6.16
N VAL C 172 -33.67 9.16 -5.31
CA VAL C 172 -32.30 9.46 -4.88
C VAL C 172 -31.37 9.45 -6.09
N GLU C 173 -31.50 8.44 -6.96
CA GLU C 173 -30.72 8.40 -8.20
C GLU C 173 -30.95 9.66 -9.04
N ILE C 174 -32.18 10.15 -9.08
CA ILE C 174 -32.46 11.34 -9.88
C ILE C 174 -31.83 12.58 -9.22
N ALA C 175 -31.83 12.65 -7.89
CA ALA C 175 -31.11 13.73 -7.21
C ALA C 175 -29.62 13.67 -7.52
N ALA C 176 -29.02 12.48 -7.42
CA ALA C 176 -27.60 12.33 -7.74
C ALA C 176 -27.26 12.83 -9.13
N ALA C 177 -28.18 12.69 -10.10
CA ALA C 177 -27.91 13.13 -11.46
C ALA C 177 -27.39 14.55 -11.51
N SER C 178 -27.85 15.39 -10.56
CA SER C 178 -27.48 16.79 -10.51
C SER C 178 -26.02 16.98 -10.15
N ALA C 179 -25.48 16.09 -9.31
CA ALA C 179 -24.05 16.11 -9.06
C ALA C 179 -23.29 15.50 -10.24
N ILE C 180 -23.83 14.41 -10.81
CA ILE C 180 -23.12 13.65 -11.83
C ILE C 180 -22.89 14.48 -13.10
N LYS C 181 -23.78 15.43 -13.39
CA LYS C 181 -23.57 16.20 -14.62
C LYS C 181 -22.47 17.25 -14.48
N VAL C 182 -21.98 17.50 -13.27
CA VAL C 182 -20.88 18.44 -13.07
C VAL C 182 -19.51 17.78 -13.23
N ILE C 183 -19.44 16.46 -13.16
CA ILE C 183 -18.16 15.74 -13.18
C ILE C 183 -17.30 16.13 -14.39
N PRO C 184 -17.85 16.30 -15.59
CA PRO C 184 -17.00 16.81 -16.69
C PRO C 184 -16.38 18.18 -16.41
N THR C 185 -17.16 19.07 -15.79
CA THR C 185 -16.68 20.40 -15.46
C THR C 185 -15.46 20.33 -14.55
N VAL C 186 -15.50 19.41 -13.58
CA VAL C 186 -14.37 19.21 -12.68
C VAL C 186 -13.10 18.85 -13.47
N PHE C 187 -13.17 17.81 -14.30
CA PHE C 187 -11.97 17.36 -14.99
C PHE C 187 -11.50 18.40 -16.02
N LYS C 188 -12.44 19.01 -16.75
CA LYS C 188 -12.10 20.11 -17.64
C LYS C 188 -11.31 21.19 -16.89
N ALA C 189 -11.74 21.54 -15.68
CA ALA C 189 -11.11 22.63 -14.93
C ALA C 189 -9.67 22.30 -14.55
N MET C 190 -9.42 21.09 -14.05
CA MET C 190 -8.05 20.70 -13.74
C MET C 190 -7.19 20.63 -14.98
N GLN C 191 -7.75 20.14 -16.09
CA GLN C 191 -7.02 20.16 -17.35
C GLN C 191 -6.56 21.57 -17.70
N MET C 192 -7.34 22.58 -17.31
CA MET C 192 -7.12 23.94 -17.78
C MET C 192 -6.76 24.92 -16.67
N GLN C 193 -6.41 24.44 -15.48
CA GLN C 193 -6.01 25.30 -14.38
C GLN C 193 -7.02 26.43 -14.16
N GLU C 194 -8.26 26.05 -13.89
CA GLU C 194 -9.33 27.01 -13.62
C GLU C 194 -9.76 26.82 -12.17
N ARG C 195 -8.99 27.44 -11.25
CA ARG C 195 -9.20 27.25 -9.82
C ARG C 195 -10.61 27.60 -9.39
N ASP C 196 -11.15 28.71 -9.89
CA ASP C 196 -12.46 29.16 -9.44
C ASP C 196 -13.57 28.29 -10.02
N THR C 197 -13.47 27.94 -11.30
CA THR C 197 -14.37 26.96 -11.89
C THR C 197 -14.38 25.68 -11.07
N LEU C 198 -13.19 25.11 -10.86
CA LEU C 198 -13.07 23.85 -10.14
C LEU C 198 -13.71 23.94 -8.75
N LEU C 199 -13.40 24.99 -8.00
CA LEU C 199 -13.98 25.13 -6.68
C LEU C 199 -15.50 25.26 -6.74
N LYS C 200 -16.01 26.05 -7.69
CA LYS C 200 -17.45 26.15 -7.88
C LYS C 200 -18.06 24.78 -8.17
N ALA C 201 -17.34 23.93 -8.90
CA ALA C 201 -17.90 22.65 -9.31
C ALA C 201 -17.98 21.67 -8.13
N LEU C 202 -16.92 21.61 -7.33
CA LEU C 202 -16.94 20.77 -6.14
C LEU C 202 -18.02 21.21 -5.15
N LEU C 203 -18.23 22.52 -4.99
CA LEU C 203 -19.28 22.98 -4.10
C LEU C 203 -20.66 22.60 -4.63
N GLU C 204 -20.86 22.72 -5.95
CA GLU C 204 -22.10 22.27 -6.58
C GLU C 204 -22.33 20.77 -6.33
N ILE C 205 -21.29 19.94 -6.52
CA ILE C 205 -21.44 18.51 -6.27
C ILE C 205 -21.86 18.25 -4.83
N ALA C 206 -21.23 18.93 -3.88
CA ALA C 206 -21.60 18.73 -2.48
C ALA C 206 -23.04 19.20 -2.22
N SER C 207 -23.44 20.32 -2.81
CA SER C 207 -24.81 20.80 -2.62
C SER C 207 -25.83 19.78 -3.14
N CYS C 208 -25.62 19.27 -4.37
CA CYS C 208 -26.54 18.27 -4.92
C CYS C 208 -26.50 16.97 -4.13
N LEU C 209 -25.34 16.59 -3.59
CA LEU C 209 -25.31 15.40 -2.75
C LEU C 209 -26.02 15.64 -1.43
N GLU C 210 -25.98 16.87 -0.90
CA GLU C 210 -26.81 17.21 0.25
C GLU C 210 -28.29 17.10 -0.08
N LYS C 211 -28.69 17.64 -1.25
CA LYS C 211 -30.08 17.49 -1.69
C LYS C 211 -30.47 16.02 -1.80
N ALA C 212 -29.58 15.17 -2.34
CA ALA C 212 -29.88 13.75 -2.44
C ALA C 212 -30.08 13.10 -1.08
N LEU C 213 -29.41 13.63 -0.05
CA LEU C 213 -29.64 13.08 1.29
C LEU C 213 -31.05 13.42 1.78
N GLN C 214 -31.56 14.61 1.44
CA GLN C 214 -32.92 14.99 1.83
C GLN C 214 -33.93 14.04 1.18
N VAL C 215 -33.76 13.78 -0.12
CA VAL C 215 -34.60 12.86 -0.86
C VAL C 215 -34.60 11.47 -0.22
N PHE C 216 -33.48 11.05 0.33
CA PHE C 216 -33.41 9.77 1.01
C PHE C 216 -34.40 9.68 2.18
N HIS C 217 -34.73 10.82 2.81
CA HIS C 217 -35.62 10.81 3.97
C HIS C 217 -37.02 10.32 3.64
N GLN C 218 -37.41 10.35 2.35
CA GLN C 218 -38.74 9.94 1.95
C GLN C 218 -38.99 8.46 2.12
N ILE C 219 -37.94 7.67 2.37
CA ILE C 219 -38.11 6.23 2.47
C ILE C 219 -39.10 5.90 3.60
N HIS C 220 -39.07 6.71 4.68
CA HIS C 220 -39.95 6.55 5.83
C HIS C 220 -41.41 6.78 5.46
N ASP C 221 -41.69 7.77 4.59
CA ASP C 221 -43.08 8.03 4.20
C ASP C 221 -43.70 6.84 3.49
N HIS C 222 -42.89 6.03 2.81
CA HIS C 222 -43.44 5.10 1.84
C HIS C 222 -43.03 3.66 2.03
N VAL C 223 -42.13 3.34 2.95
CA VAL C 223 -41.72 1.95 3.14
C VAL C 223 -41.89 1.58 4.61
N ASN C 224 -42.52 0.49 4.83
CA ASN C 224 -42.88 -0.06 6.12
C ASN C 224 -41.91 -1.17 6.51
N PRO C 225 -41.28 -1.14 7.68
CA PRO C 225 -40.15 -2.05 7.92
C PRO C 225 -40.54 -3.51 7.91
N LYS C 226 -41.70 -3.84 8.49
CA LYS C 226 -42.14 -5.23 8.49
C LYS C 226 -42.40 -5.75 7.08
N ALA C 227 -43.03 -4.93 6.22
CA ALA C 227 -43.29 -5.35 4.85
C ALA C 227 -41.99 -5.55 4.07
N PHE C 228 -41.10 -4.55 4.13
CA PHE C 228 -39.81 -4.70 3.46
C PHE C 228 -39.09 -5.94 3.95
N PHE C 229 -38.91 -6.05 5.25
CA PHE C 229 -38.04 -7.11 5.76
C PHE C 229 -38.62 -8.48 5.47
N SER C 230 -39.91 -8.67 5.69
CA SER C 230 -40.44 -10.02 5.63
C SER C 230 -41.20 -10.30 4.33
N VAL C 231 -41.33 -9.32 3.43
CA VAL C 231 -41.94 -9.60 2.13
C VAL C 231 -41.03 -9.18 0.98
N LEU C 232 -40.74 -7.88 0.84
CA LEU C 232 -39.97 -7.42 -0.32
C LEU C 232 -38.57 -8.01 -0.34
N ARG C 233 -37.92 -8.06 0.83
CA ARG C 233 -36.57 -8.60 0.92
C ARG C 233 -36.52 -10.04 0.41
N ILE C 234 -37.62 -10.77 0.53
CA ILE C 234 -37.63 -12.17 0.09
C ILE C 234 -37.41 -12.27 -1.41
N TYR C 235 -38.11 -11.45 -2.18
CA TYR C 235 -38.04 -11.57 -3.63
C TYR C 235 -36.77 -10.95 -4.19
N LEU C 236 -36.10 -10.07 -3.46
CA LEU C 236 -34.85 -9.52 -3.93
C LEU C 236 -33.65 -10.38 -3.56
N SER C 237 -33.86 -11.45 -2.82
CA SER C 237 -32.76 -12.32 -2.42
C SER C 237 -32.34 -13.22 -3.57
N GLY C 238 -31.05 -13.52 -3.61
CA GLY C 238 -30.50 -14.37 -4.64
C GLY C 238 -29.98 -15.69 -4.12
N TRP C 239 -28.99 -16.23 -4.80
CA TRP C 239 -28.52 -17.58 -4.56
C TRP C 239 -27.00 -17.63 -4.64
N LYS C 240 -26.35 -16.76 -3.87
CA LYS C 240 -24.93 -16.83 -3.60
C LYS C 240 -24.77 -16.91 -2.09
N GLY C 241 -24.25 -18.03 -1.60
CA GLY C 241 -24.17 -18.22 -0.17
C GLY C 241 -25.52 -18.22 0.51
N ASN C 242 -26.55 -18.73 -0.17
CA ASN C 242 -27.88 -18.86 0.44
C ASN C 242 -28.08 -20.31 0.83
N PRO C 243 -28.21 -20.61 2.12
CA PRO C 243 -28.44 -22.02 2.51
C PRO C 243 -29.62 -22.66 1.80
N GLN C 244 -30.70 -21.91 1.55
CA GLN C 244 -31.85 -22.48 0.85
C GLN C 244 -31.52 -22.88 -0.59
N LEU C 245 -30.44 -22.33 -1.17
CA LEU C 245 -29.96 -22.69 -2.50
C LEU C 245 -28.42 -22.69 -2.45
N SER C 246 -27.87 -23.65 -1.70
CA SER C 246 -26.44 -23.60 -1.35
C SER C 246 -25.55 -23.64 -2.59
N ASP C 247 -26.00 -24.32 -3.64
CA ASP C 247 -25.20 -24.52 -4.85
C ASP C 247 -25.51 -23.53 -5.95
N GLY C 248 -26.48 -22.64 -5.76
CA GLY C 248 -26.93 -21.76 -6.82
C GLY C 248 -28.17 -22.29 -7.51
N LEU C 249 -28.47 -21.72 -8.66
CA LEU C 249 -29.68 -22.06 -9.42
C LEU C 249 -29.33 -22.80 -10.70
N VAL C 250 -30.14 -23.77 -11.07
CA VAL C 250 -29.98 -24.45 -12.35
C VAL C 250 -30.78 -23.66 -13.39
N TYR C 251 -30.06 -23.05 -14.34
CA TYR C 251 -30.65 -22.39 -15.50
C TYR C 251 -30.83 -23.43 -16.59
N GLU C 252 -31.93 -24.19 -16.47
CA GLU C 252 -32.14 -25.39 -17.27
C GLU C 252 -32.06 -25.11 -18.76
N GLY C 253 -31.36 -25.99 -19.48
CA GLY C 253 -31.14 -25.80 -20.90
C GLY C 253 -30.05 -24.82 -21.29
N PHE C 254 -29.42 -24.15 -20.32
CA PHE C 254 -28.39 -23.18 -20.63
C PHE C 254 -27.04 -23.53 -20.01
N TRP C 255 -27.03 -23.90 -18.74
CA TRP C 255 -25.81 -24.36 -18.09
C TRP C 255 -26.12 -25.68 -17.43
N GLU C 256 -25.17 -26.63 -17.48
CA GLU C 256 -25.40 -27.92 -16.85
C GLU C 256 -25.40 -27.80 -15.33
N ASP C 257 -24.48 -27.02 -14.78
CA ASP C 257 -24.39 -26.98 -13.33
C ASP C 257 -24.97 -25.68 -12.77
N PRO C 258 -25.47 -25.70 -11.54
CA PRO C 258 -26.05 -24.47 -10.98
C PRO C 258 -25.01 -23.39 -10.81
N LYS C 259 -25.40 -22.15 -11.05
CA LYS C 259 -24.54 -21.00 -10.83
C LYS C 259 -25.11 -20.13 -9.71
N GLU C 260 -24.23 -19.35 -9.10
CA GLU C 260 -24.56 -18.52 -7.96
C GLU C 260 -24.52 -17.05 -8.36
N PHE C 261 -25.54 -16.31 -7.99
CA PHE C 261 -25.57 -14.87 -8.23
C PHE C 261 -26.14 -14.20 -7.01
N ALA C 262 -25.50 -13.09 -6.64
CA ALA C 262 -25.94 -12.32 -5.50
C ALA C 262 -27.33 -11.78 -5.76
N GLY C 263 -28.21 -11.98 -4.78
CA GLY C 263 -29.42 -11.22 -4.74
C GLY C 263 -29.13 -9.96 -3.96
N GLY C 264 -28.38 -9.08 -4.60
CA GLY C 264 -28.33 -7.70 -4.19
C GLY C 264 -29.39 -6.93 -4.94
N SER C 265 -29.46 -5.64 -4.63
CA SER C 265 -30.31 -4.69 -5.34
C SER C 265 -30.23 -3.40 -4.54
N ALA C 266 -30.43 -3.49 -3.26
CA ALA C 266 -30.28 -2.28 -2.49
C ALA C 266 -28.81 -1.85 -2.36
N GLY C 267 -27.80 -2.41 -3.04
CA GLY C 267 -26.42 -1.92 -2.96
C GLY C 267 -25.65 -2.06 -4.27
N GLN C 268 -26.41 -2.25 -5.34
CA GLN C 268 -25.84 -2.30 -6.68
C GLN C 268 -25.90 -0.94 -7.36
N SER C 269 -26.39 0.08 -6.68
CA SER C 269 -26.35 1.42 -7.24
C SER C 269 -24.91 1.79 -7.56
N SER C 270 -24.75 2.63 -8.58
CA SER C 270 -23.43 3.14 -8.91
C SER C 270 -23.14 4.49 -8.28
N VAL C 271 -24.08 5.06 -7.50
CA VAL C 271 -23.96 6.46 -7.10
C VAL C 271 -22.79 6.64 -6.11
N PHE C 272 -22.72 5.84 -5.05
CA PHE C 272 -21.65 6.04 -4.08
C PHE C 272 -20.28 5.74 -4.68
N GLN C 273 -20.17 4.65 -5.45
CA GLN C 273 -18.87 4.33 -6.04
C GLN C 273 -18.45 5.40 -7.04
N CYS C 274 -19.42 6.04 -7.70
CA CYS C 274 -19.12 7.10 -8.65
C CYS C 274 -18.35 8.23 -7.98
N PHE C 275 -18.79 8.67 -6.79
CA PHE C 275 -18.13 9.77 -6.11
C PHE C 275 -16.96 9.32 -5.24
N ASP C 276 -17.01 8.10 -4.70
CA ASP C 276 -15.80 7.45 -4.23
C ASP C 276 -14.68 7.58 -5.27
N VAL C 277 -14.99 7.17 -6.50
CA VAL C 277 -13.96 7.13 -7.53
C VAL C 277 -13.58 8.54 -7.95
N LEU C 278 -14.55 9.46 -8.04
CA LEU C 278 -14.23 10.82 -8.42
C LEU C 278 -13.31 11.47 -7.39
N LEU C 279 -13.65 11.33 -6.11
CA LEU C 279 -12.86 11.93 -5.03
C LEU C 279 -11.62 11.13 -4.67
N GLY C 280 -11.32 10.05 -5.41
CA GLY C 280 -10.14 9.28 -5.11
C GLY C 280 -10.14 8.60 -3.75
N ILE C 281 -11.32 8.39 -3.17
CA ILE C 281 -11.43 7.51 -2.00
C ILE C 281 -11.16 6.07 -2.43
N GLN C 282 -10.23 5.43 -1.73
CA GLN C 282 -9.73 4.12 -2.14
C GLN C 282 -10.50 3.04 -1.41
N GLN C 283 -11.65 2.65 -1.97
CA GLN C 283 -12.51 1.64 -1.38
C GLN C 283 -12.34 0.28 -2.01
N THR C 284 -12.33 0.20 -3.35
CA THR C 284 -12.11 -1.05 -4.05
C THR C 284 -10.63 -1.49 -4.01
N ALA C 285 -9.80 -0.75 -3.28
CA ALA C 285 -8.36 -0.99 -3.21
C ALA C 285 -8.06 -1.99 -2.11
N GLY C 286 -7.42 -3.10 -2.47
CA GLY C 286 -6.99 -4.11 -1.53
C GLY C 286 -7.54 -5.48 -1.87
N GLY C 287 -7.11 -6.45 -1.06
CA GLY C 287 -7.77 -7.73 -1.02
C GLY C 287 -9.01 -7.58 -0.16
N GLY C 288 -8.85 -7.80 1.14
CA GLY C 288 -9.92 -7.45 2.07
C GLY C 288 -11.26 -8.11 1.84
N HIS C 289 -12.30 -7.50 2.41
CA HIS C 289 -13.64 -8.00 2.23
C HIS C 289 -14.50 -6.87 1.68
N ALA C 290 -14.43 -5.71 2.33
CA ALA C 290 -15.17 -4.55 1.85
C ALA C 290 -14.78 -4.22 0.41
N ALA C 291 -13.49 -4.31 0.11
CA ALA C 291 -13.03 -3.99 -1.25
C ALA C 291 -13.56 -5.01 -2.25
N GLN C 292 -13.59 -6.29 -1.87
CA GLN C 292 -14.01 -7.32 -2.80
C GLN C 292 -15.51 -7.24 -3.07
N PHE C 293 -16.30 -7.01 -2.01
CA PHE C 293 -17.74 -6.87 -2.20
C PHE C 293 -18.04 -5.70 -3.14
N LEU C 294 -17.39 -4.57 -2.92
CA LEU C 294 -17.66 -3.40 -3.74
C LEU C 294 -17.29 -3.65 -5.20
N GLN C 295 -16.18 -4.34 -5.42
CA GLN C 295 -15.80 -4.69 -6.78
C GLN C 295 -16.76 -5.72 -7.36
N ASP C 296 -17.20 -6.68 -6.55
CA ASP C 296 -18.13 -7.68 -7.06
C ASP C 296 -19.47 -7.05 -7.42
N MET C 297 -19.86 -5.96 -6.76
CA MET C 297 -21.14 -5.35 -7.08
C MET C 297 -21.13 -4.66 -8.44
N ARG C 298 -19.94 -4.29 -8.94
CA ARG C 298 -19.83 -3.76 -10.30
C ARG C 298 -20.24 -4.79 -11.33
N ARG C 299 -20.16 -6.07 -11.00
CA ARG C 299 -20.57 -7.10 -11.94
C ARG C 299 -22.05 -7.00 -12.23
N TYR C 300 -22.83 -6.42 -11.31
CA TYR C 300 -24.27 -6.30 -11.42
C TYR C 300 -24.71 -4.95 -11.96
N MET C 301 -23.80 -4.14 -12.42
CA MET C 301 -24.23 -2.87 -12.95
C MET C 301 -24.21 -2.90 -14.46
N PRO C 302 -25.05 -2.11 -15.12
CA PRO C 302 -25.02 -2.05 -16.58
C PRO C 302 -23.61 -1.83 -17.07
N PRO C 303 -23.23 -2.48 -18.17
CA PRO C 303 -21.83 -2.39 -18.62
C PRO C 303 -21.42 -0.95 -18.92
N ALA C 304 -22.33 -0.12 -19.44
CA ALA C 304 -21.98 1.27 -19.68
C ALA C 304 -21.60 1.96 -18.38
N HIS C 305 -22.33 1.67 -17.30
CA HIS C 305 -22.00 2.28 -16.01
C HIS C 305 -20.73 1.69 -15.43
N ARG C 306 -20.46 0.42 -15.74
CA ARG C 306 -19.17 -0.20 -15.43
C ARG C 306 -18.03 0.56 -16.10
N ASN C 307 -18.15 0.77 -17.42
CA ASN C 307 -17.13 1.52 -18.15
C ASN C 307 -16.93 2.90 -17.55
N PHE C 308 -18.02 3.60 -17.23
CA PHE C 308 -17.93 4.94 -16.67
C PHE C 308 -17.07 4.95 -15.40
N LEU C 309 -17.33 4.04 -14.46
CA LEU C 309 -16.56 4.00 -13.24
C LEU C 309 -15.08 3.81 -13.50
N CYS C 310 -14.76 3.04 -14.54
CA CYS C 310 -13.37 2.76 -14.89
C CYS C 310 -12.73 3.92 -15.64
N SER C 311 -13.51 4.56 -16.53
CA SER C 311 -13.09 5.83 -17.13
C SER C 311 -12.64 6.84 -16.06
N LEU C 312 -13.50 7.13 -15.08
CA LEU C 312 -13.17 8.08 -14.02
C LEU C 312 -11.88 7.69 -13.30
N GLU C 313 -11.69 6.41 -13.04
CA GLU C 313 -10.43 6.00 -12.42
C GLU C 313 -9.24 6.31 -13.31
N SER C 314 -9.40 6.18 -14.62
CA SER C 314 -8.33 6.47 -15.57
C SER C 314 -7.90 7.93 -15.57
N ASN C 315 -8.78 8.83 -15.15
CA ASN C 315 -8.50 10.25 -15.13
C ASN C 315 -7.46 10.62 -14.07
N PRO C 316 -6.85 11.80 -14.19
CA PRO C 316 -5.95 12.27 -13.12
C PRO C 316 -6.72 12.52 -11.83
N SER C 317 -6.12 12.11 -10.73
CA SER C 317 -6.75 12.20 -9.41
C SER C 317 -7.15 13.63 -9.09
N VAL C 318 -8.43 13.85 -8.79
CA VAL C 318 -8.90 15.13 -8.28
C VAL C 318 -8.28 15.39 -6.91
N ARG C 319 -8.13 14.34 -6.11
CA ARG C 319 -7.61 14.51 -4.76
C ARG C 319 -6.17 14.97 -4.79
N GLU C 320 -5.35 14.32 -5.62
CA GLU C 320 -3.98 14.76 -5.89
C GLU C 320 -3.93 16.24 -6.20
N PHE C 321 -4.74 16.66 -7.18
CA PHE C 321 -4.76 18.05 -7.62
C PHE C 321 -5.02 18.99 -6.46
N VAL C 322 -6.06 18.69 -5.69
CA VAL C 322 -6.43 19.54 -4.57
C VAL C 322 -5.32 19.55 -3.52
N LEU C 323 -4.73 18.38 -3.25
CA LEU C 323 -3.65 18.25 -2.27
C LEU C 323 -2.38 19.02 -2.66
N SER C 324 -2.19 19.31 -3.95
CA SER C 324 -0.94 19.88 -4.42
C SER C 324 -0.92 21.41 -4.43
N LYS C 325 -2.08 22.06 -4.44
CA LYS C 325 -2.17 23.47 -4.80
C LYS C 325 -1.99 24.42 -3.62
N GLY C 326 -1.89 23.89 -2.40
CA GLY C 326 -1.83 24.74 -1.22
C GLY C 326 -3.00 25.68 -1.08
N ASP C 327 -4.20 25.19 -1.36
CA ASP C 327 -5.41 26.00 -1.55
C ASP C 327 -6.46 25.59 -0.53
N ALA C 328 -6.59 26.34 0.55
CA ALA C 328 -7.57 25.97 1.58
C ALA C 328 -9.00 26.06 1.07
N GLY C 329 -9.27 26.95 0.12
CA GLY C 329 -10.59 26.96 -0.51
C GLY C 329 -10.89 25.66 -1.22
N LEU C 330 -9.96 25.21 -2.07
CA LEU C 330 -10.12 23.94 -2.77
C LEU C 330 -10.26 22.78 -1.80
N ARG C 331 -9.43 22.75 -0.75
CA ARG C 331 -9.56 21.68 0.23
C ARG C 331 -10.93 21.71 0.89
N GLU C 332 -11.47 22.91 1.14
CA GLU C 332 -12.75 22.98 1.82
C GLU C 332 -13.88 22.49 0.91
N ALA C 333 -13.83 22.83 -0.38
CA ALA C 333 -14.87 22.35 -1.30
C ALA C 333 -14.75 20.85 -1.50
N TYR C 334 -13.52 20.35 -1.67
CA TYR C 334 -13.27 18.91 -1.74
C TYR C 334 -13.83 18.20 -0.52
N ASP C 335 -13.57 18.76 0.66
CA ASP C 335 -14.04 18.14 1.89
C ASP C 335 -15.56 18.21 2.01
N ALA C 336 -16.19 19.21 1.39
CA ALA C 336 -17.64 19.26 1.40
C ALA C 336 -18.22 18.05 0.68
N CYS C 337 -17.61 17.65 -0.43
CA CYS C 337 -18.06 16.44 -1.10
C CYS C 337 -17.84 15.21 -0.22
N VAL C 338 -16.71 15.16 0.48
CA VAL C 338 -16.42 13.98 1.32
C VAL C 338 -17.37 13.96 2.51
N LYS C 339 -17.64 15.13 3.10
CA LYS C 339 -18.66 15.19 4.14
C LYS C 339 -20.02 14.71 3.61
N ALA C 340 -20.40 15.15 2.41
CA ALA C 340 -21.69 14.74 1.86
C ALA C 340 -21.77 13.23 1.73
N LEU C 341 -20.72 12.61 1.19
CA LEU C 341 -20.70 11.18 1.00
C LEU C 341 -20.80 10.45 2.34
N VAL C 342 -20.05 10.91 3.35
CA VAL C 342 -20.15 10.36 4.70
C VAL C 342 -21.58 10.51 5.24
N SER C 343 -22.19 11.68 5.04
CA SER C 343 -23.57 11.86 5.47
C SER C 343 -24.49 10.80 4.89
N LEU C 344 -24.46 10.64 3.56
CA LEU C 344 -25.29 9.64 2.90
C LEU C 344 -25.07 8.24 3.50
N ARG C 345 -23.81 7.84 3.68
CA ARG C 345 -23.56 6.50 4.22
C ARG C 345 -24.06 6.38 5.66
N SER C 346 -23.92 7.46 6.44
CA SER C 346 -24.38 7.45 7.82
C SER C 346 -25.90 7.34 7.89
N TYR C 347 -26.61 8.16 7.11
CA TYR C 347 -28.05 8.00 7.00
C TYR C 347 -28.39 6.59 6.53
N HIS C 348 -27.73 6.13 5.47
CA HIS C 348 -27.95 4.78 4.98
C HIS C 348 -27.76 3.74 6.09
N LEU C 349 -26.81 3.98 7.01
CA LEU C 349 -26.63 3.08 8.14
C LEU C 349 -27.87 3.05 9.04
N GLN C 350 -28.43 4.23 9.36
CA GLN C 350 -29.69 4.31 10.09
C GLN C 350 -30.80 3.52 9.39
N ILE C 351 -30.95 3.73 8.07
CA ILE C 351 -31.98 3.03 7.30
C ILE C 351 -31.84 1.52 7.44
N VAL C 352 -30.61 1.01 7.34
CA VAL C 352 -30.42 -0.44 7.41
C VAL C 352 -30.75 -0.98 8.80
N THR C 353 -30.50 -0.19 9.85
CA THR C 353 -30.91 -0.54 11.21
C THR C 353 -32.43 -0.65 11.29
N LYS C 354 -33.15 0.33 10.75
CA LYS C 354 -34.61 0.32 10.87
C LYS C 354 -35.22 -0.76 9.99
N TYR C 355 -34.67 -1.00 8.80
CA TYR C 355 -35.39 -1.83 7.84
C TYR C 355 -34.89 -3.27 7.78
N ILE C 356 -33.74 -3.58 8.38
CA ILE C 356 -33.23 -4.95 8.36
C ILE C 356 -32.87 -5.43 9.76
N LEU C 357 -32.00 -4.68 10.45
CA LEU C 357 -31.50 -5.09 11.76
C LEU C 357 -32.61 -5.30 12.80
N ILE C 358 -33.26 -4.20 13.19
CA ILE C 358 -34.38 -4.30 14.14
C ILE C 358 -35.40 -5.37 13.72
N PRO C 359 -35.89 -5.40 12.48
CA PRO C 359 -36.84 -6.47 12.12
C PRO C 359 -36.25 -7.87 12.23
N ALA C 360 -34.94 -8.02 11.97
CA ALA C 360 -34.32 -9.34 12.10
C ALA C 360 -34.30 -9.81 13.55
N SER C 361 -33.99 -8.90 14.48
CA SER C 361 -33.96 -9.26 15.90
C SER C 361 -35.33 -9.60 16.45
N GLN C 362 -36.40 -9.11 15.83
CA GLN C 362 -37.77 -9.36 16.30
C GLN C 362 -38.37 -10.63 15.70
N GLN C 363 -37.56 -11.67 15.55
CA GLN C 363 -38.01 -12.94 15.02
C GLN C 363 -37.28 -14.06 15.74
N PRO C 364 -38.00 -15.02 16.35
CA PRO C 364 -37.44 -16.19 17.05
C PRO C 364 -36.53 -17.04 16.16
N GLY C 383 -26.24 -9.90 9.98
CA GLY C 383 -26.48 -9.26 11.27
C GLY C 383 -25.35 -8.33 11.67
N THR C 384 -24.35 -8.87 12.37
CA THR C 384 -23.17 -8.06 12.66
C THR C 384 -22.30 -7.90 11.40
N ASP C 385 -22.26 -8.92 10.53
CA ASP C 385 -21.39 -8.88 9.37
C ASP C 385 -21.66 -7.66 8.50
N LEU C 386 -22.92 -7.40 8.15
CA LEU C 386 -23.18 -6.31 7.22
C LEU C 386 -23.07 -4.93 7.87
N MET C 387 -23.31 -4.84 9.18
CA MET C 387 -23.13 -3.57 9.84
C MET C 387 -21.66 -3.14 9.82
N ASN C 388 -20.75 -4.10 10.04
CA ASN C 388 -19.33 -3.80 10.03
C ASN C 388 -18.77 -3.59 8.64
N PHE C 389 -19.42 -4.14 7.61
CA PHE C 389 -19.10 -3.76 6.24
C PHE C 389 -19.43 -2.28 5.98
N LEU C 390 -20.67 -1.88 6.25
CA LEU C 390 -21.08 -0.51 5.99
C LEU C 390 -20.34 0.49 6.88
N LYS C 391 -20.06 0.11 8.13
CA LYS C 391 -19.25 0.96 8.99
C LYS C 391 -17.85 1.17 8.42
N THR C 392 -17.19 0.05 8.04
CA THR C 392 -15.89 0.11 7.39
C THR C 392 -15.90 1.11 6.23
N VAL C 393 -16.85 0.94 5.29
CA VAL C 393 -16.86 1.79 4.10
C VAL C 393 -17.08 3.25 4.50
N ARG C 394 -18.01 3.51 5.41
CA ARG C 394 -18.20 4.88 5.84
C ARG C 394 -16.94 5.43 6.46
N SER C 395 -16.26 4.63 7.30
CA SER C 395 -15.06 5.08 7.98
C SER C 395 -13.91 5.31 7.00
N THR C 396 -13.79 4.46 5.97
CA THR C 396 -12.80 4.72 4.92
C THR C 396 -13.08 6.07 4.27
N THR C 397 -14.35 6.42 4.10
CA THR C 397 -14.73 7.67 3.43
C THR C 397 -14.31 8.89 4.25
N GLU C 398 -14.62 8.89 5.55
CA GLU C 398 -14.29 10.08 6.33
C GLU C 398 -12.81 10.19 6.62
N LYS C 399 -12.08 9.06 6.56
CA LYS C 399 -10.63 9.08 6.65
C LYS C 399 -10.01 9.90 5.53
N SER C 400 -10.74 10.15 4.45
CA SER C 400 -10.22 10.87 3.30
C SER C 400 -10.44 12.37 3.36
N LEU C 401 -11.03 12.88 4.44
CA LEU C 401 -11.09 14.33 4.62
C LEU C 401 -9.66 14.89 4.66
N LEU C 402 -9.47 16.02 4.00
CA LEU C 402 -8.15 16.63 3.88
C LEU C 402 -7.79 17.52 5.07
N LYS C 403 -8.79 18.18 5.65
CA LYS C 403 -8.58 19.17 6.71
C LYS C 403 -7.49 20.17 6.36
N GLU C 404 -6.31 20.05 6.99
CA GLU C 404 -5.22 20.98 6.76
C GLU C 404 -4.25 20.42 5.73
N ALA D 15 8.30 4.26 38.12
CA ALA D 15 9.35 3.27 38.40
C ALA D 15 10.46 3.35 37.36
N ALA D 16 10.37 2.52 36.32
CA ALA D 16 11.26 2.65 35.17
C ALA D 16 11.04 3.95 34.40
N TYR D 17 9.93 4.64 34.65
CA TYR D 17 9.60 5.85 33.92
C TYR D 17 9.96 7.10 34.71
N HIS D 18 10.73 6.96 35.78
CA HIS D 18 11.14 8.08 36.61
C HIS D 18 9.92 8.93 36.97
N ILE D 19 8.89 8.27 37.47
CA ILE D 19 7.69 8.93 37.98
C ILE D 19 7.62 8.69 39.48
N ASP D 20 7.50 9.78 40.24
CA ASP D 20 7.52 9.69 41.69
C ASP D 20 6.09 9.65 42.22
N GLU D 21 5.89 8.89 43.30
CA GLU D 21 4.57 8.78 43.90
C GLU D 21 4.12 10.12 44.49
N GLU D 22 5.03 10.83 45.15
CA GLU D 22 4.65 12.07 45.81
C GLU D 22 4.68 13.27 44.88
N VAL D 23 5.64 13.34 43.95
CA VAL D 23 5.81 14.54 43.14
C VAL D 23 5.67 14.28 41.64
N GLY D 24 5.41 13.04 41.23
CA GLY D 24 4.99 12.83 39.85
C GLY D 24 6.15 12.96 38.90
N PHE D 25 5.98 13.82 37.88
CA PHE D 25 7.04 14.05 36.91
C PHE D 25 8.16 14.92 37.47
N ALA D 26 7.90 15.62 38.57
CA ALA D 26 8.93 16.44 39.19
C ALA D 26 10.07 15.55 39.68
N LEU D 27 11.27 16.13 39.70
CA LEU D 27 12.46 15.43 40.18
C LEU D 27 12.39 15.38 41.69
N PRO D 28 12.24 14.20 42.30
CA PRO D 28 12.20 14.14 43.77
C PRO D 28 13.51 14.64 44.34
N ASN D 29 13.41 15.66 45.19
CA ASN D 29 14.55 16.10 45.99
C ASN D 29 15.77 16.48 45.14
N PRO D 30 15.66 17.53 44.32
CA PRO D 30 16.76 17.88 43.43
C PRO D 30 18.03 18.22 44.18
N GLN D 31 19.15 17.97 43.52
CA GLN D 31 20.43 18.32 44.10
C GLN D 31 20.63 19.82 44.01
N GLU D 32 21.29 20.38 45.03
CA GLU D 32 21.53 21.81 45.12
C GLU D 32 22.95 22.22 44.82
N ASN D 33 23.91 21.32 45.00
CA ASN D 33 25.32 21.65 44.84
C ASN D 33 25.96 20.78 43.77
N LEU D 34 26.79 21.39 42.93
CA LEU D 34 27.68 20.64 42.03
C LEU D 34 29.00 20.40 42.75
N PRO D 35 29.85 19.53 42.22
CA PRO D 35 31.19 19.41 42.80
C PRO D 35 31.95 20.72 42.64
N ASP D 36 32.87 20.97 43.60
CA ASP D 36 33.66 22.20 43.59
C ASP D 36 34.29 22.47 42.23
N PHE D 37 34.62 21.41 41.49
CA PHE D 37 35.14 21.53 40.14
C PHE D 37 34.28 22.43 39.22
N TYR D 38 32.96 22.51 39.45
CA TYR D 38 32.08 23.30 38.60
C TYR D 38 31.67 24.65 39.22
N ASN D 39 32.47 25.17 40.15
CA ASN D 39 32.09 26.39 40.87
C ASN D 39 31.98 27.59 39.94
N ASP D 40 32.84 27.69 38.93
CA ASP D 40 32.78 28.84 38.03
C ASP D 40 31.43 28.92 37.38
N TRP D 41 30.85 27.76 37.04
CA TRP D 41 29.48 27.73 36.57
C TRP D 41 28.52 28.16 37.67
N MET D 42 28.52 27.43 38.79
CA MET D 42 27.59 27.69 39.90
C MET D 42 27.57 29.15 40.29
N PHE D 43 28.75 29.77 40.38
CA PHE D 43 28.82 31.16 40.82
C PHE D 43 28.08 32.07 39.86
N ILE D 44 28.33 31.91 38.55
CA ILE D 44 27.63 32.75 37.56
C ILE D 44 26.13 32.56 37.67
N ALA D 45 25.67 31.31 37.81
CA ALA D 45 24.24 31.02 37.83
C ALA D 45 23.58 31.58 39.09
N LYS D 46 24.23 31.43 40.24
CA LYS D 46 23.65 31.96 41.47
C LYS D 46 23.55 33.49 41.45
N HIS D 47 24.34 34.17 40.61
CA HIS D 47 24.41 35.64 40.65
C HIS D 47 23.91 36.30 39.37
N LEU D 48 23.07 35.61 38.62
CA LEU D 48 22.52 36.17 37.38
C LEU D 48 21.89 37.54 37.58
N PRO D 49 21.01 37.75 38.59
CA PRO D 49 20.38 39.08 38.71
C PRO D 49 21.37 40.23 38.76
N ASP D 50 22.44 40.15 39.55
CA ASP D 50 23.37 41.26 39.57
C ASP D 50 24.27 41.28 38.35
N LEU D 51 24.75 40.11 37.89
CA LEU D 51 25.67 40.07 36.76
C LEU D 51 25.01 40.60 35.49
N ILE D 52 23.73 40.28 35.28
CA ILE D 52 22.99 40.90 34.19
C ILE D 52 22.82 42.40 34.43
N GLU D 53 22.28 42.75 35.61
CA GLU D 53 22.04 44.16 35.92
C GLU D 53 23.28 45.00 35.66
N SER D 54 24.43 44.56 36.14
CA SER D 54 25.67 45.33 36.00
C SER D 54 26.37 45.14 34.66
N GLY D 55 25.76 44.48 33.68
CA GLY D 55 26.41 44.27 32.39
C GLY D 55 27.66 43.41 32.40
N GLN D 56 27.84 42.52 33.37
CA GLN D 56 29.04 41.70 33.43
C GLN D 56 28.82 40.25 33.05
N LEU D 57 27.56 39.82 32.88
CA LEU D 57 27.26 38.41 32.67
C LEU D 57 28.03 37.85 31.47
N ARG D 58 27.95 38.52 30.33
CA ARG D 58 28.55 37.96 29.11
C ARG D 58 30.07 37.93 29.21
N GLU D 59 30.65 38.92 29.89
CA GLU D 59 32.10 38.96 30.07
C GLU D 59 32.59 37.78 30.94
N ARG D 60 31.87 37.46 32.02
CA ARG D 60 32.24 36.31 32.84
C ARG D 60 32.09 35.00 32.06
N VAL D 61 31.07 34.88 31.22
CA VAL D 61 30.90 33.64 30.45
C VAL D 61 32.03 33.48 29.44
N GLU D 62 32.43 34.58 28.80
CA GLU D 62 33.50 34.53 27.82
C GLU D 62 34.87 34.28 28.47
N LYS D 63 35.00 34.48 29.78
CA LYS D 63 36.25 34.14 30.45
C LYS D 63 36.30 32.73 30.97
N LEU D 64 35.18 32.01 30.92
CA LEU D 64 35.15 30.64 31.44
C LEU D 64 36.14 29.74 30.71
N ASN D 65 36.85 28.92 31.46
CA ASN D 65 37.53 27.79 30.83
C ASN D 65 36.51 26.71 30.45
N MET D 66 36.95 25.77 29.63
CA MET D 66 36.07 24.66 29.30
C MET D 66 36.22 23.57 30.35
N LEU D 67 35.12 23.25 31.02
CA LEU D 67 35.12 22.28 32.08
C LEU D 67 34.54 20.97 31.55
N SER D 68 35.32 19.90 31.65
CA SER D 68 34.85 18.58 31.27
C SER D 68 33.62 18.17 32.09
N ILE D 69 32.68 17.49 31.42
CA ILE D 69 31.49 17.02 32.14
C ILE D 69 31.76 15.70 32.83
N ASP D 70 33.01 15.23 32.82
CA ASP D 70 33.34 13.89 33.33
C ASP D 70 33.03 13.74 34.80
N HIS D 71 32.95 14.83 35.54
CA HIS D 71 32.85 14.79 36.99
C HIS D 71 31.41 14.90 37.48
N LEU D 72 30.44 14.71 36.57
CA LEU D 72 29.04 14.62 36.93
C LEU D 72 28.68 13.14 36.85
N THR D 73 28.58 12.51 38.01
CA THR D 73 28.55 11.05 38.14
C THR D 73 27.16 10.50 38.50
N ASP D 74 26.12 11.32 38.53
CA ASP D 74 24.79 10.80 38.83
C ASP D 74 23.74 11.65 38.13
N HIS D 75 22.53 11.07 38.03
CA HIS D 75 21.45 11.72 37.29
C HIS D 75 21.14 13.10 37.87
N LYS D 76 21.08 13.22 39.20
CA LYS D 76 20.67 14.48 39.81
C LYS D 76 21.71 15.57 39.55
N SER D 77 22.99 15.18 39.55
CA SER D 77 24.07 16.11 39.25
C SER D 77 23.99 16.60 37.80
N GLN D 78 23.73 15.69 36.86
CA GLN D 78 23.59 16.11 35.49
C GLN D 78 22.38 17.02 35.32
N ARG D 79 21.29 16.73 36.05
CA ARG D 79 20.11 17.58 35.99
C ARG D 79 20.42 18.97 36.56
N LEU D 80 21.07 19.04 37.72
CA LEU D 80 21.45 20.34 38.26
C LEU D 80 22.38 21.09 37.30
N ALA D 81 23.36 20.39 36.72
CA ALA D 81 24.26 21.04 35.78
C ALA D 81 23.53 21.52 34.53
N ARG D 82 22.57 20.73 34.04
CA ARG D 82 21.73 21.19 32.94
C ARG D 82 21.03 22.48 33.30
N LEU D 83 20.56 22.59 34.54
CA LEU D 83 19.81 23.78 34.95
C LEU D 83 20.73 24.99 35.07
N VAL D 84 21.92 24.80 35.62
CA VAL D 84 22.90 25.89 35.71
C VAL D 84 23.26 26.38 34.32
N LEU D 85 23.69 25.45 33.45
CA LEU D 85 24.13 25.81 32.10
C LEU D 85 22.98 26.36 31.28
N GLY D 86 21.76 25.84 31.50
CA GLY D 86 20.60 26.38 30.82
C GLY D 86 20.30 27.81 31.22
N CYS D 87 20.39 28.11 32.53
CA CYS D 87 20.18 29.48 32.97
C CYS D 87 21.27 30.41 32.47
N ILE D 88 22.53 29.95 32.51
CA ILE D 88 23.60 30.78 31.98
C ILE D 88 23.39 31.02 30.50
N THR D 89 22.87 30.02 29.79
CA THR D 89 22.74 30.17 28.36
C THR D 89 21.69 31.22 28.00
N MET D 90 20.52 31.19 28.65
CA MET D 90 19.50 32.20 28.34
C MET D 90 19.96 33.61 28.72
N ALA D 91 20.60 33.74 29.89
CA ALA D 91 21.18 35.03 30.27
C ALA D 91 22.17 35.52 29.24
N TYR D 92 23.00 34.62 28.71
CA TYR D 92 23.98 35.05 27.72
C TYR D 92 23.31 35.48 26.42
N VAL D 93 22.38 34.66 25.92
CA VAL D 93 21.76 34.95 24.64
C VAL D 93 20.96 36.25 24.71
N TRP D 94 20.15 36.39 25.76
CA TRP D 94 19.22 37.51 25.90
C TRP D 94 19.77 38.69 26.69
N GLY D 95 20.83 38.51 27.49
CA GLY D 95 21.39 39.65 28.20
C GLY D 95 20.35 40.33 29.09
N LYS D 96 20.18 41.65 28.90
CA LYS D 96 19.26 42.40 29.74
C LYS D 96 17.81 42.31 29.26
N GLY D 97 17.56 41.61 28.17
CA GLY D 97 16.20 41.39 27.75
C GLY D 97 15.59 42.53 26.98
N HIS D 98 16.40 43.42 26.41
CA HIS D 98 15.90 44.60 25.71
C HIS D 98 16.34 44.57 24.25
N GLY D 99 16.62 43.38 23.72
CA GLY D 99 16.87 43.19 22.31
C GLY D 99 18.33 43.11 21.89
N ASP D 100 19.28 43.26 22.81
CA ASP D 100 20.69 43.13 22.44
C ASP D 100 21.10 41.67 22.64
N VAL D 101 20.97 40.88 21.57
CA VAL D 101 21.08 39.45 21.68
C VAL D 101 22.47 38.97 21.27
N ARG D 102 22.76 37.69 21.53
CA ARG D 102 23.98 37.05 21.09
C ARG D 102 23.60 35.84 20.24
N LYS D 103 24.20 35.73 19.06
CA LYS D 103 23.87 34.66 18.14
C LYS D 103 24.80 33.47 18.25
N VAL D 104 25.87 33.58 19.05
CA VAL D 104 26.89 32.53 19.17
C VAL D 104 27.09 32.23 20.65
N LEU D 105 26.87 30.97 21.03
CA LEU D 105 27.16 30.52 22.39
C LEU D 105 28.59 30.02 22.47
N PRO D 106 29.45 30.64 23.30
CA PRO D 106 30.89 30.33 23.29
C PRO D 106 31.20 28.85 23.49
N ARG D 107 32.24 28.41 22.79
CA ARG D 107 32.78 27.04 22.91
C ARG D 107 32.73 26.52 24.34
N ASN D 108 33.27 27.29 25.29
CA ASN D 108 33.55 26.72 26.60
C ASN D 108 32.28 26.41 27.39
N ILE D 109 31.14 26.98 26.99
CA ILE D 109 29.85 26.63 27.54
C ILE D 109 29.09 25.71 26.60
N ALA D 110 29.17 25.98 25.30
CA ALA D 110 28.38 25.26 24.31
C ALA D 110 28.70 23.78 24.29
N VAL D 111 29.98 23.45 24.39
CA VAL D 111 30.42 22.09 24.14
C VAL D 111 29.96 21.26 25.34
N PRO D 112 30.32 21.59 26.58
CA PRO D 112 29.89 20.72 27.68
C PRO D 112 28.38 20.71 27.84
N TYR D 113 27.70 21.82 27.54
CA TYR D 113 26.24 21.82 27.58
C TYR D 113 25.68 20.85 26.55
N CYS D 114 26.25 20.79 25.36
CA CYS D 114 25.68 19.90 24.33
C CYS D 114 26.03 18.44 24.59
N GLN D 115 27.20 18.17 25.15
CA GLN D 115 27.53 16.80 25.52
C GLN D 115 26.58 16.29 26.60
N LEU D 116 26.39 17.10 27.65
CA LEU D 116 25.49 16.75 28.74
C LEU D 116 24.05 16.63 28.26
N SER D 117 23.62 17.52 27.36
CA SER D 117 22.28 17.43 26.83
C SER D 117 22.09 16.17 25.97
N ALA D 118 23.15 15.74 25.28
CA ALA D 118 23.10 14.47 24.55
C ALA D 118 23.06 13.29 25.50
N ALA D 119 23.83 13.33 26.58
CA ALA D 119 23.76 12.23 27.55
C ALA D 119 22.38 12.13 28.21
N LEU D 120 21.71 13.26 28.42
CA LEU D 120 20.40 13.29 29.07
C LEU D 120 19.25 13.24 28.07
N GLU D 121 19.55 13.33 26.77
CA GLU D 121 18.56 13.19 25.69
C GLU D 121 17.54 14.34 25.70
N LEU D 122 18.03 15.52 26.02
CA LEU D 122 17.28 16.76 25.97
C LEU D 122 18.00 17.72 25.05
N PRO D 123 17.28 18.67 24.45
CA PRO D 123 17.91 19.67 23.57
C PRO D 123 18.72 20.68 24.37
N PRO D 124 19.76 21.28 23.77
CA PRO D 124 20.59 22.21 24.58
C PRO D 124 19.94 23.58 24.73
N ILE D 125 18.87 23.60 25.53
CA ILE D 125 18.16 24.83 25.87
C ILE D 125 17.45 24.58 27.18
N LEU D 126 17.21 25.65 27.94
CA LEU D 126 16.43 25.54 29.17
C LEU D 126 15.03 25.02 28.87
N VAL D 127 14.63 23.96 29.56
CA VAL D 127 13.29 23.39 29.42
C VAL D 127 12.61 23.31 30.78
N TYR D 128 11.29 23.20 30.73
CA TYR D 128 10.42 22.92 31.87
C TYR D 128 11.00 21.93 32.87
N ALA D 129 11.62 20.86 32.39
CA ALA D 129 12.18 19.87 33.31
C ALA D 129 13.40 20.40 34.04
N ASP D 130 14.00 21.51 33.55
CA ASP D 130 15.09 22.16 34.25
C ASP D 130 14.56 23.22 35.21
N CYS D 131 13.87 24.23 34.68
CA CYS D 131 13.56 25.43 35.45
C CYS D 131 12.35 25.25 36.37
N VAL D 132 11.58 24.17 36.21
CA VAL D 132 10.48 23.84 37.12
C VAL D 132 10.75 22.49 37.80
N LEU D 133 10.84 21.40 37.04
CA LEU D 133 10.89 20.08 37.66
C LEU D 133 12.16 19.83 38.46
N ALA D 134 13.25 20.54 38.18
CA ALA D 134 14.50 20.28 38.90
C ALA D 134 14.95 21.48 39.73
N ASN D 135 14.14 22.55 39.78
CA ASN D 135 14.59 23.84 40.27
C ASN D 135 13.92 24.19 41.60
N TRP D 136 14.04 23.32 42.60
CA TRP D 136 13.31 23.58 43.81
C TRP D 136 13.98 22.91 45.01
N LYS D 137 13.51 23.26 46.20
CA LYS D 137 13.96 22.69 47.46
C LYS D 137 12.88 22.92 48.50
N LYS D 138 12.87 22.08 49.53
CA LYS D 138 12.13 22.41 50.74
C LYS D 138 12.97 23.35 51.60
N LYS D 139 12.36 24.41 52.13
CA LYS D 139 13.05 25.21 53.14
C LYS D 139 13.37 24.36 54.36
N ASP D 140 12.33 23.84 55.02
CA ASP D 140 12.45 22.86 56.08
C ASP D 140 12.08 21.48 55.55
N PRO D 141 13.01 20.52 55.49
CA PRO D 141 12.66 19.19 54.94
C PRO D 141 11.57 18.46 55.72
N ASN D 142 11.20 18.93 56.91
CA ASN D 142 10.25 18.20 57.73
C ASN D 142 8.83 18.74 57.64
N LYS D 143 8.64 19.89 56.99
CA LYS D 143 7.32 20.42 56.69
C LYS D 143 6.90 19.98 55.29
N PRO D 144 5.63 20.14 54.92
CA PRO D 144 5.14 19.51 53.68
C PRO D 144 5.43 20.37 52.44
N LEU D 145 5.06 19.82 51.28
CA LEU D 145 5.26 20.46 49.97
C LEU D 145 4.22 21.55 49.80
N THR D 146 4.51 22.70 50.38
CA THR D 146 3.62 23.85 50.34
C THR D 146 4.46 25.08 49.99
N TYR D 147 3.83 26.05 49.31
CA TYR D 147 4.56 27.19 48.75
C TYR D 147 5.42 27.88 49.81
N GLU D 148 4.91 27.99 51.03
CA GLU D 148 5.64 28.70 52.07
C GLU D 148 6.89 27.95 52.52
N ASN D 149 6.93 26.64 52.32
CA ASN D 149 8.07 25.81 52.73
C ASN D 149 9.02 25.49 51.57
N MET D 150 8.93 26.22 50.44
CA MET D 150 9.69 25.81 49.27
C MET D 150 10.39 27.01 48.66
N ASP D 151 11.46 26.74 47.92
CA ASP D 151 12.16 27.76 47.18
C ASP D 151 12.65 27.22 45.85
N VAL D 152 12.93 28.14 44.92
CA VAL D 152 13.63 27.79 43.70
C VAL D 152 15.12 27.92 43.94
N LEU D 153 15.91 27.34 43.05
CA LEU D 153 17.36 27.39 43.12
C LEU D 153 17.96 28.50 42.26
N PHE D 154 17.29 28.90 41.18
CA PHE D 154 17.84 29.93 40.31
C PHE D 154 16.75 30.87 39.81
N SER D 155 17.16 32.11 39.56
CA SER D 155 16.31 33.18 39.04
C SER D 155 17.12 33.98 38.03
N PHE D 156 16.44 34.81 37.24
CA PHE D 156 17.13 35.64 36.25
C PHE D 156 17.30 37.08 36.71
N ARG D 157 16.21 37.74 37.09
CA ARG D 157 16.25 39.16 37.43
C ARG D 157 15.50 39.40 38.72
N ASP D 158 15.90 40.43 39.46
CA ASP D 158 15.12 40.80 40.63
C ASP D 158 13.70 41.17 40.20
N GLY D 159 12.73 40.72 40.97
CA GLY D 159 11.35 40.98 40.60
C GLY D 159 10.88 40.32 39.32
N ASP D 160 11.59 39.30 38.83
CA ASP D 160 11.11 38.61 37.65
C ASP D 160 10.00 37.60 37.96
N CYS D 161 9.65 37.40 39.23
CA CYS D 161 8.60 36.48 39.66
C CYS D 161 8.89 35.04 39.26
N SER D 162 10.15 34.69 39.04
CA SER D 162 10.46 33.30 38.71
C SER D 162 10.09 32.36 39.86
N LYS D 163 10.21 32.80 41.10
CA LYS D 163 9.86 31.88 42.19
C LYS D 163 8.37 31.55 42.14
N GLY D 164 7.52 32.56 41.93
CA GLY D 164 6.09 32.30 41.87
C GLY D 164 5.70 31.44 40.67
N PHE D 165 6.26 31.75 39.49
CA PHE D 165 5.90 30.98 38.30
C PHE D 165 6.43 29.54 38.37
N PHE D 166 7.68 29.34 38.78
CA PHE D 166 8.20 27.98 38.81
C PHE D 166 7.54 27.14 39.91
N LEU D 167 7.36 27.71 41.11
CA LEU D 167 6.82 26.89 42.20
C LEU D 167 5.35 26.59 42.01
N VAL D 168 4.57 27.49 41.44
CA VAL D 168 3.17 27.14 41.30
C VAL D 168 3.00 26.10 40.20
N SER D 169 3.75 26.23 39.09
CA SER D 169 3.79 25.15 38.09
C SER D 169 4.18 23.84 38.75
N LEU D 170 5.22 23.86 39.58
CA LEU D 170 5.63 22.67 40.30
C LEU D 170 4.51 22.15 41.20
N LEU D 171 3.85 23.03 41.95
CA LEU D 171 2.81 22.59 42.87
C LEU D 171 1.61 21.97 42.13
N VAL D 172 1.28 22.51 40.95
CA VAL D 172 0.30 21.85 40.06
C VAL D 172 0.79 20.47 39.69
N GLU D 173 2.08 20.36 39.38
CA GLU D 173 2.70 19.09 39.03
C GLU D 173 2.65 18.09 40.19
N ILE D 174 2.83 18.57 41.43
CA ILE D 174 2.72 17.68 42.59
C ILE D 174 1.26 17.27 42.83
N ALA D 175 0.31 18.18 42.64
CA ALA D 175 -1.09 17.79 42.77
C ALA D 175 -1.45 16.73 41.74
N ALA D 176 -0.97 16.87 40.49
CA ALA D 176 -1.22 15.86 39.47
C ALA D 176 -0.69 14.48 39.86
N ALA D 177 0.43 14.42 40.57
CA ALA D 177 1.02 13.14 40.99
C ALA D 177 0.00 12.22 41.66
N SER D 178 -1.00 12.79 42.37
CA SER D 178 -2.03 12.00 43.02
C SER D 178 -2.90 11.28 42.00
N ALA D 179 -3.18 11.93 40.87
CA ALA D 179 -3.89 11.26 39.79
C ALA D 179 -2.97 10.29 39.05
N ILE D 180 -1.69 10.67 38.87
CA ILE D 180 -0.77 9.84 38.09
C ILE D 180 -0.54 8.50 38.79
N LYS D 181 -0.47 8.50 40.12
CA LYS D 181 -0.24 7.24 40.81
C LYS D 181 -1.41 6.26 40.70
N VAL D 182 -2.59 6.69 40.25
CA VAL D 182 -3.74 5.79 40.09
C VAL D 182 -3.74 5.02 38.77
N ILE D 183 -3.03 5.52 37.76
CA ILE D 183 -3.06 4.97 36.41
C ILE D 183 -2.79 3.46 36.37
N PRO D 184 -1.81 2.92 37.11
CA PRO D 184 -1.65 1.45 37.11
C PRO D 184 -2.93 0.71 37.51
N THR D 185 -3.69 1.28 38.45
CA THR D 185 -4.89 0.62 38.95
C THR D 185 -5.96 0.57 37.88
N VAL D 186 -6.02 1.59 37.04
CA VAL D 186 -6.97 1.61 35.93
C VAL D 186 -6.68 0.47 34.97
N PHE D 187 -5.42 0.31 34.56
CA PHE D 187 -5.09 -0.71 33.57
C PHE D 187 -5.21 -2.11 34.16
N LYS D 188 -4.80 -2.28 35.42
CA LYS D 188 -5.02 -3.56 36.09
C LYS D 188 -6.51 -3.90 36.13
N ALA D 189 -7.36 -2.88 36.31
CA ALA D 189 -8.79 -3.10 36.50
C ALA D 189 -9.47 -3.55 35.22
N MET D 190 -9.20 -2.86 34.11
CA MET D 190 -9.70 -3.33 32.82
C MET D 190 -9.20 -4.75 32.53
N GLN D 191 -7.95 -5.01 32.85
CA GLN D 191 -7.37 -6.29 32.50
C GLN D 191 -7.93 -7.42 33.36
N MET D 192 -8.34 -7.14 34.59
CA MET D 192 -8.96 -8.16 35.43
C MET D 192 -10.49 -8.10 35.43
N GLN D 193 -11.10 -7.19 34.66
CA GLN D 193 -12.55 -7.02 34.69
C GLN D 193 -13.02 -6.77 36.11
N GLU D 194 -12.48 -5.72 36.72
CA GLU D 194 -12.88 -5.26 38.04
C GLU D 194 -13.61 -3.93 37.83
N ARG D 195 -14.92 -4.03 37.56
CA ARG D 195 -15.68 -2.86 37.16
C ARG D 195 -15.75 -1.82 38.28
N ASP D 196 -15.85 -2.27 39.52
CA ASP D 196 -15.97 -1.27 40.58
C ASP D 196 -14.61 -0.63 40.88
N THR D 197 -13.53 -1.41 40.87
CA THR D 197 -12.20 -0.83 41.01
C THR D 197 -11.96 0.24 39.96
N LEU D 198 -12.32 -0.06 38.71
CA LEU D 198 -12.05 0.85 37.61
C LEU D 198 -12.84 2.14 37.79
N LEU D 199 -14.12 2.02 38.13
CA LEU D 199 -14.94 3.21 38.32
C LEU D 199 -14.36 4.08 39.45
N LYS D 200 -14.05 3.43 40.58
CA LYS D 200 -13.51 4.19 41.69
C LYS D 200 -12.20 4.86 41.31
N ALA D 201 -11.38 4.21 40.48
CA ALA D 201 -10.10 4.78 40.08
C ALA D 201 -10.30 6.03 39.22
N LEU D 202 -11.25 5.97 38.27
CA LEU D 202 -11.50 7.13 37.42
C LEU D 202 -12.05 8.30 38.22
N LEU D 203 -13.01 8.04 39.12
CA LEU D 203 -13.50 9.09 40.01
C LEU D 203 -12.35 9.69 40.82
N GLU D 204 -11.44 8.86 41.31
CA GLU D 204 -10.29 9.37 42.06
C GLU D 204 -9.42 10.27 41.18
N ILE D 205 -9.11 9.83 39.96
CA ILE D 205 -8.31 10.63 39.05
C ILE D 205 -8.97 11.98 38.81
N ALA D 206 -10.27 11.96 38.50
CA ALA D 206 -10.99 13.21 38.26
C ALA D 206 -10.91 14.11 39.49
N SER D 207 -11.04 13.52 40.66
CA SER D 207 -10.98 14.29 41.89
C SER D 207 -9.61 14.93 42.04
N CYS D 208 -8.55 14.15 41.82
CA CYS D 208 -7.19 14.70 41.92
C CYS D 208 -6.95 15.78 40.88
N LEU D 209 -7.48 15.60 39.67
CA LEU D 209 -7.35 16.65 38.67
C LEU D 209 -8.19 17.88 39.03
N GLU D 210 -9.31 17.70 39.73
CA GLU D 210 -10.04 18.86 40.24
C GLU D 210 -9.22 19.60 41.29
N LYS D 211 -8.55 18.87 42.18
CA LYS D 211 -7.66 19.51 43.15
C LYS D 211 -6.49 20.22 42.44
N ALA D 212 -5.95 19.62 41.39
CA ALA D 212 -4.90 20.31 40.64
C ALA D 212 -5.40 21.66 40.13
N LEU D 213 -6.67 21.74 39.74
CA LEU D 213 -7.19 23.02 39.25
C LEU D 213 -7.17 24.08 40.34
N GLN D 214 -7.39 23.68 41.59
CA GLN D 214 -7.38 24.69 42.64
C GLN D 214 -5.95 25.15 42.92
N VAL D 215 -4.99 24.23 42.87
CA VAL D 215 -3.58 24.61 42.97
C VAL D 215 -3.25 25.65 41.92
N PHE D 216 -3.78 25.49 40.72
CA PHE D 216 -3.51 26.47 39.67
C PHE D 216 -3.93 27.89 40.07
N HIS D 217 -4.95 28.03 40.93
CA HIS D 217 -5.42 29.35 41.34
C HIS D 217 -4.32 30.15 42.03
N GLN D 218 -3.30 29.48 42.59
CA GLN D 218 -2.27 30.17 43.34
C GLN D 218 -1.35 31.03 42.46
N ILE D 219 -1.46 30.93 41.14
CA ILE D 219 -0.59 31.71 40.29
C ILE D 219 -0.83 33.19 40.51
N HIS D 220 -2.07 33.56 40.88
CA HIS D 220 -2.46 34.96 41.00
C HIS D 220 -1.77 35.68 42.15
N ASP D 221 -1.50 34.99 43.25
CA ASP D 221 -0.88 35.66 44.39
C ASP D 221 0.63 35.60 44.39
N HIS D 222 1.25 34.94 43.42
CA HIS D 222 2.68 34.90 43.40
C HIS D 222 3.29 35.39 42.11
N VAL D 223 2.49 35.69 41.09
CA VAL D 223 3.00 36.12 39.80
C VAL D 223 2.25 37.36 39.35
N ASN D 224 2.97 38.36 39.06
CA ASN D 224 2.53 39.66 38.60
C ASN D 224 2.61 39.70 37.07
N PRO D 225 1.52 40.05 36.37
CA PRO D 225 1.52 39.88 34.91
C PRO D 225 2.55 40.70 34.18
N LYS D 226 2.76 41.96 34.57
CA LYS D 226 3.77 42.76 33.88
C LYS D 226 5.15 42.12 34.02
N ALA D 227 5.53 41.71 35.23
CA ALA D 227 6.84 41.10 35.44
C ALA D 227 6.97 39.80 34.65
N PHE D 228 5.93 38.96 34.65
CA PHE D 228 6.01 37.76 33.82
C PHE D 228 6.17 38.14 32.35
N PHE D 229 5.21 38.91 31.82
CA PHE D 229 5.21 39.17 30.39
C PHE D 229 6.46 39.89 29.93
N SER D 230 6.91 40.89 30.67
CA SER D 230 7.95 41.75 30.16
C SER D 230 9.33 41.36 30.64
N VAL D 231 9.44 40.47 31.64
CA VAL D 231 10.76 40.08 32.13
C VAL D 231 10.97 38.57 32.07
N LEU D 232 10.18 37.78 32.80
CA LEU D 232 10.45 36.34 32.86
C LEU D 232 10.26 35.69 31.49
N ARG D 233 9.19 36.03 30.78
CA ARG D 233 8.92 35.45 29.47
C ARG D 233 10.08 35.67 28.52
N ILE D 234 10.90 36.70 28.76
CA ILE D 234 11.98 37.01 27.85
C ILE D 234 13.11 35.99 28.00
N TYR D 235 13.39 35.60 29.25
CA TYR D 235 14.47 34.65 29.52
C TYR D 235 14.07 33.21 29.24
N LEU D 236 12.77 32.93 29.14
CA LEU D 236 12.30 31.60 28.80
C LEU D 236 12.11 31.43 27.29
N SER D 237 12.52 32.41 26.50
CA SER D 237 12.24 32.37 25.09
C SER D 237 13.36 31.67 24.35
N GLY D 238 12.99 31.01 23.25
CA GLY D 238 13.90 30.21 22.47
C GLY D 238 14.33 30.83 21.16
N TRP D 239 14.95 30.01 20.29
CA TRP D 239 15.40 30.42 18.97
C TRP D 239 14.84 29.48 17.91
N LYS D 240 13.51 29.37 17.85
CA LYS D 240 12.80 28.65 16.80
C LYS D 240 11.68 29.55 16.30
N GLY D 241 11.80 30.07 15.09
CA GLY D 241 10.85 31.07 14.64
C GLY D 241 10.91 32.36 15.41
N ASN D 242 12.05 32.66 16.03
CA ASN D 242 12.28 33.94 16.68
C ASN D 242 12.97 34.88 15.71
N PRO D 243 12.31 35.96 15.26
CA PRO D 243 12.99 36.90 14.35
C PRO D 243 14.28 37.50 14.92
N GLN D 244 14.48 37.51 16.23
CA GLN D 244 15.74 38.02 16.74
C GLN D 244 16.88 37.03 16.56
N LEU D 245 16.57 35.76 16.30
CA LEU D 245 17.52 34.69 16.01
C LEU D 245 16.84 33.78 14.97
N SER D 246 16.65 34.30 13.76
CA SER D 246 15.84 33.61 12.75
C SER D 246 16.50 32.32 12.24
N ASP D 247 17.81 32.18 12.39
CA ASP D 247 18.54 30.99 11.95
C ASP D 247 18.88 30.04 13.08
N GLY D 248 18.47 30.35 14.31
CA GLY D 248 18.82 29.55 15.47
C GLY D 248 20.05 30.09 16.15
N LEU D 249 20.60 29.30 17.06
CA LEU D 249 21.78 29.67 17.82
C LEU D 249 22.99 28.85 17.37
N VAL D 250 24.15 29.49 17.36
CA VAL D 250 25.40 28.78 17.06
C VAL D 250 25.97 28.23 18.35
N TYR D 251 26.01 26.90 18.45
CA TYR D 251 26.62 26.20 19.57
C TYR D 251 28.08 25.96 19.22
N GLU D 252 28.89 26.97 19.50
CA GLU D 252 30.25 27.05 19.00
C GLU D 252 31.09 25.85 19.41
N GLY D 253 31.82 25.30 18.45
CA GLY D 253 32.68 24.16 18.66
C GLY D 253 31.97 22.83 18.73
N PHE D 254 30.65 22.80 18.59
CA PHE D 254 29.88 21.56 18.62
C PHE D 254 29.15 21.28 17.32
N TRP D 255 28.41 22.25 16.78
CA TRP D 255 27.83 22.17 15.45
C TRP D 255 28.28 23.37 14.63
N GLU D 256 28.52 23.14 13.33
CA GLU D 256 28.99 24.20 12.44
C GLU D 256 27.90 25.24 12.19
N ASP D 257 26.67 24.79 12.02
CA ASP D 257 25.58 25.67 11.65
C ASP D 257 24.62 25.88 12.82
N PRO D 258 24.00 27.04 12.91
CA PRO D 258 23.06 27.30 14.01
C PRO D 258 21.91 26.30 13.99
N LYS D 259 21.38 26.00 15.17
CA LYS D 259 20.22 25.13 15.30
C LYS D 259 19.12 25.87 16.05
N GLU D 260 17.89 25.41 15.83
CA GLU D 260 16.69 26.06 16.30
C GLU D 260 16.04 25.23 17.39
N PHE D 261 15.73 25.86 18.51
CA PHE D 261 15.13 25.14 19.63
C PHE D 261 14.06 26.02 20.26
N ALA D 262 12.91 25.40 20.52
CA ALA D 262 11.78 26.15 21.01
C ALA D 262 12.02 26.63 22.43
N GLY D 263 11.49 27.80 22.73
CA GLY D 263 11.47 28.37 24.06
C GLY D 263 10.84 27.49 25.11
N GLY D 264 11.68 27.06 26.04
CA GLY D 264 11.19 26.22 27.13
C GLY D 264 10.17 26.97 27.96
N SER D 265 9.11 26.26 28.34
CA SER D 265 8.00 26.91 29.01
C SER D 265 7.20 25.85 29.72
N ALA D 266 5.99 26.19 30.10
CA ALA D 266 4.95 25.18 30.31
C ALA D 266 4.31 24.97 28.95
N GLY D 267 3.94 23.74 28.66
CA GLY D 267 3.57 23.43 27.31
C GLY D 267 4.38 22.21 27.09
N GLN D 268 5.53 22.22 27.80
CA GLN D 268 6.40 21.07 27.92
C GLN D 268 6.01 20.17 29.09
N SER D 269 5.15 20.64 29.98
CA SER D 269 4.61 19.74 30.98
C SER D 269 4.08 18.47 30.35
N SER D 270 4.26 17.36 31.05
CA SER D 270 3.74 16.08 30.59
C SER D 270 2.34 15.81 31.10
N VAL D 271 1.81 16.69 31.97
CA VAL D 271 0.60 16.37 32.73
C VAL D 271 -0.64 16.32 31.82
N PHE D 272 -0.86 17.34 30.99
CA PHE D 272 -2.05 17.30 30.14
C PHE D 272 -1.96 16.16 29.11
N GLN D 273 -0.81 16.01 28.46
CA GLN D 273 -0.67 14.94 27.50
C GLN D 273 -0.81 13.57 28.17
N CYS D 274 -0.34 13.44 29.41
CA CYS D 274 -0.49 12.16 30.11
C CYS D 274 -1.95 11.74 30.21
N PHE D 275 -2.84 12.66 30.61
CA PHE D 275 -4.25 12.29 30.70
C PHE D 275 -4.96 12.37 29.35
N ASP D 276 -4.46 13.19 28.42
CA ASP D 276 -4.86 13.09 27.03
C ASP D 276 -4.71 11.66 26.54
N VAL D 277 -3.56 11.05 26.81
CA VAL D 277 -3.29 9.73 26.26
C VAL D 277 -4.04 8.66 27.04
N LEU D 278 -4.14 8.81 28.36
CA LEU D 278 -4.85 7.81 29.15
C LEU D 278 -6.33 7.72 28.72
N LEU D 279 -6.97 8.88 28.50
CA LEU D 279 -8.38 8.91 28.17
C LEU D 279 -8.67 8.71 26.68
N GLY D 280 -7.67 8.38 25.87
CA GLY D 280 -7.92 8.22 24.45
C GLY D 280 -8.31 9.48 23.71
N ILE D 281 -8.19 10.65 24.32
CA ILE D 281 -8.28 11.91 23.59
C ILE D 281 -7.10 12.00 22.64
N GLN D 282 -7.37 12.30 21.37
CA GLN D 282 -6.40 12.11 20.29
C GLN D 282 -5.90 13.47 19.78
N GLN D 283 -5.06 14.10 20.58
CA GLN D 283 -4.57 15.41 20.19
C GLN D 283 -3.39 15.35 19.24
N THR D 284 -2.49 14.37 19.41
CA THR D 284 -1.29 14.25 18.58
C THR D 284 -1.57 13.53 17.27
N ALA D 285 -2.84 13.25 16.97
CA ALA D 285 -3.23 12.57 15.74
C ALA D 285 -3.53 13.59 14.65
N GLY D 286 -2.88 13.44 13.51
CA GLY D 286 -3.13 14.27 12.35
C GLY D 286 -1.88 15.05 11.95
N GLY D 287 -2.03 15.80 10.86
CA GLY D 287 -1.01 16.72 10.39
C GLY D 287 -1.27 18.16 10.74
N GLY D 288 -2.28 18.44 11.57
CA GLY D 288 -2.60 19.81 11.92
C GLY D 288 -1.52 20.46 12.76
N HIS D 289 -1.62 21.78 12.87
CA HIS D 289 -0.63 22.52 13.63
C HIS D 289 -0.73 22.24 15.12
N ALA D 290 -1.93 21.91 15.62
CA ALA D 290 -2.07 21.56 17.02
C ALA D 290 -1.32 20.27 17.35
N ALA D 291 -1.53 19.23 16.53
CA ALA D 291 -0.91 17.93 16.79
C ALA D 291 0.60 17.99 16.59
N GLN D 292 1.07 18.77 15.62
CA GLN D 292 2.50 18.88 15.39
C GLN D 292 3.20 19.52 16.58
N PHE D 293 2.66 20.64 17.05
CA PHE D 293 3.22 21.32 18.22
C PHE D 293 3.27 20.39 19.42
N LEU D 294 2.18 19.69 19.69
CA LEU D 294 2.13 18.83 20.86
C LEU D 294 3.09 17.65 20.74
N GLN D 295 3.27 17.12 19.54
CA GLN D 295 4.30 16.12 19.32
C GLN D 295 5.69 16.75 19.46
N ASP D 296 5.88 17.96 18.93
CA ASP D 296 7.19 18.58 19.06
C ASP D 296 7.54 18.83 20.52
N MET D 297 6.56 19.25 21.32
CA MET D 297 6.85 19.51 22.73
C MET D 297 7.36 18.26 23.44
N ARG D 298 6.98 17.07 22.97
CA ARG D 298 7.48 15.84 23.58
C ARG D 298 8.98 15.72 23.46
N ARG D 299 9.56 16.36 22.45
CA ARG D 299 11.00 16.36 22.29
C ARG D 299 11.71 17.07 23.43
N TYR D 300 11.01 17.96 24.14
CA TYR D 300 11.58 18.74 25.23
C TYR D 300 11.30 18.14 26.59
N MET D 301 10.79 16.94 26.62
CA MET D 301 10.45 16.21 27.83
C MET D 301 11.54 15.21 28.13
N PRO D 302 11.85 15.00 29.42
CA PRO D 302 12.79 13.94 29.81
C PRO D 302 12.48 12.64 29.09
N PRO D 303 13.52 11.94 28.63
CA PRO D 303 13.25 10.72 27.83
C PRO D 303 12.46 9.67 28.58
N ALA D 304 12.70 9.49 29.88
CA ALA D 304 11.87 8.54 30.63
C ALA D 304 10.40 8.91 30.52
N HIS D 305 10.09 10.20 30.43
CA HIS D 305 8.69 10.64 30.38
C HIS D 305 8.12 10.54 28.96
N ARG D 306 8.95 10.84 27.95
CA ARG D 306 8.61 10.46 26.57
C ARG D 306 8.17 9.00 26.49
N ASN D 307 8.97 8.10 27.07
CA ASN D 307 8.67 6.68 27.00
C ASN D 307 7.38 6.36 27.73
N PHE D 308 7.16 6.96 28.90
CA PHE D 308 5.91 6.77 29.61
C PHE D 308 4.72 7.10 28.72
N LEU D 309 4.74 8.26 28.07
CA LEU D 309 3.60 8.64 27.24
C LEU D 309 3.34 7.60 26.14
N CYS D 310 4.41 7.06 25.55
CA CYS D 310 4.26 6.06 24.50
C CYS D 310 3.77 4.72 25.05
N SER D 311 4.33 4.28 26.17
CA SER D 311 3.85 3.07 26.83
C SER D 311 2.35 3.17 27.10
N LEU D 312 1.88 4.32 27.61
CA LEU D 312 0.45 4.56 27.79
C LEU D 312 -0.34 4.40 26.49
N GLU D 313 0.19 4.94 25.38
CA GLU D 313 -0.47 4.81 24.08
C GLU D 313 -0.56 3.36 23.60
N SER D 314 0.44 2.53 23.93
CA SER D 314 0.49 1.13 23.56
C SER D 314 -0.49 0.28 24.36
N ASN D 315 -0.96 0.80 25.49
CA ASN D 315 -1.86 0.07 26.35
C ASN D 315 -3.25 -0.04 25.71
N PRO D 316 -4.05 -1.01 26.14
CA PRO D 316 -5.45 -1.07 25.71
C PRO D 316 -6.20 0.20 26.12
N SER D 317 -6.99 0.72 25.19
CA SER D 317 -7.68 1.98 25.41
C SER D 317 -8.72 1.88 26.52
N VAL D 318 -8.65 2.82 27.47
CA VAL D 318 -9.67 2.97 28.51
C VAL D 318 -10.99 3.40 27.90
N ARG D 319 -10.94 4.25 26.87
CA ARG D 319 -12.16 4.78 26.28
C ARG D 319 -12.92 3.69 25.52
N GLU D 320 -12.19 2.88 24.75
CA GLU D 320 -12.78 1.71 24.11
C GLU D 320 -13.48 0.85 25.14
N PHE D 321 -12.82 0.62 26.27
CA PHE D 321 -13.36 -0.25 27.31
C PHE D 321 -14.63 0.32 27.88
N VAL D 322 -14.60 1.58 28.33
CA VAL D 322 -15.78 2.21 28.90
C VAL D 322 -16.93 2.17 27.89
N LEU D 323 -16.64 2.50 26.62
CA LEU D 323 -17.69 2.56 25.60
C LEU D 323 -18.31 1.20 25.29
N SER D 324 -17.59 0.11 25.54
CA SER D 324 -18.03 -1.23 25.15
C SER D 324 -18.98 -1.89 26.15
N LYS D 325 -19.16 -1.32 27.34
CA LYS D 325 -19.76 -2.04 28.46
C LYS D 325 -21.19 -1.63 28.77
N GLY D 326 -21.77 -0.69 28.00
CA GLY D 326 -23.10 -0.17 28.26
C GLY D 326 -23.32 0.15 29.73
N ASP D 327 -22.37 0.87 30.31
CA ASP D 327 -22.27 1.08 31.76
C ASP D 327 -22.32 2.58 32.00
N ALA D 328 -23.50 3.10 32.33
CA ALA D 328 -23.62 4.55 32.57
C ALA D 328 -22.72 4.99 33.71
N GLY D 329 -22.59 4.17 34.75
CA GLY D 329 -21.67 4.50 35.83
C GLY D 329 -20.25 4.71 35.34
N LEU D 330 -19.75 3.79 34.51
CA LEU D 330 -18.40 3.91 33.97
C LEU D 330 -18.30 5.11 33.04
N ARG D 331 -19.32 5.35 32.24
CA ARG D 331 -19.26 6.51 31.35
C ARG D 331 -19.20 7.79 32.16
N GLU D 332 -19.95 7.85 33.27
CA GLU D 332 -19.97 9.04 34.11
C GLU D 332 -18.57 9.31 34.68
N ALA D 333 -17.94 8.28 35.24
CA ALA D 333 -16.60 8.43 35.81
C ALA D 333 -15.59 8.84 34.74
N TYR D 334 -15.68 8.22 33.57
CA TYR D 334 -14.78 8.58 32.46
C TYR D 334 -14.97 10.04 32.08
N ASP D 335 -16.24 10.47 31.95
CA ASP D 335 -16.58 11.84 31.62
C ASP D 335 -16.14 12.81 32.70
N ALA D 336 -16.14 12.37 33.96
CA ALA D 336 -15.61 13.21 35.02
C ALA D 336 -14.15 13.57 34.76
N CYS D 337 -13.34 12.61 34.31
CA CYS D 337 -11.94 12.92 34.00
C CYS D 337 -11.84 13.85 32.79
N VAL D 338 -12.59 13.54 31.72
CA VAL D 338 -12.58 14.41 30.55
C VAL D 338 -13.00 15.82 30.94
N LYS D 339 -14.05 15.95 31.76
CA LYS D 339 -14.48 17.26 32.23
C LYS D 339 -13.36 17.98 32.99
N ALA D 340 -12.67 17.28 33.90
CA ALA D 340 -11.61 17.92 34.66
C ALA D 340 -10.51 18.45 33.76
N LEU D 341 -10.18 17.70 32.72
CA LEU D 341 -9.17 18.17 31.78
C LEU D 341 -9.64 19.43 31.04
N VAL D 342 -10.92 19.51 30.68
CA VAL D 342 -11.47 20.71 30.06
C VAL D 342 -11.42 21.90 31.02
N SER D 343 -11.69 21.66 32.30
CA SER D 343 -11.62 22.75 33.27
C SER D 343 -10.20 23.31 33.36
N LEU D 344 -9.21 22.42 33.50
CA LEU D 344 -7.82 22.85 33.59
C LEU D 344 -7.43 23.70 32.38
N ARG D 345 -7.76 23.22 31.19
CA ARG D 345 -7.38 23.95 29.98
C ARG D 345 -8.13 25.28 29.87
N SER D 346 -9.40 25.29 30.30
CA SER D 346 -10.17 26.53 30.29
C SER D 346 -9.57 27.56 31.25
N TYR D 347 -9.29 27.14 32.49
CA TYR D 347 -8.60 28.03 33.42
C TYR D 347 -7.26 28.47 32.84
N HIS D 348 -6.52 27.53 32.25
CA HIS D 348 -5.23 27.85 31.64
C HIS D 348 -5.37 28.89 30.54
N LEU D 349 -6.52 28.93 29.87
CA LEU D 349 -6.82 29.97 28.89
C LEU D 349 -6.97 31.34 29.56
N GLN D 350 -7.68 31.40 30.69
CA GLN D 350 -7.76 32.66 31.44
C GLN D 350 -6.38 33.13 31.86
N ILE D 351 -5.57 32.22 32.40
CA ILE D 351 -4.20 32.56 32.78
C ILE D 351 -3.47 33.22 31.63
N VAL D 352 -3.51 32.58 30.45
CA VAL D 352 -2.80 33.12 29.28
C VAL D 352 -3.33 34.50 28.89
N THR D 353 -4.62 34.73 29.05
CA THR D 353 -5.16 36.06 28.78
C THR D 353 -4.61 37.08 29.77
N LYS D 354 -4.62 36.73 31.06
CA LYS D 354 -4.11 37.65 32.06
C LYS D 354 -2.62 37.92 31.87
N TYR D 355 -1.84 36.86 31.62
CA TYR D 355 -0.38 36.96 31.70
C TYR D 355 0.31 37.13 30.35
N ILE D 356 -0.42 37.06 29.24
CA ILE D 356 0.24 37.31 27.96
C ILE D 356 -0.59 38.24 27.11
N LEU D 357 -1.87 37.91 26.92
CA LEU D 357 -2.72 38.70 26.00
C LEU D 357 -2.87 40.15 26.43
N ILE D 358 -3.46 40.39 27.62
CA ILE D 358 -3.60 41.76 28.11
C ILE D 358 -2.27 42.50 28.09
N PRO D 359 -1.19 41.99 28.70
CA PRO D 359 0.08 42.76 28.70
C PRO D 359 0.67 42.97 27.33
N ALA D 360 0.35 42.11 26.36
CA ALA D 360 0.79 42.34 24.98
C ALA D 360 -0.04 43.43 24.31
N SER D 361 -1.35 43.45 24.57
CA SER D 361 -2.21 44.50 24.04
C SER D 361 -1.76 45.88 24.50
N GLN D 362 -1.21 45.98 25.71
CA GLN D 362 -0.68 47.23 26.27
C GLN D 362 0.75 47.51 25.83
N GLN D 363 1.21 46.92 24.72
CA GLN D 363 2.58 47.13 24.29
C GLN D 363 2.59 48.17 23.19
N PRO D 364 3.12 49.37 23.43
CA PRO D 364 3.27 50.45 22.44
C PRO D 364 4.60 50.38 21.68
N GLY D 383 -1.19 36.05 19.79
CA GLY D 383 -2.47 36.71 19.61
C GLY D 383 -3.56 35.74 19.19
N THR D 384 -4.21 36.03 18.05
CA THR D 384 -5.21 35.13 17.48
C THR D 384 -4.69 33.70 17.38
N ASP D 385 -3.40 33.56 17.06
CA ASP D 385 -2.83 32.29 16.65
C ASP D 385 -2.43 31.42 17.82
N LEU D 386 -1.99 32.01 18.93
CA LEU D 386 -1.74 31.23 20.14
C LEU D 386 -3.05 30.81 20.79
N MET D 387 -4.06 31.67 20.75
CA MET D 387 -5.32 31.36 21.39
C MET D 387 -6.11 30.33 20.61
N ASN D 388 -5.95 30.30 19.29
CA ASN D 388 -6.64 29.29 18.50
C ASN D 388 -6.02 27.91 18.70
N PHE D 389 -4.70 27.84 18.86
CA PHE D 389 -4.07 26.58 19.25
C PHE D 389 -4.67 26.08 20.55
N LEU D 390 -4.66 26.93 21.58
CA LEU D 390 -5.13 26.54 22.89
C LEU D 390 -6.61 26.22 22.87
N LYS D 391 -7.42 27.04 22.18
CA LYS D 391 -8.84 26.73 22.07
C LYS D 391 -9.07 25.45 21.30
N THR D 392 -8.29 25.20 20.24
CA THR D 392 -8.40 23.94 19.50
C THR D 392 -8.26 22.76 20.44
N VAL D 393 -7.18 22.73 21.24
CA VAL D 393 -6.89 21.58 22.09
C VAL D 393 -8.02 21.38 23.09
N ARG D 394 -8.54 22.48 23.65
CA ARG D 394 -9.63 22.35 24.61
C ARG D 394 -10.88 21.77 23.96
N SER D 395 -11.22 22.25 22.76
CA SER D 395 -12.39 21.74 22.04
C SER D 395 -12.22 20.27 21.66
N THR D 396 -11.03 19.88 21.20
CA THR D 396 -10.77 18.45 21.03
C THR D 396 -11.02 17.69 22.32
N THR D 397 -10.56 18.21 23.46
CA THR D 397 -10.86 17.56 24.73
C THR D 397 -12.37 17.53 24.97
N GLU D 398 -13.05 18.65 24.72
CA GLU D 398 -14.48 18.72 24.97
C GLU D 398 -15.27 17.70 24.16
N LYS D 399 -14.87 17.51 22.89
CA LYS D 399 -15.56 16.56 22.02
C LYS D 399 -15.47 15.13 22.53
N SER D 400 -14.45 14.82 23.33
CA SER D 400 -14.27 13.45 23.79
C SER D 400 -15.25 13.06 24.89
N LEU D 401 -16.09 13.98 25.37
CA LEU D 401 -17.12 13.63 26.33
C LEU D 401 -18.05 12.58 25.75
N LEU D 402 -18.33 11.54 26.54
CA LEU D 402 -19.13 10.40 26.10
C LEU D 402 -20.63 10.64 26.24
N LYS D 403 -21.04 11.29 27.32
CA LYS D 403 -22.44 11.50 27.70
C LYS D 403 -23.23 10.20 27.72
N GLU D 404 -24.00 9.91 26.67
CA GLU D 404 -24.94 8.79 26.69
C GLU D 404 -24.46 7.58 25.91
N GLY D 405 -23.31 7.65 25.24
CA GLY D 405 -22.82 6.56 24.43
C GLY D 405 -23.52 6.41 23.08
CHA HEM E . 2.56 -20.20 -26.43
CHB HEM E . 1.49 -24.88 -25.88
CHC HEM E . 2.55 -25.64 -30.54
CHD HEM E . 3.13 -20.89 -31.25
C1A HEM E . 2.19 -21.39 -25.83
C2A HEM E . 1.84 -21.61 -24.43
C3A HEM E . 1.55 -22.91 -24.30
C4A HEM E . 1.70 -23.54 -25.59
CMA HEM E . 1.11 -23.60 -22.99
CAA HEM E . 1.81 -20.57 -23.30
CBA HEM E . 3.26 -20.25 -22.94
CGA HEM E . 3.78 -21.25 -21.93
O1A HEM E . 2.98 -21.78 -21.12
O2A HEM E . 5.01 -21.55 -21.92
C1B HEM E . 1.67 -25.52 -27.10
C2B HEM E . 1.43 -26.91 -27.39
C3B HEM E . 1.73 -27.11 -28.67
C4B HEM E . 2.16 -25.86 -29.25
CMB HEM E . 0.92 -27.99 -26.41
CAB HEM E . 1.60 -28.48 -29.38
CBB HEM E . 1.91 -28.64 -30.67
C1C HEM E . 2.82 -24.44 -31.15
C2C HEM E . 3.25 -24.27 -32.51
C3C HEM E . 3.43 -22.96 -32.72
C4C HEM E . 3.11 -22.25 -31.50
CMC HEM E . 3.48 -25.38 -33.56
CAC HEM E . 3.89 -22.42 -34.09
CBC HEM E . 4.40 -21.20 -34.22
C1D HEM E . 2.97 -20.28 -30.02
C2D HEM E . 2.95 -18.86 -29.73
C3D HEM E . 2.79 -18.69 -28.41
C4D HEM E . 2.70 -19.98 -27.79
CMD HEM E . 3.09 -17.76 -30.81
CAD HEM E . 2.71 -17.36 -27.60
CBD HEM E . 1.24 -17.03 -27.36
CGD HEM E . 0.76 -16.43 -28.64
O1D HEM E . 1.24 -15.31 -28.97
O2D HEM E . -0.07 -17.09 -29.31
NA HEM E . 2.10 -22.58 -26.50
NB HEM E . 2.12 -24.90 -28.27
NC HEM E . 2.75 -23.20 -30.57
ND HEM E . 2.82 -20.92 -28.79
FE HEM E . 2.51 -22.82 -28.58
C1 GOL F . 6.05 -31.40 -43.97
O1 GOL F . 7.42 -31.32 -43.67
C2 GOL F . 5.80 -30.58 -45.28
O2 GOL F . 5.86 -31.39 -46.45
C3 GOL F . 4.40 -29.89 -45.07
O3 GOL F . 3.45 -30.91 -44.80
C1 GOL G . -30.26 -20.76 -46.92
O1 GOL G . -29.94 -20.07 -45.73
C2 GOL G . -29.26 -20.30 -48.04
O2 GOL G . -28.40 -19.27 -47.67
C3 GOL G . -28.51 -21.59 -48.51
O3 GOL G . -28.96 -21.87 -49.84
C1 GOL H . -7.44 -35.64 -12.86
O1 GOL H . -7.47 -36.72 -13.76
C2 GOL H . -8.94 -35.28 -12.46
O2 GOL H . -9.90 -36.26 -12.82
C3 GOL H . -8.88 -35.02 -10.92
O3 GOL H . -10.04 -35.58 -10.35
C1 GOL I . -16.74 -19.42 -14.57
O1 GOL I . -17.36 -18.96 -15.75
C2 GOL I . -16.29 -20.91 -14.83
O2 GOL I . -14.93 -21.14 -14.59
C3 GOL I . -17.23 -21.77 -13.95
O3 GOL I . -18.36 -22.06 -14.73
C KYN J . -13.03 -35.44 -42.37
N KYN J . -11.39 -35.70 -44.19
OXT KYN J . -14.09 -34.85 -42.05
C1 KYN J . -11.52 -32.32 -43.74
N1 KYN J . -9.70 -30.81 -45.39
O2 KYN J . -10.46 -32.41 -43.20
CA KYN J . -11.94 -34.76 -43.21
CB KYN J . -12.48 -33.52 -43.91
CG KYN J . -11.01 -30.26 -45.08
CZ KYN J . -13.51 -29.20 -44.46
CD1 KYN J . -11.37 -29.01 -45.57
CD2 KYN J . -11.91 -30.96 -44.28
CE1 KYN J . -12.62 -28.49 -45.25
CE2 KYN J . -13.16 -30.44 -43.99
O KYN J . -12.89 -36.63 -41.99
C1 GOL K . 2.50 -12.51 -25.54
O1 GOL K . 3.00 -13.12 -26.71
C2 GOL K . 2.88 -11.00 -25.64
O2 GOL K . 3.57 -10.72 -26.82
C3 GOL K . 1.52 -10.24 -25.57
O3 GOL K . 0.71 -10.79 -26.56
CHA HEM L . 20.27 -2.59 0.51
CHB HEM L . 23.14 0.39 -2.05
CHC HEM L . 26.41 -3.19 -2.33
CHD HEM L . 23.80 -5.99 0.68
C1A HEM L . 20.74 -1.48 -0.16
C2A HEM L . 20.07 -0.20 -0.32
C3A HEM L . 20.87 0.61 -1.02
C4A HEM L . 22.08 -0.12 -1.34
CMA HEM L . 20.62 2.07 -1.44
CAA HEM L . 18.67 0.17 0.24
CBA HEM L . 17.61 -0.39 -0.71
CGA HEM L . 17.46 0.57 -1.87
O1A HEM L . 17.59 1.81 -1.64
O2A HEM L . 17.22 0.11 -3.00
C1B HEM L . 24.31 -0.29 -2.34
C2B HEM L . 25.47 0.22 -3.03
C3B HEM L . 26.36 -0.78 -3.10
C4B HEM L . 25.80 -1.95 -2.46
CMB HEM L . 25.68 1.65 -3.60
CAB HEM L . 27.74 -0.65 -3.77
CBB HEM L . 28.54 -1.70 -3.95
C1C HEM L . 25.99 -4.25 -1.57
C2C HEM L . 26.66 -5.53 -1.48
C3C HEM L . 25.96 -6.31 -0.66
C4C HEM L . 24.80 -5.57 -0.18
CMC HEM L . 27.98 -5.98 -2.17
CAC HEM L . 26.40 -7.73 -0.34
CBC HEM L . 25.65 -8.51 0.45
C1D HEM L . 22.62 -5.32 0.93
C2D HEM L . 21.53 -5.73 1.79
C3D HEM L . 20.57 -4.80 1.74
C4D HEM L . 20.99 -3.74 0.84
CMD HEM L . 21.48 -7.04 2.63
CAD HEM L . 19.21 -4.80 2.49
CBD HEM L . 19.30 -3.78 3.61
CGD HEM L . 20.32 -4.21 4.61
O1D HEM L . 20.06 -5.23 5.32
O2D HEM L . 21.41 -3.56 4.70
NA HEM L . 21.96 -1.39 -0.80
NB HEM L . 24.55 -1.62 -2.01
NC HEM L . 24.86 -4.32 -0.76
ND HEM L . 22.25 -4.11 0.37
FE HEM L . 23.37 -2.99 -0.79
C KYN M . 22.33 -10.33 7.00
N KYN M . 23.85 -9.06 5.56
OXT KYN M . 22.67 -11.35 6.33
C1 KYN M . 22.52 -6.48 6.83
N1 KYN M . 23.62 -5.48 4.29
N1 KYN M . 24.80 -5.86 8.64
O2 KYN M . 21.84 -5.67 7.39
CA KYN M . 22.97 -8.96 6.71
CB KYN M . 21.94 -7.85 6.46
CG KYN M . 24.50 -5.77 5.40
CG KYN M . 24.95 -5.76 7.20
CZ KYN M . 26.25 -6.28 7.49
CZ KYN M . 25.30 -5.57 4.43
CD1 KYN M . 25.87 -5.57 5.24
CD1 KYN M . 26.17 -5.37 6.68
CD2 KYN M . 24.01 -6.22 6.61
CD2 KYN M . 23.90 -6.05 6.33
CE1 KYN M . 26.75 -5.82 6.28
CE1 KYN M . 26.34 -5.29 5.30
CE2 KYN M . 24.90 -6.48 7.66
CE2 KYN M . 24.08 -5.95 4.95
O KYN M . 21.47 -10.45 7.92
C KYN N . 40.72 -8.25 -1.01
N KYN N . 40.85 -10.57 -0.30
OXT KYN N . 39.62 -7.60 -1.03
C1 KYN N . 39.98 -11.51 -3.11
N1 KYN N . 39.14 -14.17 -2.71
O2 KYN N . 40.99 -12.11 -2.88
CA KYN N . 40.84 -9.72 -1.49
CB KYN N . 39.71 -10.14 -2.45
CG KYN N . 38.59 -13.46 -3.86
CZ KYN N . 37.57 -12.09 -6.07
CD1 KYN N . 37.68 -14.07 -4.73
CD2 KYN N . 38.98 -12.16 -4.09
CE1 KYN N . 37.17 -13.39 -5.82
CE2 KYN N . 38.48 -11.49 -5.19
O KYN N . 41.77 -7.68 -0.59
C1 GOL O . 21.56 -4.94 12.62
O1 GOL O . 21.00 -5.42 13.83
C2 GOL O . 21.89 -6.18 11.68
O2 GOL O . 22.82 -5.87 10.69
C3 GOL O . 22.36 -7.38 12.58
O3 GOL O . 22.26 -8.57 11.79
C KYN P . 28.10 8.38 34.72
N KYN P . 26.32 7.08 35.81
OXT KYN P . 27.53 9.48 34.91
C1 KYN P . 25.16 7.05 33.40
N1 KYN P . 26.41 9.68 32.37
O2 KYN P . 24.53 6.33 34.09
CA KYN P . 27.32 7.07 34.74
CB KYN P . 26.66 6.83 33.38
CG KYN P . 25.01 9.34 32.15
CZ KYN P . 22.30 8.86 31.64
CD1 KYN P . 24.22 10.26 31.46
CD2 KYN P . 24.43 8.15 32.60
CE1 KYN P . 22.88 10.03 31.20
CE2 KYN P . 23.08 7.94 32.35
O KYN P . 29.34 8.37 34.49
O1 OXY Q . 24.43 -2.86 1.42
O2 OXY Q . 25.13 -3.43 2.17
C1 GOL R . 13.67 -7.29 6.66
O1 GOL R . 13.38 -6.66 7.88
C2 GOL R . 14.14 -6.18 5.67
O2 GOL R . 13.91 -4.88 6.12
C3 GOL R . 15.63 -6.44 5.43
O3 GOL R . 16.13 -5.26 4.87
CHA HEM S . -25.42 -1.39 0.61
CHB HEM S . -27.10 2.44 -1.80
CHC HEM S . -31.49 1.97 0.36
CHD HEM S . -29.90 -2.14 2.41
C1A HEM S . -25.47 -0.29 -0.22
C2A HEM S . -24.39 0.23 -1.03
C3A HEM S . -24.85 1.30 -1.69
C4A HEM S . -26.25 1.47 -1.33
CMA HEM S . -24.04 2.16 -2.67
CAA HEM S . -22.94 -0.30 -1.10
CBA HEM S . -22.23 0.13 0.18
CGA HEM S . -21.65 1.53 0.08
O1A HEM S . -21.15 1.87 -1.02
O2A HEM S . -21.65 2.28 1.10
C1B HEM S . -28.44 2.63 -1.46
C2B HEM S . -29.32 3.64 -2.02
C3B HEM S . -30.50 3.51 -1.42
C4B HEM S . -30.46 2.41 -0.46
CMB HEM S . -29.00 4.70 -3.10
CAB HEM S . -31.68 4.42 -1.77
CBB HEM S . -32.78 4.40 -1.02
C1C HEM S . -31.49 0.83 1.14
C2C HEM S . -32.56 0.30 1.99
C3C HEM S . -32.10 -0.82 2.55
C4C HEM S . -30.74 -1.07 2.11
CMC HEM S . -33.99 0.83 2.27
CAC HEM S . -32.96 -1.66 3.49
CBC HEM S . -32.39 -2.52 4.30
C1D HEM S . -28.57 -2.29 2.08
C2D HEM S . -27.71 -3.38 2.52
C3D HEM S . -26.47 -3.16 2.03
C4D HEM S . -26.51 -1.94 1.26
CMD HEM S . -28.15 -4.56 3.40
CAD HEM S . -25.22 -4.05 2.23
CBD HEM S . -24.93 -4.81 0.94
CGD HEM S . -25.98 -5.90 0.87
O1D HEM S . -26.07 -6.70 1.85
O2D HEM S . -26.71 -5.94 -0.15
NA HEM S . -26.59 0.48 -0.42
NB HEM S . -29.16 1.90 -0.52
NC HEM S . -30.41 -0.03 1.26
ND HEM S . -27.80 -1.44 1.30
FE HEM S . -28.48 0.16 0.39
C1 GOL T . -47.71 5.28 -0.13
O1 GOL T . -46.60 5.87 0.51
C2 GOL T . -47.25 4.86 -1.58
O2 GOL T . -46.84 3.51 -1.63
C3 GOL T . -48.44 5.16 -2.54
O3 GOL T . -48.97 6.43 -2.19
C1 GOL U . -45.98 3.25 6.03
O1 GOL U . -44.69 3.84 6.20
C2 GOL U . -46.16 2.90 4.51
O2 GOL U . -45.99 1.55 4.28
C3 GOL U . -47.62 3.35 4.13
O3 GOL U . -47.96 2.62 2.97
O1 OXY V . -29.66 -6.40 -1.62
O2 OXY V . -30.64 -6.97 -1.32
C1 GOL W . -22.03 13.13 -19.22
O1 GOL W . -23.19 12.48 -19.70
C2 GOL W . -21.09 12.05 -18.55
O2 GOL W . -20.15 11.54 -19.46
C3 GOL W . -20.40 12.76 -17.32
O3 GOL W . -21.37 12.95 -16.32
C1 GOL X . -50.90 -4.47 -27.66
O1 GOL X . -51.44 -5.09 -26.53
C2 GOL X . -52.05 -4.23 -28.54
O2 GOL X . -52.47 -2.93 -28.37
C3 GOL X . -51.53 -4.39 -29.94
O3 GOL X . -52.04 -3.22 -30.53
CHA HEM Y . 0.56 25.80 26.60
CHB HEM Y . 0.57 23.55 30.92
CHC HEM Y . 1.07 27.81 33.27
CHD HEM Y . 1.50 29.99 28.97
C1A HEM Y . 0.49 24.80 27.57
C2A HEM Y . 0.32 23.37 27.34
C3A HEM Y . 0.33 22.77 28.54
C4A HEM Y . 0.50 23.77 29.56
CMA HEM Y . 0.18 21.24 28.79
CAA HEM Y . 0.14 22.68 25.96
CBA HEM Y . -1.30 22.95 25.49
CGA HEM Y . -2.26 21.98 26.15
O1A HEM Y . -1.90 20.78 26.27
O2A HEM Y . -3.39 22.38 26.56
C1B HEM Y . 0.73 24.48 31.93
C2B HEM Y . 0.89 24.19 33.35
C3B HEM Y . 1.02 25.35 33.97
C4B HEM Y . 0.97 26.45 33.01
CMB HEM Y . 0.88 22.82 34.06
CAB HEM Y . 1.19 25.47 35.49
CBB HEM Y . 0.97 26.64 36.09
C1C HEM Y . 1.22 28.81 32.34
C2C HEM Y . 1.34 30.24 32.57
C3C HEM Y . 1.44 30.83 31.38
C4C HEM Y . 1.40 29.82 30.33
CMC HEM Y . 1.34 31.02 33.92
CAC HEM Y . 1.60 32.34 31.21
CBC HEM Y . 1.37 32.90 30.03
C1D HEM Y . 1.27 29.06 27.96
C2D HEM Y . 1.24 29.34 26.54
C3D HEM Y . 0.98 28.21 25.88
C4D HEM Y . 0.83 27.14 26.86
CMD HEM Y . 1.47 30.71 25.91
CAD HEM Y . 0.85 28.07 24.35
CBD HEM Y . 1.95 27.17 23.79
CGD HEM Y . 3.28 27.81 24.03
O1D HEM Y . 3.54 28.90 23.46
O2D HEM Y . 4.10 27.23 24.79
NA HEM Y . 0.61 25.00 28.93
NB HEM Y . 0.80 25.85 31.77
NC HEM Y . 1.25 28.61 30.98
ND HEM Y . 1.02 27.72 28.12
FE HEM Y . 1.03 26.84 29.92
C1 GOL Z . 27.03 31.99 46.47
O1 GOL Z . 27.86 31.70 45.32
C2 GOL Z . 27.76 33.02 47.47
O2 GOL Z . 27.75 34.34 47.00
C3 GOL Z . 26.99 32.89 48.85
O3 GOL Z . 25.81 33.66 48.74
C1 GOL AA . 0.97 2.70 33.74
O1 GOL AA . 0.52 1.41 33.42
C2 GOL AA . 2.53 2.72 33.46
O2 GOL AA . 3.30 2.67 34.64
C3 GOL AA . 2.79 1.54 32.46
O3 GOL AA . 2.18 1.91 31.25
C1 GOL BA . 15.35 18.23 18.06
O1 GOL BA . 15.50 17.36 19.17
C2 GOL BA . 13.86 18.74 18.03
O2 GOL BA . 13.32 18.84 19.30
C3 GOL BA . 13.87 20.13 17.30
O3 GOL BA . 12.75 20.86 17.77
C1 GOL CA . 31.91 23.55 49.75
O1 GOL CA . 32.13 23.91 48.41
C2 GOL CA . 32.52 22.14 49.98
O2 GOL CA . 33.82 22.03 49.50
C3 GOL CA . 32.43 21.93 51.51
O3 GOL CA . 33.61 21.30 51.97
#